data_8VR2
#
_entry.id   8VR2
#
_cell.length_a   63.579
_cell.length_b   114.849
_cell.length_c   206.045
_cell.angle_alpha   90.00
_cell.angle_beta   90.00
_cell.angle_gamma   90.00
#
_symmetry.space_group_name_H-M   'P 21 21 21'
#
loop_
_entity.id
_entity.type
_entity.pdbx_description
1 polymer 'NAD-dependent epimerase/dehydratase'
2 non-polymer NICOTINAMIDE-ADENINE-DINUCLEOTIDE
3 non-polymer "URIDINE-5'-DIPHOSPHATE"
4 non-polymer 'SODIUM ION'
5 non-polymer '2-(N-MORPHOLINO)-ETHANESULFONIC ACID'
6 water water
#
_entity_poly.entity_id   1
_entity_poly.type   'polypeptide(L)'
_entity_poly.pdbx_seq_one_letter_code
;GHMIELTGKKIFITGGAGFIGSTLIGRLIENNEMIVYDNLERNTLKSQPFANHKNLTLIQGNVLDQEKIIEAAKGSEIFI
HAAAIAGIDNTVKSPVRTMTVNMIGTANALEAAHQAGTVQRFLEFSTSEVFGSRAYRVDELNSTTTGAVGEARWTYAVSK
LAGEHLTHAYNREHGLPTVTFRPFNVYGPGQIGEGAISIMIRKALNNEDIYIFGDGSQIRAWCYVDDMIDALMKALSVPQ
AIGESFNIGNARAITTIYGLAQTICRVLNSKSEIIFREALSADIELRIPNVDKSEELLGFKAQVDLEEGLIRTADWLSAN
MNDLPVMPDMFLKEK
;
_entity_poly.pdbx_strand_id   A,B,C,D
#
loop_
_chem_comp.id
_chem_comp.type
_chem_comp.name
_chem_comp.formula
MES non-polymer '2-(N-MORPHOLINO)-ETHANESULFONIC ACID' 'C6 H13 N O4 S'
NA non-polymer 'SODIUM ION' 'Na 1'
NAD non-polymer NICOTINAMIDE-ADENINE-DINUCLEOTIDE 'C21 H27 N7 O14 P2'
UDP RNA linking URIDINE-5'-DIPHOSPHATE 'C9 H14 N2 O12 P2'
#
# COMPACT_ATOMS: atom_id res chain seq x y z
N HIS A 2 -36.04 -18.98 -3.50
CA HIS A 2 -34.82 -18.45 -4.17
C HIS A 2 -33.64 -19.41 -3.92
N MET A 3 -33.68 -20.14 -2.81
CA MET A 3 -32.85 -21.31 -2.62
C MET A 3 -33.06 -22.26 -3.80
N ILE A 4 -31.99 -22.67 -4.48
CA ILE A 4 -32.09 -23.53 -5.65
C ILE A 4 -31.88 -24.98 -5.21
N GLU A 5 -32.77 -25.89 -5.65
CA GLU A 5 -32.61 -27.30 -5.35
C GLU A 5 -31.90 -27.95 -6.53
N LEU A 6 -30.79 -28.65 -6.25
CA LEU A 6 -29.88 -29.11 -7.30
C LEU A 6 -30.27 -30.49 -7.84
N THR A 7 -31.58 -30.64 -8.10
CA THR A 7 -32.17 -31.78 -8.79
C THR A 7 -33.09 -31.26 -9.87
N GLY A 8 -33.24 -32.06 -10.92
CA GLY A 8 -34.12 -31.72 -12.03
C GLY A 8 -33.71 -30.45 -12.76
N LYS A 9 -32.42 -30.08 -12.73
CA LYS A 9 -31.98 -28.86 -13.41
C LYS A 9 -31.25 -29.18 -14.70
N LYS A 10 -31.27 -28.19 -15.61
CA LYS A 10 -30.45 -28.26 -16.81
C LYS A 10 -29.16 -27.48 -16.55
N ILE A 11 -28.03 -28.21 -16.45
CA ILE A 11 -26.78 -27.67 -15.96
C ILE A 11 -25.82 -27.69 -17.14
N PHE A 12 -25.23 -26.52 -17.45
CA PHE A 12 -24.28 -26.39 -18.54
C PHE A 12 -22.94 -26.07 -17.92
N ILE A 13 -21.93 -26.89 -18.21
CA ILE A 13 -20.60 -26.72 -17.61
C ILE A 13 -19.57 -26.61 -18.72
N THR A 14 -18.94 -25.43 -18.83
CA THR A 14 -17.75 -25.32 -19.66
C THR A 14 -16.63 -25.94 -18.86
N GLY A 15 -15.67 -26.57 -19.54
CA GLY A 15 -14.53 -27.14 -18.86
C GLY A 15 -14.91 -28.36 -18.02
N GLY A 16 -16.12 -28.90 -18.24
CA GLY A 16 -16.66 -29.99 -17.45
C GLY A 16 -15.88 -31.30 -17.59
N ALA A 17 -14.92 -31.37 -18.52
CA ALA A 17 -14.17 -32.60 -18.77
C ALA A 17 -12.91 -32.68 -17.93
N GLY A 18 -12.57 -31.59 -17.22
CA GLY A 18 -11.38 -31.62 -16.39
C GLY A 18 -11.66 -32.14 -15.00
N PHE A 19 -10.74 -31.84 -14.09
CA PHE A 19 -10.73 -32.40 -12.76
C PHE A 19 -11.98 -31.98 -12.00
N ILE A 20 -12.18 -30.65 -11.86
CA ILE A 20 -13.21 -30.20 -10.94
C ILE A 20 -14.56 -30.47 -11.58
N GLY A 21 -14.64 -30.25 -12.90
CA GLY A 21 -15.86 -30.53 -13.64
C GLY A 21 -16.30 -32.00 -13.57
N SER A 22 -15.37 -32.95 -13.77
CA SER A 22 -15.66 -34.37 -13.66
C SER A 22 -16.22 -34.68 -12.27
N THR A 23 -15.54 -34.13 -11.25
CA THR A 23 -15.85 -34.40 -9.87
C THR A 23 -17.29 -33.94 -9.63
N LEU A 24 -17.63 -32.72 -10.11
CA LEU A 24 -18.95 -32.18 -9.84
C LEU A 24 -20.00 -33.00 -10.59
N ILE A 25 -19.70 -33.35 -11.84
CA ILE A 25 -20.61 -34.15 -12.63
C ILE A 25 -20.94 -35.44 -11.89
N GLY A 26 -19.93 -36.10 -11.32
CA GLY A 26 -20.14 -37.30 -10.53
C GLY A 26 -21.16 -37.12 -9.42
N ARG A 27 -21.20 -35.94 -8.79
CA ARG A 27 -22.12 -35.71 -7.70
C ARG A 27 -23.52 -35.35 -8.20
N LEU A 28 -23.66 -34.83 -9.43
CA LEU A 28 -24.93 -34.25 -9.87
C LEU A 28 -25.58 -35.05 -11.00
N ILE A 29 -24.85 -35.96 -11.63
CA ILE A 29 -25.28 -36.56 -12.89
C ILE A 29 -26.50 -37.46 -12.69
N GLU A 30 -26.64 -38.12 -11.53
CA GLU A 30 -27.76 -39.01 -11.26
C GLU A 30 -29.10 -38.27 -11.36
N ASN A 31 -29.11 -36.97 -11.02
CA ASN A 31 -30.36 -36.26 -10.74
C ASN A 31 -30.54 -35.00 -11.59
N ASN A 32 -29.65 -34.77 -12.58
CA ASN A 32 -29.74 -33.60 -13.43
C ASN A 32 -29.31 -33.92 -14.85
N GLU A 33 -29.87 -33.17 -15.81
CA GLU A 33 -29.41 -33.18 -17.20
C GLU A 33 -28.18 -32.27 -17.28
N MET A 34 -27.07 -32.78 -17.79
CA MET A 34 -25.81 -32.05 -17.73
C MET A 34 -25.18 -32.04 -19.11
N ILE A 35 -24.70 -30.84 -19.49
CA ILE A 35 -24.05 -30.59 -20.77
C ILE A 35 -22.64 -30.10 -20.49
N VAL A 36 -21.66 -30.81 -21.03
CA VAL A 36 -20.26 -30.46 -20.87
C VAL A 36 -19.85 -29.78 -22.17
N TYR A 37 -19.26 -28.58 -22.05
CA TYR A 37 -18.78 -27.83 -23.20
C TYR A 37 -17.27 -27.67 -23.02
N ASP A 38 -16.51 -28.46 -23.76
CA ASP A 38 -15.09 -28.58 -23.51
C ASP A 38 -14.40 -28.90 -24.82
N ASN A 39 -13.18 -28.40 -25.00
CA ASN A 39 -12.48 -28.67 -26.24
C ASN A 39 -11.56 -29.89 -26.06
N LEU A 40 -11.52 -30.42 -24.83
CA LEU A 40 -10.79 -31.65 -24.50
C LEU A 40 -9.29 -31.42 -24.56
N GLU A 41 -8.81 -30.22 -24.19
CA GLU A 41 -7.40 -30.05 -23.89
C GLU A 41 -7.03 -31.02 -22.77
N ARG A 42 -7.95 -31.18 -21.80
CA ARG A 42 -7.89 -32.22 -20.80
C ARG A 42 -9.14 -33.08 -20.91
N ASN A 43 -9.06 -34.29 -20.36
CA ASN A 43 -10.19 -35.18 -20.43
C ASN A 43 -10.06 -36.22 -19.32
N THR A 44 -10.25 -35.79 -18.07
CA THR A 44 -10.50 -36.66 -16.93
C THR A 44 -11.82 -37.41 -17.11
N LEU A 45 -12.82 -36.74 -17.68
CA LEU A 45 -14.17 -37.26 -17.70
C LEU A 45 -14.21 -38.61 -18.42
N LYS A 46 -13.43 -38.77 -19.49
CA LYS A 46 -13.56 -40.00 -20.28
C LYS A 46 -13.08 -41.20 -19.45
N SER A 47 -12.38 -40.98 -18.34
CA SER A 47 -11.90 -42.09 -17.52
C SER A 47 -12.91 -42.49 -16.46
N GLN A 48 -14.05 -41.80 -16.36
CA GLN A 48 -14.97 -42.00 -15.24
C GLN A 48 -16.10 -42.93 -15.62
N PRO A 49 -16.63 -43.71 -14.66
CA PRO A 49 -17.70 -44.65 -14.98
C PRO A 49 -18.95 -44.01 -15.55
N PHE A 50 -19.18 -42.72 -15.24
CA PHE A 50 -20.34 -41.98 -15.71
C PHE A 50 -20.05 -41.20 -17.00
N ALA A 51 -18.88 -41.40 -17.63
CA ALA A 51 -18.57 -40.74 -18.91
C ALA A 51 -19.67 -40.93 -19.97
N ASN A 52 -20.38 -42.07 -19.93
CA ASN A 52 -21.38 -42.38 -20.94
C ASN A 52 -22.78 -42.41 -20.33
N HIS A 53 -22.99 -41.70 -19.21
CA HIS A 53 -24.29 -41.62 -18.55
C HIS A 53 -25.36 -41.01 -19.46
N LYS A 54 -26.59 -41.53 -19.33
CA LYS A 54 -27.70 -41.07 -20.16
C LYS A 54 -27.98 -39.58 -19.95
N ASN A 55 -27.67 -39.03 -18.76
CA ASN A 55 -27.95 -37.62 -18.47
C ASN A 55 -26.84 -36.68 -18.93
N LEU A 56 -25.78 -37.22 -19.52
CA LEU A 56 -24.62 -36.43 -19.93
C LEU A 56 -24.57 -36.32 -21.45
N THR A 57 -24.47 -35.07 -21.92
CA THR A 57 -24.18 -34.75 -23.31
C THR A 57 -22.84 -34.02 -23.35
N LEU A 58 -21.88 -34.50 -24.17
CA LEU A 58 -20.61 -33.82 -24.38
C LEU A 58 -20.65 -33.05 -25.70
N ILE A 59 -20.48 -31.72 -25.63
CA ILE A 59 -20.26 -30.91 -26.83
C ILE A 59 -18.79 -30.54 -26.89
N GLN A 60 -18.11 -30.96 -27.95
CA GLN A 60 -16.71 -30.64 -28.10
C GLN A 60 -16.59 -29.27 -28.75
N GLY A 61 -16.21 -28.27 -27.95
CA GLY A 61 -16.27 -26.88 -28.39
C GLY A 61 -15.28 -25.97 -27.65
N ASN A 62 -14.98 -24.81 -28.25
CA ASN A 62 -14.04 -23.86 -27.69
C ASN A 62 -14.83 -22.69 -27.11
N VAL A 63 -14.45 -22.21 -25.92
CA VAL A 63 -15.15 -21.07 -25.36
C VAL A 63 -14.79 -19.80 -26.16
N LEU A 64 -13.79 -19.87 -27.07
CA LEU A 64 -13.52 -18.77 -28.00
C LEU A 64 -14.48 -18.75 -29.20
N ASP A 65 -15.34 -19.75 -29.37
CA ASP A 65 -16.32 -19.75 -30.43
C ASP A 65 -17.63 -19.19 -29.89
N GLN A 66 -17.83 -17.87 -30.08
CA GLN A 66 -18.87 -17.14 -29.37
C GLN A 66 -20.24 -17.67 -29.78
N GLU A 67 -20.44 -17.93 -31.09
CA GLU A 67 -21.74 -18.31 -31.60
C GLU A 67 -22.11 -19.72 -31.13
N LYS A 68 -21.10 -20.60 -31.05
CA LYS A 68 -21.35 -21.99 -30.68
C LYS A 68 -21.75 -22.07 -29.21
N ILE A 69 -20.97 -21.40 -28.36
CA ILE A 69 -21.26 -21.49 -26.94
C ILE A 69 -22.63 -20.87 -26.64
N ILE A 70 -22.98 -19.77 -27.31
CA ILE A 70 -24.29 -19.15 -27.16
C ILE A 70 -25.42 -20.15 -27.49
N GLU A 71 -25.29 -20.84 -28.63
CA GLU A 71 -26.26 -21.84 -29.03
C GLU A 71 -26.31 -22.96 -27.98
N ALA A 72 -25.13 -23.50 -27.62
CA ALA A 72 -25.07 -24.68 -26.77
C ALA A 72 -25.67 -24.42 -25.39
N ALA A 73 -25.66 -23.17 -24.91
CA ALA A 73 -26.02 -22.89 -23.53
C ALA A 73 -27.49 -22.54 -23.42
N LYS A 74 -28.21 -22.64 -24.54
CA LYS A 74 -29.61 -22.29 -24.60
C LYS A 74 -30.42 -23.16 -23.64
N GLY A 75 -31.29 -22.49 -22.89
CA GLY A 75 -32.13 -23.13 -21.89
C GLY A 75 -31.44 -23.48 -20.56
N SER A 76 -30.16 -23.13 -20.38
CA SER A 76 -29.43 -23.60 -19.21
C SER A 76 -29.94 -22.88 -17.96
N GLU A 77 -30.11 -23.65 -16.85
CA GLU A 77 -30.62 -23.11 -15.62
C GLU A 77 -29.49 -22.85 -14.63
N ILE A 78 -28.46 -23.70 -14.67
CA ILE A 78 -27.23 -23.51 -13.89
C ILE A 78 -26.09 -23.51 -14.89
N PHE A 79 -25.27 -22.45 -14.86
CA PHE A 79 -24.16 -22.30 -15.78
C PHE A 79 -22.88 -22.26 -14.96
N ILE A 80 -22.03 -23.26 -15.15
CA ILE A 80 -20.77 -23.34 -14.42
C ILE A 80 -19.66 -23.13 -15.44
N HIS A 81 -18.88 -22.07 -15.22
CA HIS A 81 -17.85 -21.73 -16.17
C HIS A 81 -16.51 -22.16 -15.59
N ALA A 82 -16.06 -23.35 -16.01
CA ALA A 82 -14.83 -23.89 -15.49
C ALA A 82 -13.74 -23.93 -16.57
N ALA A 83 -14.09 -23.69 -17.84
CA ALA A 83 -13.13 -23.74 -18.91
C ALA A 83 -12.06 -22.68 -18.68
N ALA A 84 -10.83 -23.14 -18.71
CA ALA A 84 -9.68 -22.28 -18.53
C ALA A 84 -8.44 -23.06 -18.94
N ILE A 85 -7.44 -22.31 -19.38
CA ILE A 85 -6.08 -22.80 -19.40
C ILE A 85 -5.55 -22.57 -17.99
N ALA A 86 -5.33 -23.69 -17.32
CA ALA A 86 -5.02 -23.73 -15.91
C ALA A 86 -4.11 -24.94 -15.69
N GLY A 87 -3.38 -24.93 -14.58
CA GLY A 87 -2.28 -25.84 -14.37
C GLY A 87 -1.07 -25.37 -15.19
N ILE A 88 0.10 -25.31 -14.53
CA ILE A 88 1.29 -24.78 -15.17
C ILE A 88 1.62 -25.57 -16.44
N ASP A 89 1.26 -26.87 -16.51
CA ASP A 89 1.47 -27.67 -17.72
C ASP A 89 0.81 -26.99 -18.95
N ASN A 90 -0.38 -26.41 -18.76
CA ASN A 90 -1.14 -25.79 -19.83
C ASN A 90 -0.78 -24.31 -20.00
N THR A 91 -0.56 -23.59 -18.88
CA THR A 91 -0.48 -22.14 -18.90
C THR A 91 0.89 -21.70 -19.41
N VAL A 92 1.93 -22.52 -19.18
CA VAL A 92 3.29 -22.14 -19.53
C VAL A 92 3.42 -22.09 -21.06
N LYS A 93 2.45 -22.70 -21.76
CA LYS A 93 2.59 -22.91 -23.19
C LYS A 93 2.53 -21.57 -23.92
N SER A 94 1.68 -20.65 -23.44
CA SER A 94 1.44 -19.44 -24.22
C SER A 94 0.69 -18.43 -23.37
N PRO A 95 1.38 -17.39 -22.86
CA PRO A 95 0.70 -16.23 -22.26
C PRO A 95 -0.50 -15.74 -23.09
N VAL A 96 -0.34 -15.65 -24.43
CA VAL A 96 -1.44 -15.16 -25.25
C VAL A 96 -2.65 -16.09 -25.14
N ARG A 97 -2.42 -17.40 -25.18
CA ARG A 97 -3.55 -18.34 -25.19
C ARG A 97 -4.20 -18.36 -23.81
N THR A 98 -3.39 -18.36 -22.76
CA THR A 98 -3.87 -18.25 -21.40
C THR A 98 -4.77 -17.02 -21.21
N MET A 99 -4.25 -15.85 -21.62
CA MET A 99 -4.93 -14.59 -21.37
C MET A 99 -6.22 -14.57 -22.16
N THR A 100 -6.15 -15.08 -23.39
CA THR A 100 -7.23 -15.05 -24.34
C THR A 100 -8.33 -16.04 -23.93
N VAL A 101 -7.96 -17.30 -23.63
CA VAL A 101 -8.98 -18.27 -23.28
C VAL A 101 -9.65 -17.86 -21.96
N ASN A 102 -8.86 -17.40 -20.99
CA ASN A 102 -9.41 -17.11 -19.68
C ASN A 102 -10.26 -15.84 -19.75
N MET A 103 -9.77 -14.78 -20.39
CA MET A 103 -10.51 -13.53 -20.35
C MET A 103 -11.68 -13.55 -21.33
N ILE A 104 -11.36 -13.71 -22.61
CA ILE A 104 -12.36 -13.74 -23.66
C ILE A 104 -13.33 -14.91 -23.45
N GLY A 105 -12.81 -16.08 -23.06
CA GLY A 105 -13.67 -17.22 -22.80
C GLY A 105 -14.72 -16.93 -21.73
N THR A 106 -14.33 -16.23 -20.66
CA THR A 106 -15.26 -15.82 -19.62
C THR A 106 -16.30 -14.81 -20.17
N ALA A 107 -15.85 -13.82 -20.96
CA ALA A 107 -16.76 -12.88 -21.61
C ALA A 107 -17.84 -13.60 -22.41
N ASN A 108 -17.41 -14.60 -23.19
CA ASN A 108 -18.28 -15.35 -24.06
C ASN A 108 -19.25 -16.20 -23.24
N ALA A 109 -18.73 -16.85 -22.20
CA ALA A 109 -19.55 -17.66 -21.31
C ALA A 109 -20.63 -16.79 -20.69
N LEU A 110 -20.22 -15.61 -20.20
CA LEU A 110 -21.16 -14.64 -19.63
C LEU A 110 -22.22 -14.21 -20.66
N GLU A 111 -21.80 -13.90 -21.90
CA GLU A 111 -22.73 -13.51 -22.95
C GLU A 111 -23.68 -14.67 -23.27
N ALA A 112 -23.17 -15.92 -23.28
CA ALA A 112 -24.04 -17.08 -23.51
C ALA A 112 -25.09 -17.17 -22.41
N ALA A 113 -24.68 -17.04 -21.15
CA ALA A 113 -25.62 -17.15 -20.04
C ALA A 113 -26.68 -16.06 -20.15
N HIS A 114 -26.19 -14.84 -20.46
CA HIS A 114 -27.02 -13.66 -20.63
C HIS A 114 -28.07 -13.90 -21.71
N GLN A 115 -27.65 -14.37 -22.89
CA GLN A 115 -28.57 -14.48 -24.02
C GLN A 115 -29.60 -15.59 -23.77
N ALA A 116 -29.22 -16.62 -23.01
CA ALA A 116 -30.10 -17.72 -22.68
C ALA A 116 -31.37 -17.26 -21.99
N GLY A 117 -31.24 -16.28 -21.09
CA GLY A 117 -32.38 -15.75 -20.35
C GLY A 117 -32.87 -16.66 -19.23
N THR A 118 -32.35 -17.89 -19.12
CA THR A 118 -32.91 -18.91 -18.24
C THR A 118 -32.01 -19.22 -17.03
N VAL A 119 -30.82 -18.58 -16.95
CA VAL A 119 -29.82 -18.97 -15.96
C VAL A 119 -30.18 -18.44 -14.58
N GLN A 120 -30.29 -19.34 -13.59
CA GLN A 120 -30.63 -18.94 -12.24
C GLN A 120 -29.36 -18.82 -11.39
N ARG A 121 -28.26 -19.42 -11.87
CA ARG A 121 -26.97 -19.26 -11.23
C ARG A 121 -25.86 -19.43 -12.27
N PHE A 122 -24.97 -18.45 -12.28
CA PHE A 122 -23.76 -18.50 -13.10
C PHE A 122 -22.59 -18.50 -12.12
N LEU A 123 -21.82 -19.59 -12.16
CA LEU A 123 -20.70 -19.73 -11.23
C LEU A 123 -19.42 -19.71 -12.02
N GLU A 124 -18.60 -18.71 -11.68
CA GLU A 124 -17.35 -18.46 -12.35
C GLU A 124 -16.21 -18.89 -11.44
N PHE A 125 -15.35 -19.76 -11.94
CA PHE A 125 -14.18 -20.14 -11.19
C PHE A 125 -13.04 -19.16 -11.43
N SER A 126 -12.56 -18.58 -10.34
CA SER A 126 -11.39 -17.74 -10.39
C SER A 126 -10.26 -18.44 -9.62
N THR A 127 -9.34 -17.70 -9.03
CA THR A 127 -8.20 -18.32 -8.39
C THR A 127 -7.81 -17.42 -7.24
N SER A 128 -7.18 -17.99 -6.21
CA SER A 128 -6.92 -17.26 -4.98
C SER A 128 -5.72 -16.33 -5.13
N GLU A 129 -4.99 -16.44 -6.26
CA GLU A 129 -3.79 -15.64 -6.50
C GLU A 129 -4.12 -14.21 -6.89
N VAL A 130 -5.38 -13.95 -7.21
CA VAL A 130 -5.77 -12.75 -7.93
C VAL A 130 -5.29 -11.51 -7.21
N PHE A 131 -5.30 -11.49 -5.87
CA PHE A 131 -4.95 -10.27 -5.15
C PHE A 131 -3.54 -10.36 -4.54
N GLY A 132 -2.60 -10.99 -5.26
CA GLY A 132 -1.20 -10.99 -4.86
C GLY A 132 -0.55 -9.63 -5.08
N THR A 146 11.95 -13.42 -14.14
CA THR A 146 10.86 -13.28 -15.13
C THR A 146 11.08 -14.24 -16.29
N GLY A 147 11.12 -15.54 -15.98
CA GLY A 147 11.22 -16.58 -17.01
C GLY A 147 9.83 -17.00 -17.50
N ALA A 148 9.80 -17.98 -18.40
CA ALA A 148 8.57 -18.53 -18.96
C ALA A 148 7.59 -18.95 -17.86
N VAL A 149 8.11 -19.49 -16.75
CA VAL A 149 7.26 -20.07 -15.72
C VAL A 149 6.61 -18.98 -14.88
N GLY A 150 7.40 -17.99 -14.43
CA GLY A 150 6.86 -16.86 -13.67
C GLY A 150 5.89 -16.01 -14.52
N GLU A 151 6.21 -15.91 -15.82
CA GLU A 151 5.39 -15.25 -16.82
C GLU A 151 4.01 -15.89 -16.91
N ALA A 152 3.96 -17.24 -16.90
CA ALA A 152 2.71 -17.98 -17.09
C ALA A 152 1.83 -17.89 -15.84
N ARG A 153 2.45 -17.80 -14.64
CA ARG A 153 1.73 -17.69 -13.38
C ARG A 153 1.12 -16.30 -13.24
N TRP A 154 1.91 -15.27 -13.60
CA TRP A 154 1.44 -13.90 -13.52
C TRP A 154 0.27 -13.74 -14.49
N THR A 155 0.46 -14.29 -15.70
CA THR A 155 -0.51 -14.25 -16.78
C THR A 155 -1.81 -14.92 -16.33
N TYR A 156 -1.68 -16.05 -15.65
CA TYR A 156 -2.84 -16.80 -15.17
C TYR A 156 -3.62 -15.90 -14.21
N ALA A 157 -2.90 -15.34 -13.24
CA ALA A 157 -3.51 -14.55 -12.19
C ALA A 157 -4.31 -13.38 -12.77
N VAL A 158 -3.70 -12.57 -13.65
CA VAL A 158 -4.37 -11.41 -14.20
C VAL A 158 -5.44 -11.80 -15.23
N SER A 159 -5.28 -12.95 -15.92
CA SER A 159 -6.31 -13.43 -16.81
C SER A 159 -7.54 -13.83 -15.99
N LYS A 160 -7.33 -14.36 -14.78
CA LYS A 160 -8.44 -14.72 -13.92
C LYS A 160 -9.04 -13.45 -13.32
N LEU A 161 -8.21 -12.47 -12.94
CA LEU A 161 -8.79 -11.27 -12.35
C LEU A 161 -9.64 -10.54 -13.39
N ALA A 162 -9.20 -10.51 -14.65
CA ALA A 162 -10.01 -9.92 -15.72
C ALA A 162 -11.37 -10.62 -15.84
N GLY A 163 -11.41 -11.94 -15.63
CA GLY A 163 -12.68 -12.68 -15.70
C GLY A 163 -13.62 -12.29 -14.58
N GLU A 164 -13.03 -11.99 -13.42
CA GLU A 164 -13.80 -11.50 -12.28
C GLU A 164 -14.42 -10.14 -12.59
N HIS A 165 -13.64 -9.24 -13.23
CA HIS A 165 -14.14 -7.96 -13.70
C HIS A 165 -15.31 -8.09 -14.65
N LEU A 166 -15.20 -8.95 -15.67
CA LEU A 166 -16.29 -9.13 -16.59
C LEU A 166 -17.50 -9.66 -15.85
N THR A 167 -17.28 -10.61 -14.92
CA THR A 167 -18.38 -11.22 -14.17
C THR A 167 -19.14 -10.12 -13.41
N HIS A 168 -18.39 -9.26 -12.72
CA HIS A 168 -18.96 -8.13 -11.99
C HIS A 168 -19.83 -7.29 -12.95
N ALA A 169 -19.29 -6.96 -14.14
CA ALA A 169 -19.97 -6.08 -15.08
C ALA A 169 -21.32 -6.67 -15.45
N TYR A 170 -21.33 -7.97 -15.73
CA TYR A 170 -22.55 -8.66 -16.11
C TYR A 170 -23.55 -8.67 -14.95
N ASN A 171 -23.08 -8.92 -13.73
CA ASN A 171 -23.97 -8.95 -12.59
C ASN A 171 -24.61 -7.56 -12.41
N ARG A 172 -23.79 -6.52 -12.53
CA ARG A 172 -24.22 -5.15 -12.24
C ARG A 172 -25.20 -4.65 -13.30
N GLU A 173 -24.86 -4.84 -14.57
CA GLU A 173 -25.57 -4.23 -15.68
C GLU A 173 -26.81 -5.04 -16.02
N HIS A 174 -26.65 -6.38 -16.07
CA HIS A 174 -27.71 -7.24 -16.58
C HIS A 174 -28.44 -8.03 -15.50
N GLY A 175 -28.03 -7.92 -14.23
CA GLY A 175 -28.64 -8.73 -13.19
C GLY A 175 -28.31 -10.23 -13.31
N LEU A 176 -27.25 -10.61 -14.04
CA LEU A 176 -26.91 -12.03 -14.15
C LEU A 176 -26.55 -12.57 -12.77
N PRO A 177 -27.17 -13.69 -12.30
CA PRO A 177 -26.99 -14.16 -10.92
C PRO A 177 -25.67 -14.92 -10.76
N THR A 178 -24.59 -14.14 -10.69
CA THR A 178 -23.23 -14.61 -10.65
C THR A 178 -22.76 -14.90 -9.23
N VAL A 179 -21.85 -15.89 -9.18
CA VAL A 179 -21.05 -16.18 -8.00
C VAL A 179 -19.59 -16.37 -8.47
N THR A 180 -18.67 -15.59 -7.89
CA THR A 180 -17.25 -15.79 -8.16
C THR A 180 -16.70 -16.69 -7.07
N PHE A 181 -16.10 -17.77 -7.52
CA PHE A 181 -15.73 -18.88 -6.66
C PHE A 181 -14.22 -19.06 -6.78
N ARG A 182 -13.48 -18.79 -5.69
CA ARG A 182 -12.02 -18.78 -5.73
C ARG A 182 -11.42 -19.87 -4.83
N PRO A 183 -11.18 -21.08 -5.35
CA PRO A 183 -10.64 -22.14 -4.51
C PRO A 183 -9.15 -21.95 -4.28
N PHE A 184 -8.71 -22.27 -3.06
CA PHE A 184 -7.30 -22.56 -2.84
C PHE A 184 -6.92 -23.79 -3.67
N ASN A 185 -5.62 -24.09 -3.74
CA ASN A 185 -5.17 -25.24 -4.50
C ASN A 185 -5.84 -26.51 -3.96
N VAL A 186 -6.51 -27.20 -4.87
CA VAL A 186 -7.32 -28.34 -4.52
C VAL A 186 -6.44 -29.58 -4.53
N TYR A 187 -6.57 -30.41 -3.51
CA TYR A 187 -5.82 -31.66 -3.49
C TYR A 187 -6.74 -32.76 -2.98
N GLY A 188 -6.34 -33.98 -3.29
CA GLY A 188 -6.99 -35.11 -2.67
C GLY A 188 -7.00 -36.32 -3.60
N PRO A 189 -7.72 -37.39 -3.21
CA PRO A 189 -7.92 -38.56 -4.05
C PRO A 189 -8.53 -38.18 -5.39
N GLY A 190 -8.23 -38.96 -6.43
CA GLY A 190 -8.85 -38.80 -7.73
C GLY A 190 -8.02 -37.88 -8.61
N GLN A 191 -6.80 -38.37 -8.91
CA GLN A 191 -5.77 -37.62 -9.60
C GLN A 191 -4.44 -37.97 -8.93
N ILE A 192 -3.46 -38.46 -9.70
CA ILE A 192 -2.09 -38.48 -9.19
C ILE A 192 -1.79 -37.05 -8.75
N GLY A 193 -2.07 -36.08 -9.64
CA GLY A 193 -1.89 -34.67 -9.36
C GLY A 193 -0.58 -34.16 -9.94
N GLU A 194 -0.40 -32.84 -9.86
CA GLU A 194 0.80 -32.19 -10.37
C GLU A 194 1.39 -31.24 -9.32
N GLY A 195 0.76 -31.12 -8.15
CA GLY A 195 1.14 -30.09 -7.21
C GLY A 195 2.26 -30.54 -6.26
N ALA A 196 2.57 -29.67 -5.29
CA ALA A 196 3.53 -29.98 -4.24
C ALA A 196 3.08 -31.18 -3.43
N ILE A 197 1.79 -31.31 -3.12
CA ILE A 197 1.35 -32.35 -2.20
C ILE A 197 1.55 -33.70 -2.86
N SER A 198 1.14 -33.76 -4.12
CA SER A 198 1.28 -34.95 -4.94
C SER A 198 2.73 -35.43 -4.95
N ILE A 199 3.67 -34.56 -5.42
CA ILE A 199 5.05 -35.00 -5.55
C ILE A 199 5.63 -35.32 -4.18
N MET A 200 5.34 -34.52 -3.17
CA MET A 200 6.00 -34.74 -1.91
C MET A 200 5.50 -36.03 -1.24
N ILE A 201 4.22 -36.34 -1.36
CA ILE A 201 3.72 -37.59 -0.79
C ILE A 201 4.38 -38.78 -1.52
N ARG A 202 4.41 -38.73 -2.85
CA ARG A 202 5.01 -39.81 -3.61
C ARG A 202 6.43 -40.07 -3.09
N LYS A 203 7.21 -39.00 -2.92
CA LYS A 203 8.59 -39.15 -2.52
C LYS A 203 8.67 -39.71 -1.09
N ALA A 204 7.79 -39.17 -0.23
CA ALA A 204 7.83 -39.48 1.18
C ALA A 204 7.53 -40.98 1.36
N LEU A 205 6.54 -41.48 0.60
CA LEU A 205 6.13 -42.88 0.68
C LEU A 205 7.26 -43.83 0.27
N ASN A 206 8.25 -43.34 -0.49
CA ASN A 206 9.42 -44.11 -0.92
C ASN A 206 10.70 -43.74 -0.18
N ASN A 207 10.61 -42.83 0.80
CA ASN A 207 11.79 -42.34 1.50
C ASN A 207 12.77 -41.72 0.51
N GLU A 208 12.22 -41.25 -0.60
CA GLU A 208 12.94 -40.52 -1.63
C GLU A 208 13.10 -39.09 -1.12
N ASP A 209 14.27 -38.50 -1.36
CA ASP A 209 14.54 -37.17 -0.89
C ASP A 209 13.70 -36.13 -1.64
N ILE A 210 13.25 -35.14 -0.87
CA ILE A 210 12.41 -34.05 -1.34
C ILE A 210 13.29 -32.83 -1.51
N TYR A 211 13.22 -32.22 -2.68
CA TYR A 211 13.95 -31.01 -2.97
C TYR A 211 13.10 -29.77 -2.75
N ILE A 212 13.67 -28.78 -2.04
CA ILE A 212 13.04 -27.49 -1.86
C ILE A 212 13.81 -26.47 -2.70
N PHE A 213 13.14 -25.87 -3.68
CA PHE A 213 13.79 -24.91 -4.56
C PHE A 213 13.60 -23.53 -3.97
N GLY A 214 14.71 -22.85 -3.67
CA GLY A 214 14.63 -21.54 -3.02
C GLY A 214 14.67 -21.71 -1.51
N ASP A 215 14.18 -20.71 -0.77
CA ASP A 215 14.38 -20.72 0.65
C ASP A 215 13.22 -21.47 1.33
N GLY A 216 12.24 -21.90 0.52
CA GLY A 216 11.14 -22.73 0.99
C GLY A 216 10.09 -21.97 1.80
N SER A 217 10.16 -20.62 1.82
CA SER A 217 9.30 -19.78 2.62
C SER A 217 7.96 -19.48 1.92
N GLN A 218 7.82 -19.92 0.67
CA GLN A 218 6.67 -19.64 -0.19
C GLN A 218 5.41 -20.20 0.45
N ILE A 219 4.40 -19.37 0.62
CA ILE A 219 3.15 -19.83 1.21
C ILE A 219 2.30 -20.52 0.15
N ARG A 220 1.62 -21.58 0.59
CA ARG A 220 0.58 -22.18 -0.22
C ARG A 220 -0.55 -22.60 0.72
N ALA A 221 -1.77 -22.26 0.31
CA ALA A 221 -2.96 -22.65 1.04
C ALA A 221 -3.64 -23.73 0.24
N TRP A 222 -4.47 -24.55 0.89
CA TRP A 222 -4.99 -25.74 0.23
C TRP A 222 -6.46 -25.87 0.56
N CYS A 223 -7.17 -26.60 -0.30
CA CYS A 223 -8.54 -27.01 -0.03
C CYS A 223 -8.65 -28.47 -0.39
N TYR A 224 -9.19 -29.26 0.54
CA TYR A 224 -9.44 -30.67 0.26
C TYR A 224 -10.57 -30.77 -0.75
N VAL A 225 -10.45 -31.72 -1.69
CA VAL A 225 -11.38 -31.81 -2.81
C VAL A 225 -12.82 -31.86 -2.27
N ASP A 226 -13.06 -32.64 -1.21
CA ASP A 226 -14.43 -32.85 -0.80
C ASP A 226 -15.00 -31.57 -0.20
N ASP A 227 -14.15 -30.79 0.50
CA ASP A 227 -14.59 -29.50 1.00
C ASP A 227 -14.94 -28.60 -0.19
N MET A 228 -14.10 -28.59 -1.23
CA MET A 228 -14.31 -27.68 -2.36
C MET A 228 -15.69 -27.97 -2.97
N ILE A 229 -16.04 -29.27 -3.04
CA ILE A 229 -17.27 -29.70 -3.66
C ILE A 229 -18.45 -29.28 -2.77
N ASP A 230 -18.31 -29.47 -1.47
CA ASP A 230 -19.36 -29.04 -0.54
C ASP A 230 -19.58 -27.52 -0.64
N ALA A 231 -18.49 -26.76 -0.79
CA ALA A 231 -18.60 -25.31 -0.98
C ALA A 231 -19.34 -25.00 -2.28
N LEU A 232 -18.98 -25.72 -3.35
CA LEU A 232 -19.53 -25.49 -4.67
C LEU A 232 -21.05 -25.72 -4.63
N MET A 233 -21.49 -26.74 -3.88
CA MET A 233 -22.92 -27.04 -3.80
C MET A 233 -23.66 -25.92 -3.10
N LYS A 234 -23.06 -25.37 -2.04
CA LYS A 234 -23.71 -24.28 -1.33
C LYS A 234 -23.81 -23.04 -2.23
N ALA A 235 -22.70 -22.70 -2.91
CA ALA A 235 -22.66 -21.56 -3.81
C ALA A 235 -23.67 -21.67 -4.96
N LEU A 236 -23.91 -22.88 -5.49
CA LEU A 236 -24.82 -23.09 -6.59
C LEU A 236 -26.28 -22.96 -6.16
N SER A 237 -26.56 -23.04 -4.85
CA SER A 237 -27.95 -23.14 -4.41
C SER A 237 -28.40 -21.95 -3.56
N VAL A 238 -27.59 -21.56 -2.59
CA VAL A 238 -27.96 -20.58 -1.57
C VAL A 238 -28.10 -19.18 -2.16
N PRO A 239 -29.24 -18.48 -1.94
CA PRO A 239 -29.49 -17.21 -2.60
C PRO A 239 -28.55 -16.07 -2.17
N GLN A 240 -28.04 -16.11 -0.95
CA GLN A 240 -27.05 -15.13 -0.46
C GLN A 240 -25.72 -15.21 -1.23
N ALA A 241 -25.53 -16.22 -2.08
CA ALA A 241 -24.30 -16.36 -2.86
C ALA A 241 -24.25 -15.36 -4.04
N ILE A 242 -25.44 -14.90 -4.46
CA ILE A 242 -25.59 -14.13 -5.71
C ILE A 242 -24.92 -12.76 -5.54
N GLY A 243 -24.06 -12.41 -6.50
CA GLY A 243 -23.40 -11.12 -6.54
C GLY A 243 -22.15 -11.08 -5.65
N GLU A 244 -21.81 -12.21 -5.02
CA GLU A 244 -20.70 -12.29 -4.10
C GLU A 244 -19.52 -13.03 -4.73
N SER A 245 -18.38 -12.85 -4.06
CA SER A 245 -17.12 -13.49 -4.35
C SER A 245 -16.62 -14.23 -3.10
N PHE A 246 -16.18 -15.47 -3.29
CA PHE A 246 -15.82 -16.33 -2.16
C PHE A 246 -14.41 -16.89 -2.26
N ASN A 247 -13.69 -16.83 -1.14
CA ASN A 247 -12.46 -17.57 -0.95
C ASN A 247 -12.75 -18.94 -0.33
N ILE A 248 -12.47 -20.02 -1.07
CA ILE A 248 -12.87 -21.36 -0.69
C ILE A 248 -11.63 -22.17 -0.31
N GLY A 249 -11.46 -22.35 0.99
CA GLY A 249 -10.37 -23.18 1.48
C GLY A 249 -10.38 -23.31 3.00
N ASN A 250 -9.28 -23.89 3.49
CA ASN A 250 -9.13 -24.22 4.88
C ASN A 250 -8.11 -23.26 5.49
N ALA A 251 -8.54 -22.46 6.49
CA ALA A 251 -7.66 -21.51 7.15
C ALA A 251 -6.53 -22.19 7.95
N ARG A 252 -6.72 -23.45 8.34
CA ARG A 252 -5.67 -24.24 9.01
C ARG A 252 -4.72 -24.93 8.04
N ALA A 253 -5.02 -24.92 6.74
CA ALA A 253 -4.21 -25.58 5.71
C ALA A 253 -3.56 -24.53 4.81
N ILE A 254 -2.99 -23.49 5.46
CA ILE A 254 -2.00 -22.55 4.92
C ILE A 254 -0.64 -22.83 5.55
N THR A 255 0.40 -23.06 4.73
CA THR A 255 1.73 -23.36 5.28
C THR A 255 2.82 -23.00 4.27
N THR A 256 4.10 -23.00 4.69
CA THR A 256 5.19 -22.82 3.74
C THR A 256 5.49 -24.14 3.04
N ILE A 257 6.23 -24.07 1.94
CA ILE A 257 6.54 -25.27 1.17
C ILE A 257 7.41 -26.18 2.04
N TYR A 258 8.35 -25.58 2.79
CA TYR A 258 9.21 -26.35 3.66
C TYR A 258 8.40 -26.97 4.79
N GLY A 259 7.50 -26.17 5.36
CA GLY A 259 6.62 -26.64 6.42
C GLY A 259 5.73 -27.82 5.99
N LEU A 260 5.24 -27.72 4.75
CA LEU A 260 4.44 -28.77 4.12
C LEU A 260 5.26 -30.06 3.99
N ALA A 261 6.51 -29.97 3.51
CA ALA A 261 7.39 -31.12 3.42
C ALA A 261 7.60 -31.79 4.77
N GLN A 262 7.80 -30.99 5.83
CA GLN A 262 8.00 -31.53 7.16
C GLN A 262 6.72 -32.23 7.65
N THR A 263 5.58 -31.64 7.31
CA THR A 263 4.29 -32.15 7.74
C THR A 263 4.01 -33.50 7.07
N ILE A 264 4.27 -33.56 5.74
CA ILE A 264 4.03 -34.79 4.99
C ILE A 264 4.90 -35.92 5.55
N CYS A 265 6.21 -35.67 5.75
CA CYS A 265 7.14 -36.70 6.19
C CYS A 265 6.78 -37.21 7.59
N ARG A 266 6.41 -36.31 8.49
CA ARG A 266 6.05 -36.69 9.83
C ARG A 266 4.76 -37.49 9.81
N VAL A 267 3.73 -36.97 9.13
CA VAL A 267 2.42 -37.60 9.15
C VAL A 267 2.50 -38.98 8.50
N LEU A 268 3.42 -39.18 7.55
CA LEU A 268 3.49 -40.47 6.86
C LEU A 268 4.64 -41.33 7.40
N ASN A 269 5.35 -40.87 8.44
CA ASN A 269 6.47 -41.57 9.04
C ASN A 269 7.52 -41.94 8.00
N SER A 270 7.90 -40.97 7.18
CA SER A 270 8.83 -41.21 6.10
C SER A 270 10.22 -40.95 6.63
N LYS A 271 11.23 -41.55 5.99
CA LYS A 271 12.62 -41.25 6.30
C LYS A 271 13.24 -40.34 5.25
N SER A 272 12.42 -39.77 4.36
CA SER A 272 12.92 -38.83 3.37
C SER A 272 13.72 -37.71 4.00
N GLU A 273 14.84 -37.31 3.37
CA GLU A 273 15.54 -36.07 3.71
C GLU A 273 14.89 -34.92 2.91
N ILE A 274 14.85 -33.72 3.50
CA ILE A 274 14.34 -32.53 2.82
C ILE A 274 15.54 -31.63 2.57
N ILE A 275 15.83 -31.39 1.29
CA ILE A 275 17.09 -30.78 0.88
C ILE A 275 16.82 -29.50 0.10
N PHE A 276 17.54 -28.44 0.47
CA PHE A 276 17.45 -27.17 -0.23
C PHE A 276 18.26 -27.23 -1.51
N ARG A 277 17.71 -26.62 -2.55
CA ARG A 277 18.33 -26.48 -3.86
C ARG A 277 18.04 -25.06 -4.36
N GLU A 278 18.81 -24.67 -5.36
CA GLU A 278 18.81 -23.33 -5.92
C GLU A 278 17.52 -23.05 -6.69
N ALA A 279 16.96 -21.84 -6.48
CA ALA A 279 16.02 -21.30 -7.44
C ALA A 279 16.62 -20.02 -8.03
N LEU A 280 16.65 -19.94 -9.36
CA LEU A 280 17.04 -18.73 -10.07
C LEU A 280 15.83 -17.81 -10.20
N SER A 281 14.64 -18.40 -10.05
CA SER A 281 13.40 -17.65 -9.97
C SER A 281 13.42 -16.79 -8.71
N ALA A 282 12.68 -15.67 -8.72
CA ALA A 282 12.45 -14.86 -7.53
C ALA A 282 11.14 -15.26 -6.86
N ASP A 283 11.10 -15.21 -5.51
CA ASP A 283 9.92 -15.60 -4.75
C ASP A 283 8.73 -14.70 -5.10
N ILE A 284 7.54 -15.28 -5.17
CA ILE A 284 6.31 -14.52 -5.24
C ILE A 284 5.65 -14.57 -3.87
N GLU A 285 5.66 -13.44 -3.16
CA GLU A 285 5.03 -13.35 -1.85
C GLU A 285 3.54 -13.09 -2.00
N LEU A 286 2.75 -14.14 -2.30
CA LEU A 286 1.31 -14.01 -2.35
C LEU A 286 0.74 -13.96 -0.92
N ARG A 287 -0.07 -12.93 -0.66
CA ARG A 287 -0.91 -12.87 0.52
C ARG A 287 -2.04 -13.88 0.36
N ILE A 288 -2.48 -14.51 1.47
CA ILE A 288 -3.54 -15.50 1.40
C ILE A 288 -4.83 -14.92 1.93
N PRO A 289 -5.92 -14.92 1.13
CA PRO A 289 -7.14 -14.23 1.51
C PRO A 289 -7.83 -14.86 2.73
N ASN A 290 -8.81 -14.11 3.23
CA ASN A 290 -9.62 -14.51 4.36
C ASN A 290 -10.79 -15.35 3.83
N VAL A 291 -11.30 -16.28 4.65
CA VAL A 291 -12.36 -17.20 4.23
C VAL A 291 -13.64 -17.02 5.05
N ASP A 292 -13.75 -15.94 5.85
CA ASP A 292 -14.87 -15.78 6.79
C ASP A 292 -16.20 -15.59 6.08
N LYS A 293 -16.20 -14.89 4.95
CA LYS A 293 -17.41 -14.52 4.26
C LYS A 293 -18.14 -15.80 3.79
N SER A 294 -17.35 -16.80 3.40
CA SER A 294 -17.87 -18.10 2.97
C SER A 294 -18.61 -18.78 4.12
N GLU A 295 -18.08 -18.66 5.34
CA GLU A 295 -18.74 -19.24 6.49
C GLU A 295 -20.06 -18.50 6.76
N GLU A 296 -20.00 -17.17 6.77
CA GLU A 296 -21.15 -16.31 7.10
C GLU A 296 -22.26 -16.47 6.08
N LEU A 297 -21.90 -16.46 4.79
CA LEU A 297 -22.91 -16.40 3.76
C LEU A 297 -23.27 -17.78 3.22
N LEU A 298 -22.29 -18.68 3.03
CA LEU A 298 -22.62 -19.99 2.46
C LEU A 298 -22.88 -21.03 3.53
N GLY A 299 -22.63 -20.71 4.80
CA GLY A 299 -22.56 -21.74 5.84
C GLY A 299 -21.48 -22.78 5.54
N PHE A 300 -20.36 -22.35 4.94
CA PHE A 300 -19.30 -23.28 4.57
C PHE A 300 -18.07 -23.04 5.42
N LYS A 301 -17.60 -24.12 6.06
CA LYS A 301 -16.31 -24.12 6.72
C LYS A 301 -15.62 -25.44 6.45
N ALA A 302 -14.36 -25.39 5.99
CA ALA A 302 -13.63 -26.58 5.58
C ALA A 302 -13.54 -27.56 6.77
N GLN A 303 -13.82 -28.83 6.51
CA GLN A 303 -13.82 -29.85 7.54
C GLN A 303 -12.59 -30.76 7.51
N VAL A 304 -11.93 -30.90 6.35
CA VAL A 304 -10.81 -31.82 6.30
C VAL A 304 -9.52 -31.01 6.45
N ASP A 305 -8.85 -31.16 7.61
CA ASP A 305 -7.58 -30.48 7.85
C ASP A 305 -6.43 -31.26 7.20
N LEU A 306 -5.21 -30.67 7.20
CA LEU A 306 -4.11 -31.24 6.45
C LEU A 306 -3.78 -32.68 6.84
N GLU A 307 -3.63 -32.94 8.13
CA GLU A 307 -3.23 -34.27 8.54
C GLU A 307 -4.14 -35.29 7.87
N GLU A 308 -5.46 -35.13 8.08
CA GLU A 308 -6.43 -36.07 7.57
C GLU A 308 -6.42 -36.11 6.04
N GLY A 309 -6.35 -34.94 5.39
CA GLY A 309 -6.34 -34.87 3.95
C GLY A 309 -5.12 -35.56 3.34
N LEU A 310 -3.95 -35.35 3.96
CA LEU A 310 -2.70 -35.90 3.44
C LEU A 310 -2.75 -37.45 3.45
N ILE A 311 -3.34 -37.99 4.53
CA ILE A 311 -3.45 -39.42 4.71
C ILE A 311 -4.40 -39.99 3.67
N ARG A 312 -5.55 -39.35 3.45
CA ARG A 312 -6.46 -39.87 2.44
C ARG A 312 -5.85 -39.78 1.05
N THR A 313 -5.07 -38.72 0.83
CA THR A 313 -4.38 -38.57 -0.43
C THR A 313 -3.36 -39.71 -0.57
N ALA A 314 -2.52 -39.91 0.44
CA ALA A 314 -1.50 -40.94 0.42
C ALA A 314 -2.13 -42.32 0.20
N ASP A 315 -3.26 -42.59 0.85
CA ASP A 315 -3.96 -43.85 0.65
C ASP A 315 -4.32 -44.07 -0.82
N TRP A 316 -4.91 -43.04 -1.48
CA TRP A 316 -5.29 -43.15 -2.87
C TRP A 316 -4.06 -43.37 -3.75
N LEU A 317 -3.00 -42.56 -3.53
CA LEU A 317 -1.77 -42.69 -4.29
C LEU A 317 -1.16 -44.09 -4.12
N SER A 318 -1.08 -44.60 -2.88
CA SER A 318 -0.62 -45.96 -2.61
C SER A 318 -1.42 -46.99 -3.43
N ALA A 319 -2.75 -47.00 -3.26
CA ALA A 319 -3.58 -48.02 -3.88
C ALA A 319 -3.32 -48.07 -5.38
N ASN A 320 -3.09 -46.90 -5.97
CA ASN A 320 -2.85 -46.76 -7.41
C ASN A 320 -1.33 -46.62 -7.65
N HIS B 2 36.70 2.85 7.76
CA HIS B 2 37.84 1.89 7.82
C HIS B 2 37.40 0.62 8.55
N MET B 3 38.02 -0.51 8.18
CA MET B 3 37.79 -1.78 8.83
C MET B 3 38.19 -1.68 10.30
N ILE B 4 37.31 -2.13 11.22
CA ILE B 4 37.62 -2.17 12.65
C ILE B 4 37.98 -3.60 13.03
N GLU B 5 39.12 -3.77 13.72
CA GLU B 5 39.54 -5.05 14.27
C GLU B 5 39.02 -5.17 15.71
N LEU B 6 38.26 -6.25 15.98
CA LEU B 6 37.60 -6.42 17.27
C LEU B 6 38.52 -7.03 18.33
N THR B 7 39.66 -6.36 18.56
CA THR B 7 40.60 -6.65 19.63
C THR B 7 41.19 -5.31 20.08
N GLY B 8 41.49 -5.19 21.38
CA GLY B 8 42.10 -3.98 21.92
C GLY B 8 41.19 -2.76 21.86
N LYS B 9 39.88 -2.97 22.00
CA LYS B 9 38.90 -1.90 21.93
C LYS B 9 38.21 -1.74 23.27
N LYS B 10 37.83 -0.50 23.60
CA LYS B 10 36.88 -0.27 24.67
C LYS B 10 35.46 -0.37 24.09
N ILE B 11 34.72 -1.38 24.52
CA ILE B 11 33.38 -1.69 24.03
C ILE B 11 32.38 -1.40 25.15
N PHE B 12 31.38 -0.56 24.85
CA PHE B 12 30.35 -0.17 25.79
C PHE B 12 29.02 -0.75 25.32
N ILE B 13 28.31 -1.48 26.20
CA ILE B 13 27.09 -2.17 25.83
C ILE B 13 25.97 -1.85 26.82
N THR B 14 24.97 -1.06 26.38
CA THR B 14 23.75 -0.91 27.16
C THR B 14 22.99 -2.22 27.05
N GLY B 15 22.30 -2.65 28.11
CA GLY B 15 21.58 -3.90 28.03
C GLY B 15 22.52 -5.11 27.99
N GLY B 16 23.80 -4.90 28.33
CA GLY B 16 24.82 -5.91 28.11
C GLY B 16 24.70 -7.12 29.06
N ALA B 17 23.82 -7.05 30.07
CA ALA B 17 23.61 -8.13 31.02
C ALA B 17 22.67 -9.19 30.46
N GLY B 18 22.01 -8.86 29.35
CA GLY B 18 20.96 -9.68 28.81
C GLY B 18 21.47 -10.83 27.94
N PHE B 19 20.56 -11.47 27.21
CA PHE B 19 20.91 -12.63 26.40
C PHE B 19 21.94 -12.27 25.34
N ILE B 20 21.57 -11.38 24.41
CA ILE B 20 22.45 -11.14 23.27
C ILE B 20 23.78 -10.58 23.78
N GLY B 21 23.69 -9.63 24.72
CA GLY B 21 24.85 -8.95 25.24
C GLY B 21 25.79 -9.90 25.99
N SER B 22 25.23 -10.76 26.83
CA SER B 22 25.98 -11.83 27.46
C SER B 22 26.66 -12.71 26.42
N THR B 23 25.92 -13.08 25.37
CA THR B 23 26.50 -13.91 24.31
C THR B 23 27.69 -13.21 23.66
N LEU B 24 27.50 -11.95 23.20
CA LEU B 24 28.59 -11.25 22.53
C LEU B 24 29.81 -11.08 23.44
N ILE B 25 29.58 -10.85 24.74
CA ILE B 25 30.67 -10.68 25.71
C ILE B 25 31.54 -11.94 25.75
N GLY B 26 30.90 -13.12 25.89
CA GLY B 26 31.61 -14.39 25.85
C GLY B 26 32.63 -14.46 24.73
N ARG B 27 32.22 -13.96 23.55
CA ARG B 27 33.02 -14.00 22.33
C ARG B 27 34.11 -12.93 22.27
N LEU B 28 33.98 -11.78 22.96
CA LEU B 28 34.91 -10.67 22.75
C LEU B 28 35.78 -10.32 23.97
N ILE B 29 35.50 -10.91 25.13
CA ILE B 29 35.99 -10.41 26.42
C ILE B 29 37.48 -10.71 26.61
N GLU B 30 37.97 -11.76 25.95
CA GLU B 30 39.35 -12.18 26.07
C GLU B 30 40.24 -11.09 25.47
N ASN B 31 39.75 -10.37 24.45
CA ASN B 31 40.61 -9.47 23.69
C ASN B 31 40.21 -8.00 23.77
N ASN B 32 39.22 -7.67 24.59
CA ASN B 32 38.72 -6.29 24.64
C ASN B 32 38.24 -5.97 26.05
N GLU B 33 38.38 -4.69 26.42
CA GLU B 33 37.71 -4.12 27.58
C GLU B 33 36.24 -3.92 27.26
N MET B 34 35.37 -4.43 28.13
CA MET B 34 33.95 -4.40 27.87
C MET B 34 33.25 -3.84 29.10
N ILE B 35 32.38 -2.83 28.89
CA ILE B 35 31.64 -2.17 29.97
C ILE B 35 30.16 -2.35 29.70
N VAL B 36 29.48 -3.00 30.65
CA VAL B 36 28.06 -3.25 30.57
C VAL B 36 27.36 -2.12 31.34
N TYR B 37 26.34 -1.52 30.72
CA TYR B 37 25.52 -0.50 31.35
C TYR B 37 24.10 -1.02 31.35
N ASP B 38 23.59 -1.39 32.53
CA ASP B 38 22.38 -2.21 32.57
C ASP B 38 21.71 -2.04 33.93
N ASN B 39 20.39 -2.10 33.95
CA ASN B 39 19.72 -1.84 35.20
C ASN B 39 19.37 -3.17 35.86
N LEU B 40 19.83 -4.26 35.25
CA LEU B 40 19.67 -5.62 35.72
C LEU B 40 18.22 -5.98 35.96
N GLU B 41 17.33 -5.46 35.13
CA GLU B 41 16.00 -6.03 35.00
C GLU B 41 16.12 -7.52 34.61
N ARG B 42 17.07 -7.84 33.73
CA ARG B 42 17.50 -9.21 33.50
C ARG B 42 19.00 -9.30 33.76
N ASN B 43 19.46 -10.46 34.22
CA ASN B 43 20.89 -10.66 34.40
C ASN B 43 21.26 -12.08 33.98
N THR B 44 21.35 -12.29 32.67
CA THR B 44 21.95 -13.48 32.12
C THR B 44 23.44 -13.51 32.45
N LEU B 45 24.09 -12.35 32.48
CA LEU B 45 25.54 -12.30 32.46
C LEU B 45 26.16 -12.95 33.69
N LYS B 46 25.50 -12.84 34.84
CA LYS B 46 26.07 -13.24 36.12
C LYS B 46 26.25 -14.76 36.15
N SER B 47 25.56 -15.49 35.26
CA SER B 47 25.58 -16.95 35.27
C SER B 47 26.50 -17.49 34.18
N GLN B 48 27.44 -16.68 33.66
CA GLN B 48 28.35 -17.18 32.63
C GLN B 48 29.72 -17.43 33.24
N PRO B 49 30.53 -18.32 32.62
CA PRO B 49 31.92 -18.52 33.02
C PRO B 49 32.74 -17.23 33.16
N PHE B 50 32.40 -16.21 32.35
CA PHE B 50 33.28 -15.06 32.14
C PHE B 50 32.75 -13.82 32.88
N ALA B 51 31.79 -14.01 33.79
CA ALA B 51 31.21 -12.93 34.58
C ALA B 51 32.23 -12.11 35.37
N ASN B 52 33.38 -12.70 35.73
CA ASN B 52 34.33 -12.05 36.63
C ASN B 52 35.65 -11.81 35.91
N HIS B 53 35.59 -11.85 34.59
CA HIS B 53 36.78 -11.62 33.79
C HIS B 53 37.38 -10.25 34.12
N LYS B 54 38.71 -10.15 34.04
CA LYS B 54 39.40 -8.91 34.34
C LYS B 54 39.03 -7.80 33.35
N ASN B 55 38.65 -8.19 32.12
CA ASN B 55 38.32 -7.21 31.09
C ASN B 55 36.88 -6.70 31.21
N LEU B 56 36.08 -7.22 32.17
CA LEU B 56 34.64 -6.96 32.22
C LEU B 56 34.31 -6.01 33.35
N THR B 57 33.48 -5.00 33.06
CA THR B 57 33.01 -4.07 34.07
C THR B 57 31.49 -4.00 34.03
N LEU B 58 30.85 -3.96 35.20
CA LEU B 58 29.41 -3.87 35.28
C LEU B 58 29.04 -2.55 35.91
N ILE B 59 28.46 -1.62 35.13
CA ILE B 59 27.90 -0.40 35.67
C ILE B 59 26.39 -0.55 35.68
N GLN B 60 25.83 -0.50 36.88
CA GLN B 60 24.40 -0.57 37.09
C GLN B 60 23.79 0.82 36.86
N GLY B 61 22.95 0.91 35.85
CA GLY B 61 22.45 2.21 35.44
C GLY B 61 21.28 2.05 34.48
N ASN B 62 20.49 3.13 34.38
CA ASN B 62 19.29 3.19 33.58
C ASN B 62 19.57 4.09 32.38
N VAL B 63 19.21 3.63 31.18
CA VAL B 63 19.44 4.41 29.97
C VAL B 63 18.56 5.65 29.97
N LEU B 64 17.54 5.73 30.84
CA LEU B 64 16.75 6.94 30.99
C LEU B 64 17.46 7.97 31.86
N ASP B 65 18.61 7.63 32.43
CA ASP B 65 19.42 8.57 33.20
C ASP B 65 20.49 9.17 32.30
N GLN B 66 20.15 10.32 31.72
CA GLN B 66 20.96 10.85 30.65
C GLN B 66 22.35 11.24 31.16
N GLU B 67 22.41 11.86 32.34
CA GLU B 67 23.70 12.27 32.88
C GLU B 67 24.60 11.05 33.09
N LYS B 68 24.06 10.01 33.73
CA LYS B 68 24.86 8.86 34.10
C LYS B 68 25.36 8.12 32.85
N ILE B 69 24.51 7.97 31.82
CA ILE B 69 24.98 7.30 30.61
C ILE B 69 26.08 8.10 29.88
N ILE B 70 26.03 9.44 29.94
CA ILE B 70 27.05 10.24 29.29
C ILE B 70 28.41 9.96 29.93
N GLU B 71 28.49 10.05 31.27
CA GLU B 71 29.73 9.80 32.00
C GLU B 71 30.26 8.38 31.71
N ALA B 72 29.38 7.40 31.84
CA ALA B 72 29.78 6.00 31.76
C ALA B 72 30.37 5.65 30.38
N ALA B 73 29.88 6.33 29.33
CA ALA B 73 30.24 6.00 27.96
C ALA B 73 31.53 6.70 27.51
N LYS B 74 32.07 7.63 28.29
CA LYS B 74 33.27 8.34 27.86
C LYS B 74 34.39 7.38 27.47
N GLY B 75 35.14 7.78 26.43
CA GLY B 75 36.26 7.01 25.90
C GLY B 75 35.87 5.79 25.06
N SER B 76 34.58 5.43 25.03
CA SER B 76 34.19 4.18 24.41
C SER B 76 34.40 4.30 22.89
N GLU B 77 34.78 3.17 22.26
CA GLU B 77 35.20 3.12 20.86
C GLU B 77 34.17 2.36 20.01
N ILE B 78 33.51 1.40 20.65
CA ILE B 78 32.40 0.70 20.06
C ILE B 78 31.28 0.80 21.08
N PHE B 79 30.13 1.36 20.65
CA PHE B 79 28.99 1.56 21.51
C PHE B 79 27.86 0.70 20.97
N ILE B 80 27.39 -0.24 21.78
CA ILE B 80 26.33 -1.15 21.38
C ILE B 80 25.12 -0.85 22.24
N HIS B 81 24.01 -0.46 21.61
CA HIS B 81 22.80 -0.12 22.34
C HIS B 81 21.79 -1.25 22.25
N ALA B 82 21.72 -2.04 23.34
CA ALA B 82 20.88 -3.21 23.39
C ALA B 82 19.83 -3.13 24.49
N ALA B 83 19.88 -2.10 25.34
CA ALA B 83 18.89 -1.98 26.39
C ALA B 83 17.53 -1.68 25.78
N ALA B 84 16.50 -2.40 26.27
CA ALA B 84 15.17 -2.24 25.75
C ALA B 84 14.21 -3.07 26.61
N ILE B 85 12.91 -2.77 26.45
CA ILE B 85 11.84 -3.66 26.88
C ILE B 85 11.14 -4.20 25.64
N ALA B 86 11.06 -5.53 25.54
CA ALA B 86 10.46 -6.19 24.37
C ALA B 86 9.26 -7.07 24.73
N GLY B 87 8.99 -7.30 26.01
CA GLY B 87 7.97 -8.28 26.41
C GLY B 87 6.55 -7.81 26.10
N ILE B 88 5.78 -8.67 25.42
CA ILE B 88 4.40 -8.39 25.05
C ILE B 88 3.58 -8.12 26.31
N ASP B 89 3.63 -9.03 27.31
CA ASP B 89 2.79 -8.88 28.49
C ASP B 89 3.20 -7.64 29.29
N ASN B 90 4.51 -7.38 29.36
CA ASN B 90 5.01 -6.16 29.96
C ASN B 90 4.43 -4.93 29.26
N THR B 91 4.30 -5.02 27.93
CA THR B 91 3.84 -3.89 27.12
C THR B 91 2.33 -3.74 27.23
N VAL B 92 1.58 -4.85 27.39
CA VAL B 92 0.16 -4.72 27.65
C VAL B 92 -0.02 -3.90 28.93
N LYS B 93 0.76 -4.23 29.97
CA LYS B 93 0.53 -3.63 31.27
C LYS B 93 1.03 -2.19 31.27
N SER B 94 2.24 -1.96 30.76
CA SER B 94 2.85 -0.65 30.79
C SER B 94 3.42 -0.26 29.44
N PRO B 95 2.55 0.14 28.50
CA PRO B 95 2.99 0.69 27.23
C PRO B 95 3.88 1.93 27.35
N VAL B 96 3.69 2.74 28.41
CA VAL B 96 4.48 3.94 28.61
C VAL B 96 5.94 3.56 28.87
N ARG B 97 6.16 2.57 29.74
CA ARG B 97 7.53 2.15 30.03
C ARG B 97 8.19 1.61 28.74
N THR B 98 7.50 0.78 27.97
CA THR B 98 8.10 0.30 26.71
C THR B 98 8.47 1.44 25.77
N MET B 99 7.52 2.37 25.55
CA MET B 99 7.75 3.50 24.66
CA MET B 99 7.78 3.47 24.64
C MET B 99 8.93 4.32 25.15
N THR B 100 8.94 4.60 26.46
CA THR B 100 9.89 5.53 27.05
C THR B 100 11.29 4.91 27.04
N VAL B 101 11.38 3.68 27.54
CA VAL B 101 12.68 3.04 27.62
C VAL B 101 13.28 2.93 26.22
N ASN B 102 12.45 2.58 25.24
CA ASN B 102 12.95 2.28 23.89
C ASN B 102 13.25 3.56 23.09
N MET B 103 12.37 4.57 23.21
CA MET B 103 12.55 5.79 22.44
C MET B 103 13.55 6.72 23.11
N ILE B 104 13.30 7.03 24.38
CA ILE B 104 14.10 8.01 25.10
C ILE B 104 15.46 7.41 25.49
N GLY B 105 15.46 6.12 25.84
CA GLY B 105 16.71 5.39 26.08
C GLY B 105 17.67 5.46 24.89
N THR B 106 17.12 5.34 23.66
CA THR B 106 17.91 5.41 22.43
C THR B 106 18.42 6.83 22.20
N ALA B 107 17.59 7.85 22.38
CA ALA B 107 18.05 9.23 22.32
C ALA B 107 19.25 9.44 23.24
N ASN B 108 19.10 8.98 24.49
CA ASN B 108 20.08 9.18 25.55
C ASN B 108 21.37 8.48 25.19
N ALA B 109 21.26 7.24 24.68
CA ALA B 109 22.43 6.48 24.24
C ALA B 109 23.15 7.14 23.07
N LEU B 110 22.38 7.62 22.07
CA LEU B 110 22.95 8.38 20.95
C LEU B 110 23.71 9.61 21.46
N GLU B 111 23.07 10.38 22.35
CA GLU B 111 23.72 11.58 22.84
C GLU B 111 25.02 11.24 23.59
N ALA B 112 24.97 10.25 24.47
CA ALA B 112 26.18 9.79 25.16
C ALA B 112 27.30 9.43 24.18
N ALA B 113 26.97 8.67 23.13
CA ALA B 113 27.94 8.28 22.13
C ALA B 113 28.52 9.46 21.39
N HIS B 114 27.62 10.37 20.96
CA HIS B 114 27.99 11.60 20.29
C HIS B 114 28.95 12.43 21.15
N GLN B 115 28.64 12.57 22.45
CA GLN B 115 29.44 13.44 23.32
C GLN B 115 30.80 12.81 23.62
N ALA B 116 30.87 11.48 23.69
CA ALA B 116 32.14 10.80 23.92
C ALA B 116 33.21 11.27 22.93
N GLY B 117 32.82 11.44 21.66
CA GLY B 117 33.76 11.91 20.64
C GLY B 117 34.69 10.82 20.11
N THR B 118 34.59 9.59 20.64
CA THR B 118 35.59 8.58 20.34
C THR B 118 34.96 7.37 19.65
N VAL B 119 33.63 7.42 19.41
CA VAL B 119 32.92 6.22 18.98
C VAL B 119 33.18 5.98 17.50
N GLN B 120 33.63 4.75 17.18
CA GLN B 120 33.98 4.35 15.83
C GLN B 120 32.83 3.57 15.20
N ARG B 121 31.96 3.03 16.06
CA ARG B 121 30.77 2.36 15.58
C ARG B 121 29.70 2.41 16.67
N PHE B 122 28.52 2.90 16.30
CA PHE B 122 27.35 2.86 17.17
C PHE B 122 26.37 1.83 16.63
N LEU B 123 26.11 0.76 17.39
CA LEU B 123 25.19 -0.26 16.89
C LEU B 123 23.91 -0.25 17.69
N GLU B 124 22.81 -0.07 16.96
CA GLU B 124 21.48 0.13 17.52
C GLU B 124 20.64 -1.10 17.25
N PHE B 125 20.17 -1.79 18.29
CA PHE B 125 19.30 -2.93 18.09
C PHE B 125 17.89 -2.44 17.93
N SER B 126 17.31 -2.70 16.76
CA SER B 126 15.91 -2.43 16.51
C SER B 126 15.20 -3.78 16.48
N THR B 127 14.18 -3.91 15.64
CA THR B 127 13.41 -5.13 15.60
C THR B 127 12.80 -5.26 14.21
N SER B 128 12.53 -6.50 13.76
CA SER B 128 12.00 -6.74 12.43
C SER B 128 10.57 -6.20 12.27
N GLU B 129 9.78 -6.10 13.35
CA GLU B 129 8.36 -5.78 13.30
C GLU B 129 8.07 -4.35 12.85
N VAL B 130 9.09 -3.51 12.85
CA VAL B 130 9.15 -2.19 12.24
C VAL B 130 8.52 -2.21 10.84
N PHE B 131 8.86 -3.23 10.05
CA PHE B 131 8.41 -3.36 8.66
CA PHE B 131 8.40 -3.35 8.67
C PHE B 131 6.89 -3.55 8.63
N GLY B 132 6.41 -4.65 9.24
CA GLY B 132 4.99 -4.91 9.30
C GLY B 132 4.14 -3.76 9.87
N SER B 133 4.72 -2.96 10.78
CA SER B 133 3.98 -2.01 11.61
C SER B 133 3.34 -0.89 10.80
N ARG B 134 3.82 -0.69 9.57
CA ARG B 134 3.47 0.46 8.75
C ARG B 134 2.00 0.37 8.32
N ALA B 135 1.50 -0.85 8.12
CA ALA B 135 0.14 -1.07 7.63
C ALA B 135 -0.90 -1.05 8.77
N TYR B 136 -0.53 -0.50 9.94
CA TYR B 136 -1.47 -0.25 11.04
C TYR B 136 -1.34 1.21 11.46
N ARG B 137 -2.28 1.68 12.29
CA ARG B 137 -2.46 3.12 12.54
C ARG B 137 -2.87 3.35 14.00
N VAL B 138 -2.26 4.37 14.64
CA VAL B 138 -2.64 4.80 15.98
C VAL B 138 -4.18 4.83 16.04
N ASP B 139 -4.77 5.41 14.98
CA ASP B 139 -6.20 5.67 14.82
C ASP B 139 -7.04 4.39 14.93
N GLU B 140 -6.60 3.29 14.29
CA GLU B 140 -7.33 2.03 14.29
C GLU B 140 -7.30 1.40 15.69
N THR B 146 -8.12 -4.88 16.73
CA THR B 146 -7.12 -5.88 17.23
C THR B 146 -7.23 -6.04 18.76
N GLY B 147 -6.47 -7.01 19.28
CA GLY B 147 -6.52 -7.39 20.68
C GLY B 147 -5.34 -6.82 21.45
N ALA B 148 -5.25 -7.23 22.73
CA ALA B 148 -4.26 -6.72 23.65
C ALA B 148 -2.84 -7.05 23.14
N VAL B 149 -2.68 -8.30 22.65
CA VAL B 149 -1.40 -8.78 22.15
C VAL B 149 -1.01 -7.90 20.96
N GLY B 150 -1.94 -7.70 20.02
CA GLY B 150 -1.69 -6.91 18.83
C GLY B 150 -1.29 -5.45 19.13
N GLU B 151 -2.02 -4.83 20.07
CA GLU B 151 -1.75 -3.45 20.45
C GLU B 151 -0.37 -3.34 21.08
N ALA B 152 -0.04 -4.29 21.97
CA ALA B 152 1.27 -4.32 22.59
C ALA B 152 2.37 -4.57 21.55
N ARG B 153 2.15 -5.45 20.55
CA ARG B 153 3.21 -5.69 19.57
C ARG B 153 3.45 -4.44 18.73
N TRP B 154 2.37 -3.79 18.30
CA TRP B 154 2.42 -2.49 17.62
C TRP B 154 3.19 -1.45 18.45
N THR B 155 2.88 -1.37 19.76
CA THR B 155 3.53 -0.42 20.66
C THR B 155 5.03 -0.64 20.67
N TYR B 156 5.41 -1.90 20.83
CA TYR B 156 6.80 -2.28 20.75
C TYR B 156 7.40 -1.85 19.42
N ALA B 157 6.75 -2.22 18.31
CA ALA B 157 7.35 -1.98 17.00
C ALA B 157 7.58 -0.48 16.78
N VAL B 158 6.59 0.35 17.14
CA VAL B 158 6.72 1.78 16.86
C VAL B 158 7.70 2.45 17.81
N SER B 159 7.90 1.87 19.00
CA SER B 159 8.94 2.37 19.90
C SER B 159 10.33 2.18 19.32
N LYS B 160 10.55 1.05 18.67
CA LYS B 160 11.81 0.73 18.02
C LYS B 160 11.99 1.57 16.74
N LEU B 161 10.91 1.79 15.98
CA LEU B 161 10.99 2.62 14.77
C LEU B 161 11.42 4.05 15.14
N ALA B 162 10.87 4.60 16.24
CA ALA B 162 11.27 5.93 16.69
C ALA B 162 12.77 5.98 17.01
N GLY B 163 13.31 4.93 17.65
CA GLY B 163 14.74 4.85 17.86
C GLY B 163 15.55 4.83 16.57
N GLU B 164 15.05 4.17 15.51
CA GLU B 164 15.71 4.21 14.19
C GLU B 164 15.73 5.62 13.60
N HIS B 165 14.62 6.35 13.76
CA HIS B 165 14.53 7.74 13.31
C HIS B 165 15.59 8.61 14.01
N LEU B 166 15.71 8.48 15.35
CA LEU B 166 16.71 9.22 16.11
C LEU B 166 18.12 8.84 15.61
N THR B 167 18.32 7.54 15.36
CA THR B 167 19.62 7.02 14.96
C THR B 167 20.04 7.64 13.63
N HIS B 168 19.07 7.73 12.72
CA HIS B 168 19.25 8.38 11.43
C HIS B 168 19.64 9.86 11.56
N ALA B 169 18.89 10.58 12.40
CA ALA B 169 19.20 11.99 12.60
C ALA B 169 20.63 12.17 13.12
N TYR B 170 21.09 11.34 14.07
CA TYR B 170 22.45 11.49 14.57
C TYR B 170 23.47 11.19 13.46
N ASN B 171 23.18 10.18 12.67
CA ASN B 171 24.06 9.80 11.57
C ASN B 171 24.17 10.98 10.62
N ARG B 172 23.02 11.55 10.26
CA ARG B 172 22.99 12.62 9.27
C ARG B 172 23.63 13.89 9.80
N GLU B 173 23.25 14.31 11.01
CA GLU B 173 23.65 15.60 11.51
C GLU B 173 25.11 15.61 12.01
N HIS B 174 25.51 14.55 12.70
CA HIS B 174 26.75 14.58 13.44
C HIS B 174 27.79 13.63 12.87
N GLY B 175 27.40 12.88 11.84
CA GLY B 175 28.29 11.85 11.31
C GLY B 175 28.57 10.73 12.32
N LEU B 176 27.70 10.52 13.33
CA LEU B 176 27.91 9.38 14.21
C LEU B 176 27.91 8.12 13.37
N PRO B 177 28.88 7.19 13.45
CA PRO B 177 28.91 6.00 12.59
C PRO B 177 27.97 4.89 13.02
N THR B 178 26.68 5.03 12.67
CA THR B 178 25.63 4.19 13.20
C THR B 178 25.41 2.97 12.29
N VAL B 179 24.87 1.90 12.89
CA VAL B 179 24.41 0.71 12.19
C VAL B 179 23.13 0.31 12.90
N THR B 180 22.03 0.19 12.14
CA THR B 180 20.79 -0.33 12.68
C THR B 180 20.72 -1.83 12.40
N PHE B 181 20.47 -2.59 13.47
CA PHE B 181 20.60 -4.04 13.48
C PHE B 181 19.27 -4.61 13.99
N ARG B 182 18.56 -5.32 13.11
CA ARG B 182 17.23 -5.81 13.42
C ARG B 182 17.24 -7.33 13.35
N PRO B 183 17.43 -8.03 14.50
CA PRO B 183 17.41 -9.49 14.51
C PRO B 183 16.01 -10.02 14.33
N PHE B 184 15.86 -11.06 13.50
CA PHE B 184 14.70 -11.93 13.65
C PHE B 184 14.81 -12.57 15.04
N ASN B 185 13.71 -13.10 15.57
CA ASN B 185 13.67 -13.76 16.86
C ASN B 185 14.79 -14.80 16.97
N VAL B 186 15.65 -14.61 17.98
CA VAL B 186 16.85 -15.42 18.13
C VAL B 186 16.51 -16.63 18.98
N TYR B 187 16.93 -17.81 18.53
CA TYR B 187 16.81 -19.03 19.31
C TYR B 187 18.17 -19.71 19.36
N GLY B 188 18.30 -20.63 20.31
CA GLY B 188 19.53 -21.40 20.37
C GLY B 188 19.96 -21.66 21.80
N PRO B 189 21.08 -22.41 21.96
CA PRO B 189 21.68 -22.63 23.28
C PRO B 189 21.89 -21.28 23.97
N GLY B 190 21.64 -21.25 25.28
CA GLY B 190 21.72 -20.02 26.07
C GLY B 190 20.34 -19.46 26.40
N GLN B 191 19.42 -19.50 25.42
CA GLN B 191 18.07 -19.00 25.62
C GLN B 191 17.34 -19.92 26.60
N ILE B 192 16.91 -19.34 27.73
CA ILE B 192 15.95 -20.00 28.58
C ILE B 192 14.56 -19.77 27.97
N GLY B 193 13.90 -18.64 28.31
CA GLY B 193 12.80 -18.07 27.53
C GLY B 193 11.53 -18.92 27.47
N GLU B 194 10.42 -18.35 26.95
CA GLU B 194 9.16 -19.07 26.83
C GLU B 194 8.48 -18.81 25.47
N GLY B 195 9.28 -18.53 24.43
CA GLY B 195 8.82 -18.44 23.05
C GLY B 195 8.52 -19.82 22.45
N ALA B 196 7.97 -19.83 21.24
CA ALA B 196 7.38 -21.04 20.67
C ALA B 196 8.41 -22.16 20.53
N ILE B 197 9.63 -21.84 20.15
CA ILE B 197 10.60 -22.90 19.92
C ILE B 197 10.92 -23.59 21.24
N SER B 198 11.26 -22.83 22.27
CA SER B 198 11.66 -23.44 23.52
C SER B 198 10.49 -24.19 24.15
N ILE B 199 9.26 -23.67 24.07
CA ILE B 199 8.10 -24.35 24.61
C ILE B 199 7.88 -25.65 23.84
N MET B 200 7.93 -25.58 22.51
CA MET B 200 7.52 -26.71 21.68
C MET B 200 8.57 -27.83 21.74
N ILE B 201 9.86 -27.49 21.78
CA ILE B 201 10.92 -28.47 21.94
C ILE B 201 10.70 -29.20 23.27
N ARG B 202 10.44 -28.43 24.34
CA ARG B 202 10.33 -29.03 25.67
C ARG B 202 9.14 -29.97 25.72
N LYS B 203 8.02 -29.58 25.12
CA LYS B 203 6.87 -30.46 25.06
C LYS B 203 7.21 -31.70 24.24
N ALA B 204 7.85 -31.49 23.08
CA ALA B 204 8.07 -32.58 22.12
C ALA B 204 9.00 -33.64 22.70
N LEU B 205 10.01 -33.20 23.44
CA LEU B 205 10.99 -34.10 24.04
C LEU B 205 10.31 -35.10 24.97
N ASN B 206 9.25 -34.67 25.69
CA ASN B 206 8.51 -35.53 26.61
C ASN B 206 7.23 -36.07 25.98
N ASN B 207 7.07 -35.92 24.66
CA ASN B 207 5.88 -36.36 23.95
C ASN B 207 4.62 -35.74 24.55
N GLU B 208 4.70 -34.54 25.13
CA GLU B 208 3.51 -33.87 25.63
C GLU B 208 2.79 -33.20 24.48
N ASP B 209 1.47 -33.07 24.61
CA ASP B 209 0.66 -32.39 23.62
C ASP B 209 1.23 -30.99 23.35
N ILE B 210 1.28 -30.60 22.08
CA ILE B 210 1.58 -29.23 21.69
C ILE B 210 0.29 -28.56 21.23
N TYR B 211 -0.08 -27.42 21.84
CA TYR B 211 -1.28 -26.72 21.43
C TYR B 211 -0.91 -25.59 20.47
N ILE B 212 -1.73 -25.46 19.42
CA ILE B 212 -1.67 -24.36 18.46
C ILE B 212 -2.83 -23.42 18.75
N PHE B 213 -2.48 -22.19 19.16
CA PHE B 213 -3.46 -21.15 19.46
C PHE B 213 -3.81 -20.42 18.16
N GLY B 214 -5.07 -20.55 17.74
CA GLY B 214 -5.50 -20.02 16.47
C GLY B 214 -5.48 -21.09 15.37
N ASP B 215 -5.39 -20.65 14.11
CA ASP B 215 -5.48 -21.56 12.97
C ASP B 215 -4.10 -22.07 12.60
N GLY B 216 -3.05 -21.60 13.29
CA GLY B 216 -1.69 -22.09 13.13
C GLY B 216 -0.97 -21.56 11.90
N SER B 217 -1.59 -20.57 11.22
CA SER B 217 -1.10 -20.05 9.95
C SER B 217 -0.26 -18.79 10.13
N GLN B 218 -0.23 -18.21 11.34
CA GLN B 218 0.59 -17.08 11.67
C GLN B 218 2.06 -17.39 11.40
N ILE B 219 2.79 -16.40 10.89
CA ILE B 219 4.16 -16.56 10.44
C ILE B 219 5.13 -15.99 11.48
N ARG B 220 6.22 -16.71 11.69
CA ARG B 220 7.32 -16.25 12.52
C ARG B 220 8.61 -16.60 11.79
N ALA B 221 9.55 -15.65 11.82
CA ALA B 221 10.88 -15.85 11.29
C ALA B 221 11.88 -16.01 12.44
N TRP B 222 12.89 -16.85 12.22
CA TRP B 222 13.87 -17.06 13.27
C TRP B 222 15.30 -16.85 12.77
N CYS B 223 16.17 -16.64 13.75
CA CYS B 223 17.60 -16.60 13.53
C CYS B 223 18.30 -17.38 14.64
N TYR B 224 19.14 -18.36 14.26
CA TYR B 224 19.95 -19.08 15.24
C TYR B 224 21.00 -18.14 15.87
N VAL B 225 21.22 -18.31 17.18
CA VAL B 225 22.06 -17.41 17.98
C VAL B 225 23.42 -17.17 17.35
N ASP B 226 24.08 -18.23 16.83
CA ASP B 226 25.45 -18.11 16.35
C ASP B 226 25.48 -17.32 15.04
N ASP B 227 24.38 -17.40 14.28
CA ASP B 227 24.23 -16.65 13.04
C ASP B 227 24.10 -15.16 13.39
N MET B 228 23.23 -14.85 14.35
CA MET B 228 23.05 -13.47 14.77
C MET B 228 24.38 -12.88 15.21
N ILE B 229 25.19 -13.65 15.98
CA ILE B 229 26.47 -13.18 16.49
C ILE B 229 27.46 -12.93 15.36
N ASP B 230 27.57 -13.86 14.40
CA ASP B 230 28.46 -13.66 13.25
C ASP B 230 28.08 -12.39 12.51
N ALA B 231 26.76 -12.13 12.31
CA ALA B 231 26.31 -10.90 11.66
C ALA B 231 26.78 -9.67 12.44
N LEU B 232 26.65 -9.76 13.76
CA LEU B 232 26.92 -8.65 14.66
C LEU B 232 28.40 -8.28 14.58
N MET B 233 29.29 -9.28 14.55
CA MET B 233 30.73 -9.03 14.41
C MET B 233 31.02 -8.33 13.08
N LYS B 234 30.34 -8.74 12.01
CA LYS B 234 30.53 -8.06 10.75
C LYS B 234 30.01 -6.62 10.82
N ALA B 235 28.82 -6.46 11.40
CA ALA B 235 28.22 -5.13 11.50
C ALA B 235 29.09 -4.19 12.33
N LEU B 236 29.79 -4.75 13.34
CA LEU B 236 30.61 -3.94 14.24
C LEU B 236 31.92 -3.57 13.56
N SER B 237 32.31 -4.29 12.49
CA SER B 237 33.65 -4.16 11.94
C SER B 237 33.69 -3.52 10.56
N VAL B 238 32.92 -4.03 9.58
CA VAL B 238 33.18 -3.67 8.19
C VAL B 238 32.69 -2.24 7.95
N PRO B 239 33.46 -1.41 7.20
CA PRO B 239 33.10 -0.02 7.01
C PRO B 239 31.81 0.18 6.25
N GLN B 240 31.42 -0.80 5.41
CA GLN B 240 30.22 -0.66 4.60
C GLN B 240 28.95 -0.69 5.45
N ALA B 241 29.04 -1.13 6.73
CA ALA B 241 27.86 -1.11 7.59
C ALA B 241 27.41 0.32 7.96
N ILE B 242 28.32 1.30 7.91
CA ILE B 242 28.07 2.60 8.50
C ILE B 242 26.96 3.34 7.74
N GLY B 243 26.02 3.92 8.48
CA GLY B 243 24.92 4.63 7.86
C GLY B 243 23.83 3.70 7.35
N GLU B 244 23.90 2.40 7.70
CA GLU B 244 23.08 1.39 7.06
C GLU B 244 22.18 0.67 8.08
N SER B 245 21.07 0.09 7.60
CA SER B 245 20.17 -0.74 8.38
C SER B 245 20.13 -2.15 7.77
N PHE B 246 20.08 -3.18 8.65
CA PHE B 246 20.19 -4.58 8.26
C PHE B 246 19.14 -5.42 8.99
N ASN B 247 18.51 -6.30 8.21
CA ASN B 247 17.67 -7.37 8.73
C ASN B 247 18.48 -8.64 8.86
N ILE B 248 18.52 -9.21 10.06
CA ILE B 248 19.45 -10.28 10.40
C ILE B 248 18.67 -11.53 10.74
N GLY B 249 18.65 -12.47 9.78
CA GLY B 249 17.98 -13.72 10.01
C GLY B 249 18.25 -14.70 8.88
N ASN B 250 17.42 -15.74 8.84
CA ASN B 250 17.61 -16.82 7.89
C ASN B 250 16.34 -16.95 7.05
N ALA B 251 16.48 -16.77 5.73
CA ALA B 251 15.34 -16.81 4.83
C ALA B 251 14.68 -18.20 4.84
N ARG B 252 15.47 -19.23 5.22
CA ARG B 252 15.01 -20.61 5.25
C ARG B 252 14.32 -20.97 6.56
N ALA B 253 14.28 -20.04 7.53
CA ALA B 253 13.73 -20.25 8.85
C ALA B 253 12.52 -19.34 9.06
N ILE B 254 11.73 -19.15 8.00
CA ILE B 254 10.47 -18.46 8.07
C ILE B 254 9.38 -19.50 7.99
N THR B 255 8.52 -19.59 9.01
CA THR B 255 7.54 -20.66 8.95
C THR B 255 6.19 -20.26 9.59
N THR B 256 5.15 -21.06 9.36
CA THR B 256 3.93 -20.97 10.15
C THR B 256 4.15 -21.67 11.49
N ILE B 257 3.28 -21.39 12.47
CA ILE B 257 3.42 -21.95 13.80
C ILE B 257 3.09 -23.45 13.75
N TYR B 258 2.13 -23.79 12.89
CA TYR B 258 1.80 -25.20 12.71
C TYR B 258 2.96 -25.93 12.04
N GLY B 259 3.52 -25.32 11.00
CA GLY B 259 4.67 -25.87 10.31
C GLY B 259 5.88 -25.99 11.22
N LEU B 260 6.03 -25.04 12.17
CA LEU B 260 7.13 -25.12 13.13
C LEU B 260 6.94 -26.32 14.06
N ALA B 261 5.71 -26.56 14.51
CA ALA B 261 5.42 -27.67 15.41
C ALA B 261 5.70 -29.01 14.73
N GLN B 262 5.34 -29.12 13.45
CA GLN B 262 5.58 -30.32 12.68
C GLN B 262 7.09 -30.52 12.49
N THR B 263 7.83 -29.45 12.20
CA THR B 263 9.25 -29.54 12.02
C THR B 263 9.94 -30.05 13.30
N ILE B 264 9.60 -29.45 14.43
CA ILE B 264 10.21 -29.80 15.70
C ILE B 264 9.92 -31.26 16.04
N CYS B 265 8.66 -31.68 15.99
CA CYS B 265 8.30 -33.05 16.28
C CYS B 265 9.01 -34.04 15.35
N ARG B 266 9.11 -33.70 14.06
CA ARG B 266 9.80 -34.55 13.10
C ARG B 266 11.28 -34.66 13.44
N VAL B 267 11.93 -33.51 13.66
CA VAL B 267 13.38 -33.49 13.77
C VAL B 267 13.83 -34.14 15.08
N LEU B 268 12.95 -34.12 16.10
CA LEU B 268 13.28 -34.69 17.41
C LEU B 268 12.71 -36.10 17.55
N ASN B 269 12.07 -36.61 16.49
CA ASN B 269 11.48 -37.93 16.49
C ASN B 269 10.48 -38.04 17.63
N SER B 270 9.74 -36.95 17.85
CA SER B 270 8.78 -36.88 18.93
C SER B 270 7.47 -37.53 18.50
N LYS B 271 6.72 -38.02 19.50
CA LYS B 271 5.40 -38.59 19.31
C LYS B 271 4.32 -37.61 19.76
N SER B 272 4.70 -36.38 20.09
CA SER B 272 3.78 -35.37 20.58
C SER B 272 2.62 -35.22 19.60
N GLU B 273 1.41 -35.12 20.15
CA GLU B 273 0.24 -34.81 19.37
C GLU B 273 0.13 -33.28 19.33
N ILE B 274 -0.33 -32.74 18.20
CA ILE B 274 -0.45 -31.31 18.02
C ILE B 274 -1.93 -30.95 18.01
N ILE B 275 -2.39 -30.04 18.89
CA ILE B 275 -3.82 -29.79 19.01
C ILE B 275 -4.16 -28.31 18.85
N PHE B 276 -5.24 -28.04 18.11
CA PHE B 276 -5.71 -26.69 17.85
C PHE B 276 -6.60 -26.21 19.00
N ARG B 277 -6.26 -25.04 19.58
CA ARG B 277 -7.06 -24.34 20.58
C ARG B 277 -7.52 -22.99 20.02
N GLU B 278 -8.54 -22.37 20.64
CA GLU B 278 -8.90 -20.99 20.29
C GLU B 278 -7.76 -20.08 20.74
N ALA B 279 -7.48 -19.01 19.97
CA ALA B 279 -6.46 -18.04 20.39
C ALA B 279 -7.01 -17.24 21.56
N LEU B 280 -6.08 -16.79 22.42
CA LEU B 280 -6.38 -16.06 23.64
C LEU B 280 -6.47 -14.56 23.37
N SER B 281 -5.94 -14.09 22.23
CA SER B 281 -5.97 -12.69 21.86
C SER B 281 -5.68 -12.55 20.36
N ALA B 282 -6.36 -11.61 19.71
CA ALA B 282 -6.03 -11.25 18.34
C ALA B 282 -4.64 -10.60 18.32
N ASP B 283 -3.89 -10.93 17.26
CA ASP B 283 -2.58 -10.36 17.02
C ASP B 283 -2.66 -9.58 15.71
N ILE B 284 -1.60 -8.79 15.42
CA ILE B 284 -1.47 -8.11 14.15
C ILE B 284 -0.57 -8.93 13.24
N GLU B 285 -0.87 -8.88 11.95
CA GLU B 285 -0.12 -9.63 10.96
C GLU B 285 0.95 -8.67 10.42
N LEU B 286 2.22 -9.06 10.57
CA LEU B 286 3.33 -8.29 10.08
C LEU B 286 4.05 -9.12 9.00
N ARG B 287 4.54 -8.44 7.96
CA ARG B 287 5.25 -9.13 6.88
C ARG B 287 6.72 -9.21 7.27
N ILE B 288 7.40 -10.28 6.82
CA ILE B 288 8.81 -10.47 7.15
C ILE B 288 9.65 -9.73 6.11
N PRO B 289 10.63 -8.90 6.52
CA PRO B 289 11.47 -8.20 5.54
C PRO B 289 12.53 -9.09 4.90
N ASN B 290 13.06 -8.59 3.79
CA ASN B 290 14.09 -9.17 2.97
C ASN B 290 15.42 -9.11 3.72
N VAL B 291 16.31 -10.10 3.55
CA VAL B 291 17.60 -10.10 4.24
C VAL B 291 18.79 -9.92 3.28
N ASP B 292 18.54 -9.57 2.01
CA ASP B 292 19.58 -9.55 0.99
C ASP B 292 20.68 -8.52 1.23
N LYS B 293 20.35 -7.36 1.81
CA LYS B 293 21.32 -6.30 1.97
C LYS B 293 22.38 -6.72 2.99
N SER B 294 22.00 -7.56 3.95
CA SER B 294 22.96 -8.07 4.89
C SER B 294 23.98 -8.94 4.15
N GLU B 295 23.49 -9.72 3.19
CA GLU B 295 24.37 -10.52 2.35
C GLU B 295 25.26 -9.57 1.55
N GLU B 296 24.65 -8.60 0.88
CA GLU B 296 25.38 -7.77 -0.07
C GLU B 296 26.48 -7.00 0.63
N LEU B 297 26.20 -6.37 1.78
CA LEU B 297 27.12 -5.41 2.36
C LEU B 297 27.93 -5.99 3.53
N LEU B 298 27.31 -6.82 4.37
CA LEU B 298 28.04 -7.42 5.47
C LEU B 298 28.74 -8.70 5.05
N GLY B 299 28.37 -9.26 3.88
CA GLY B 299 28.85 -10.59 3.55
C GLY B 299 28.31 -11.65 4.52
N PHE B 300 27.07 -11.44 4.98
CA PHE B 300 26.48 -12.34 5.94
C PHE B 300 25.35 -13.12 5.30
N LYS B 301 25.44 -14.46 5.41
CA LYS B 301 24.33 -15.33 5.05
C LYS B 301 24.23 -16.42 6.11
N ALA B 302 23.03 -16.54 6.69
CA ALA B 302 22.85 -17.46 7.80
C ALA B 302 23.25 -18.87 7.37
N GLN B 303 23.99 -19.58 8.24
CA GLN B 303 24.49 -20.93 7.93
C GLN B 303 23.79 -22.02 8.72
N VAL B 304 22.96 -21.66 9.71
CA VAL B 304 22.33 -22.67 10.54
C VAL B 304 20.85 -22.72 10.22
N ASP B 305 20.45 -23.79 9.53
CA ASP B 305 19.07 -23.91 9.09
C ASP B 305 18.29 -24.53 10.24
N LEU B 306 16.97 -24.60 10.13
CA LEU B 306 16.14 -25.00 11.26
C LEU B 306 16.48 -26.39 11.83
N GLU B 307 16.64 -27.42 10.99
CA GLU B 307 16.86 -28.77 11.51
C GLU B 307 18.03 -28.80 12.47
N GLU B 308 19.16 -28.26 12.04
CA GLU B 308 20.38 -28.17 12.81
C GLU B 308 20.16 -27.34 14.06
N GLY B 309 19.58 -26.15 13.87
CA GLY B 309 19.38 -25.24 14.99
C GLY B 309 18.48 -25.84 16.07
N LEU B 310 17.42 -26.53 15.65
CA LEU B 310 16.46 -27.04 16.59
C LEU B 310 17.09 -28.18 17.40
N ILE B 311 17.88 -29.02 16.72
CA ILE B 311 18.56 -30.12 17.38
C ILE B 311 19.56 -29.56 18.40
N ARG B 312 20.39 -28.61 17.98
CA ARG B 312 21.40 -28.07 18.89
C ARG B 312 20.70 -27.47 20.11
N THR B 313 19.54 -26.83 19.86
CA THR B 313 18.76 -26.22 20.91
C THR B 313 18.20 -27.30 21.84
N ALA B 314 17.62 -28.34 21.27
CA ALA B 314 17.07 -29.44 22.06
C ALA B 314 18.18 -30.10 22.88
N ASP B 315 19.41 -30.14 22.34
CA ASP B 315 20.52 -30.77 23.04
C ASP B 315 20.81 -29.95 24.30
N TRP B 316 20.93 -28.63 24.14
CA TRP B 316 21.23 -27.76 25.26
C TRP B 316 20.10 -27.76 26.28
N LEU B 317 18.85 -27.81 25.83
CA LEU B 317 17.72 -27.79 26.75
C LEU B 317 17.76 -29.05 27.63
N SER B 318 18.04 -30.22 27.03
CA SER B 318 18.12 -31.49 27.75
C SER B 318 19.31 -31.52 28.70
N ALA B 319 20.46 -30.99 28.26
CA ALA B 319 21.66 -30.90 29.08
C ALA B 319 21.39 -30.05 30.32
N ASN B 320 20.53 -29.04 30.19
CA ASN B 320 20.38 -28.00 31.22
C ASN B 320 18.95 -27.99 31.75
N MET B 321 18.33 -29.17 31.92
CA MET B 321 16.89 -29.25 32.10
C MET B 321 16.43 -28.75 33.47
N ASN B 322 17.37 -28.44 34.37
CA ASN B 322 17.06 -27.90 35.68
C ASN B 322 17.33 -26.40 35.70
N ASP B 323 16.40 -25.62 35.13
CA ASP B 323 16.50 -24.16 35.13
C ASP B 323 15.35 -23.52 34.33
N LEU B 324 14.09 -23.91 34.63
CA LEU B 324 12.90 -23.13 34.28
C LEU B 324 11.66 -24.01 34.50
N PRO B 325 10.46 -23.49 34.17
CA PRO B 325 9.20 -24.22 34.29
C PRO B 325 8.04 -23.29 33.94
N VAL B 326 7.01 -23.80 33.25
CA VAL B 326 6.00 -22.94 32.62
C VAL B 326 4.66 -23.66 32.50
N MET B 327 3.64 -22.94 32.01
CA MET B 327 2.29 -23.48 31.86
C MET B 327 1.55 -22.72 30.76
N HIS C 2 -18.59 14.10 31.04
CA HIS C 2 -17.25 14.76 30.96
C HIS C 2 -17.30 15.95 30.00
N MET C 3 -18.47 16.56 29.83
CA MET C 3 -18.57 17.83 29.14
C MET C 3 -17.92 18.88 30.03
N ILE C 4 -16.88 19.53 29.52
CA ILE C 4 -16.17 20.58 30.25
C ILE C 4 -16.70 21.92 29.79
N GLU C 5 -17.01 22.76 30.77
CA GLU C 5 -17.33 24.15 30.53
C GLU C 5 -16.02 24.95 30.62
N LEU C 6 -15.71 25.75 29.59
CA LEU C 6 -14.41 26.41 29.51
C LEU C 6 -14.44 27.78 30.20
N THR C 7 -14.84 27.77 31.47
CA THR C 7 -14.73 28.93 32.33
C THR C 7 -14.35 28.42 33.71
N GLY C 8 -13.61 29.25 34.44
CA GLY C 8 -13.25 28.93 35.81
C GLY C 8 -12.23 27.79 35.88
N LYS C 9 -11.44 27.59 34.82
CA LYS C 9 -10.52 26.47 34.77
C LYS C 9 -9.10 26.98 34.89
N LYS C 10 -8.21 26.11 35.39
CA LYS C 10 -6.78 26.36 35.34
C LYS C 10 -6.22 25.72 34.07
N ILE C 11 -5.80 26.55 33.12
CA ILE C 11 -5.39 26.09 31.81
C ILE C 11 -3.88 26.27 31.66
N PHE C 12 -3.16 25.22 31.25
CA PHE C 12 -1.71 25.28 31.12
C PHE C 12 -1.38 25.00 29.66
N ILE C 13 -0.55 25.84 29.02
CA ILE C 13 -0.29 25.77 27.59
C ILE C 13 1.21 25.85 27.36
N THR C 14 1.81 24.71 26.98
CA THR C 14 3.19 24.73 26.57
C THR C 14 3.20 25.34 25.19
N GLY C 15 4.28 26.05 24.83
CA GLY C 15 4.24 26.74 23.55
C GLY C 15 3.18 27.82 23.46
N GLY C 16 2.70 28.34 24.61
CA GLY C 16 1.56 29.24 24.63
C GLY C 16 1.86 30.64 24.12
N ALA C 17 3.14 30.98 23.94
CA ALA C 17 3.52 32.29 23.44
C ALA C 17 3.43 32.38 21.93
N GLY C 18 3.24 31.24 21.25
CA GLY C 18 3.22 31.22 19.80
C GLY C 18 1.86 31.66 19.22
N PHE C 19 1.64 31.28 17.96
CA PHE C 19 0.54 31.81 17.19
C PHE C 19 -0.77 31.20 17.71
N ILE C 20 -0.84 29.86 17.77
CA ILE C 20 -2.10 29.23 18.13
C ILE C 20 -2.41 29.43 19.61
N GLY C 21 -1.40 29.24 20.46
CA GLY C 21 -1.55 29.55 21.87
C GLY C 21 -2.04 30.97 22.13
N SER C 22 -1.34 31.98 21.60
CA SER C 22 -1.74 33.39 21.76
C SER C 22 -3.20 33.58 21.38
N THR C 23 -3.58 33.03 20.21
CA THR C 23 -4.90 33.18 19.65
C THR C 23 -5.92 32.54 20.59
N LEU C 24 -5.63 31.34 21.08
CA LEU C 24 -6.57 30.67 21.98
C LEU C 24 -6.68 31.42 23.31
N ILE C 25 -5.58 31.96 23.82
CA ILE C 25 -5.62 32.73 25.06
C ILE C 25 -6.60 33.91 24.91
N GLY C 26 -6.51 34.65 23.79
CA GLY C 26 -7.41 35.77 23.53
C GLY C 26 -8.86 35.44 23.84
N ARG C 27 -9.28 34.21 23.48
CA ARG C 27 -10.64 33.74 23.58
C ARG C 27 -11.01 33.21 24.96
N LEU C 28 -10.02 32.87 25.84
CA LEU C 28 -10.33 32.19 27.10
C LEU C 28 -9.86 32.99 28.33
N ILE C 29 -9.05 34.03 28.14
CA ILE C 29 -8.32 34.63 29.25
C ILE C 29 -9.28 35.40 30.15
N GLU C 30 -10.42 35.85 29.60
CA GLU C 30 -11.32 36.66 30.40
C GLU C 30 -11.90 35.79 31.53
N ASN C 31 -12.12 34.50 31.26
CA ASN C 31 -12.87 33.65 32.17
C ASN C 31 -12.04 32.49 32.74
N ASN C 32 -10.71 32.51 32.60
CA ASN C 32 -9.89 31.40 33.04
C ASN C 32 -8.53 31.88 33.53
N GLU C 33 -8.00 31.14 34.52
CA GLU C 33 -6.61 31.21 34.94
C GLU C 33 -5.77 30.49 33.86
N MET C 34 -4.84 31.20 33.23
CA MET C 34 -4.08 30.62 32.15
C MET C 34 -2.58 30.75 32.41
N ILE C 35 -1.84 29.64 32.21
CA ILE C 35 -0.40 29.58 32.42
C ILE C 35 0.25 29.17 31.11
N VAL C 36 1.22 29.97 30.66
CA VAL C 36 2.01 29.69 29.48
C VAL C 36 3.37 29.17 29.90
N TYR C 37 3.80 28.07 29.26
CA TYR C 37 5.11 27.54 29.50
C TYR C 37 5.84 27.51 28.16
N ASP C 38 6.83 28.39 27.97
CA ASP C 38 7.39 28.56 26.65
C ASP C 38 8.81 29.14 26.80
N ASN C 39 9.73 28.75 25.93
CA ASN C 39 11.12 29.24 26.04
C ASN C 39 11.32 30.52 25.22
N LEU C 40 10.27 30.97 24.55
CA LEU C 40 10.23 32.23 23.81
C LEU C 40 11.19 32.22 22.61
N GLU C 41 11.31 31.05 21.96
CA GLU C 41 11.91 31.00 20.64
C GLU C 41 11.05 31.84 19.70
N ARG C 42 9.73 31.74 19.83
CA ARG C 42 8.79 32.70 19.28
C ARG C 42 8.11 33.44 20.42
N ASN C 43 7.60 34.65 20.16
CA ASN C 43 6.79 35.34 21.14
C ASN C 43 5.77 36.26 20.47
N THR C 44 4.69 35.69 19.91
CA THR C 44 3.54 36.44 19.43
C THR C 44 2.76 37.06 20.60
N LEU C 45 2.67 36.35 21.71
CA LEU C 45 1.86 36.74 22.85
C LEU C 45 2.16 38.18 23.29
N LYS C 46 3.43 38.57 23.31
CA LYS C 46 3.83 39.86 23.84
C LYS C 46 3.19 41.00 23.05
N SER C 47 2.98 40.80 21.74
CA SER C 47 2.41 41.82 20.87
C SER C 47 0.91 41.97 21.10
N GLN C 48 0.30 41.10 21.92
CA GLN C 48 -1.15 41.08 22.04
C GLN C 48 -1.56 42.10 23.11
N PRO C 49 -2.82 42.59 23.08
CA PRO C 49 -3.30 43.52 24.10
C PRO C 49 -3.62 42.87 25.45
N PHE C 50 -3.76 41.53 25.47
CA PHE C 50 -3.99 40.80 26.70
C PHE C 50 -2.67 40.20 27.23
N ALA C 51 -1.52 40.63 26.70
CA ALA C 51 -0.23 40.12 27.13
C ALA C 51 -0.04 40.22 28.64
N ASN C 52 -0.62 41.26 29.27
CA ASN C 52 -0.42 41.51 30.69
C ASN C 52 -1.74 41.36 31.45
N HIS C 53 -2.65 40.51 30.97
CA HIS C 53 -3.90 40.28 31.69
C HIS C 53 -3.62 39.70 33.09
N LYS C 54 -4.37 40.18 34.09
CA LYS C 54 -4.28 39.66 35.45
C LYS C 54 -4.47 38.13 35.50
N ASN C 55 -5.21 37.54 34.55
CA ASN C 55 -5.45 36.10 34.57
C ASN C 55 -4.29 35.29 33.95
N LEU C 56 -3.21 35.95 33.49
CA LEU C 56 -2.21 35.29 32.66
C LEU C 56 -0.86 35.27 33.38
N THR C 57 -0.23 34.09 33.42
CA THR C 57 1.12 33.91 33.93
C THR C 57 1.96 33.30 32.82
N LEU C 58 3.13 33.89 32.60
CA LEU C 58 4.12 33.36 31.66
C LEU C 58 5.25 32.72 32.46
N ILE C 59 5.51 31.43 32.22
CA ILE C 59 6.68 30.76 32.80
C ILE C 59 7.65 30.50 31.65
N GLN C 60 8.83 31.11 31.70
CA GLN C 60 9.83 30.86 30.69
C GLN C 60 10.60 29.58 31.04
N GLY C 61 10.39 28.54 30.21
CA GLY C 61 11.05 27.29 30.41
C GLY C 61 11.00 26.44 29.15
N ASN C 62 11.81 25.40 29.18
CA ASN C 62 11.95 24.47 28.07
C ASN C 62 11.20 23.18 28.37
N VAL C 63 10.54 22.60 27.36
CA VAL C 63 9.80 21.38 27.63
C VAL C 63 10.78 20.21 27.81
N LEU C 64 12.08 20.40 27.51
CA LEU C 64 13.09 19.40 27.80
C LEU C 64 13.49 19.37 29.27
N ASP C 65 13.11 20.42 30.03
CA ASP C 65 13.42 20.53 31.46
C ASP C 65 12.31 19.82 32.24
N GLN C 66 12.47 18.50 32.44
CA GLN C 66 11.36 17.70 32.95
C GLN C 66 10.94 18.20 34.33
N GLU C 67 11.90 18.58 35.18
CA GLU C 67 11.55 18.95 36.55
C GLU C 67 10.69 20.21 36.55
N LYS C 68 11.14 21.20 35.77
CA LYS C 68 10.45 22.49 35.76
C LYS C 68 9.02 22.35 35.19
N ILE C 69 8.82 21.55 34.14
CA ILE C 69 7.50 21.47 33.54
C ILE C 69 6.57 20.70 34.48
N ILE C 70 7.06 19.65 35.13
CA ILE C 70 6.22 18.95 36.10
C ILE C 70 5.72 19.95 37.16
N GLU C 71 6.64 20.72 37.71
CA GLU C 71 6.29 21.69 38.76
C GLU C 71 5.29 22.72 38.25
N ALA C 72 5.54 23.25 37.06
CA ALA C 72 4.73 24.34 36.52
C ALA C 72 3.29 23.87 36.29
N ALA C 73 3.09 22.57 36.00
CA ALA C 73 1.80 22.04 35.58
C ALA C 73 0.92 21.61 36.76
N LYS C 74 1.45 21.64 37.98
CA LYS C 74 0.68 21.27 39.16
C LYS C 74 -0.67 21.98 39.18
N GLY C 75 -1.73 21.21 39.47
CA GLY C 75 -3.06 21.76 39.61
C GLY C 75 -3.79 22.01 38.28
N SER C 76 -3.11 21.86 37.15
CA SER C 76 -3.73 22.23 35.88
C SER C 76 -4.91 21.30 35.57
N GLU C 77 -6.00 21.89 35.07
CA GLU C 77 -7.21 21.15 34.75
C GLU C 77 -7.36 20.95 33.24
N ILE C 78 -6.85 21.88 32.43
CA ILE C 78 -6.77 21.66 30.99
C ILE C 78 -5.31 21.88 30.62
N PHE C 79 -4.71 20.90 29.94
CA PHE C 79 -3.30 20.93 29.58
C PHE C 79 -3.22 20.84 28.06
N ILE C 80 -2.59 21.85 27.45
CA ILE C 80 -2.48 21.96 26.02
C ILE C 80 -1.01 21.97 25.69
N HIS C 81 -0.57 20.97 24.90
CA HIS C 81 0.84 20.85 24.54
C HIS C 81 1.01 21.36 23.12
N ALA C 82 1.47 22.62 22.99
CA ALA C 82 1.69 23.24 21.69
C ALA C 82 3.16 23.47 21.38
N ALA C 83 4.07 23.31 22.36
CA ALA C 83 5.49 23.55 22.08
C ALA C 83 6.07 22.55 21.08
N ALA C 84 6.80 23.05 20.08
CA ALA C 84 7.40 22.21 19.08
C ALA C 84 8.33 23.05 18.20
N ILE C 85 9.09 22.35 17.38
CA ILE C 85 9.87 22.90 16.29
C ILE C 85 9.29 22.31 15.02
N ALA C 86 8.88 23.20 14.09
CA ALA C 86 8.22 22.84 12.85
C ALA C 86 8.98 23.41 11.65
N GLY C 87 10.08 24.14 11.88
CA GLY C 87 10.76 24.85 10.80
C GLY C 87 11.54 23.88 9.91
N ILE C 88 11.30 23.99 8.60
CA ILE C 88 11.95 23.13 7.62
C ILE C 88 13.43 23.46 7.59
N ASP C 89 13.78 24.74 7.47
CA ASP C 89 15.19 25.08 7.35
C ASP C 89 15.95 24.69 8.62
N ASN C 90 15.33 24.87 9.79
CA ASN C 90 16.01 24.51 11.03
C ASN C 90 16.16 23.00 11.11
N THR C 91 15.18 22.25 10.62
CA THR C 91 15.20 20.81 10.68
C THR C 91 16.22 20.25 9.67
N VAL C 92 16.49 20.99 8.58
CA VAL C 92 17.57 20.62 7.68
C VAL C 92 18.89 20.68 8.43
N LYS C 93 19.10 21.80 9.14
CA LYS C 93 20.36 22.07 9.80
C LYS C 93 20.51 21.17 11.03
N SER C 94 19.44 21.02 11.83
CA SER C 94 19.54 20.22 13.03
C SER C 94 18.34 19.30 13.14
N PRO C 95 18.31 18.12 12.46
CA PRO C 95 17.21 17.18 12.69
C PRO C 95 17.18 16.61 14.11
N VAL C 96 18.32 16.58 14.80
CA VAL C 96 18.33 16.03 16.15
C VAL C 96 17.49 16.90 17.08
N ARG C 97 17.62 18.21 16.93
CA ARG C 97 16.92 19.17 17.77
C ARG C 97 15.41 19.06 17.55
N THR C 98 14.99 18.93 16.29
CA THR C 98 13.56 18.79 15.99
C THR C 98 13.01 17.52 16.63
N MET C 99 13.69 16.39 16.41
CA MET C 99 13.25 15.11 16.93
C MET C 99 13.22 15.16 18.47
N THR C 100 14.25 15.74 19.07
CA THR C 100 14.38 15.76 20.53
C THR C 100 13.30 16.62 21.18
N VAL C 101 13.15 17.85 20.70
CA VAL C 101 12.16 18.76 21.27
C VAL C 101 10.77 18.17 21.10
N ASN C 102 10.49 17.61 19.93
CA ASN C 102 9.12 17.15 19.66
C ASN C 102 8.78 15.86 20.40
N MET C 103 9.70 14.89 20.39
CA MET C 103 9.46 13.58 20.99
C MET C 103 9.60 13.67 22.49
N ILE C 104 10.75 14.15 22.97
CA ILE C 104 11.03 14.19 24.40
CA ILE C 104 11.03 14.19 24.40
C ILE C 104 10.23 15.30 25.08
N GLY C 105 9.98 16.42 24.37
CA GLY C 105 9.16 17.47 24.94
C GLY C 105 7.73 16.98 25.20
N THR C 106 7.22 16.16 24.27
CA THR C 106 5.89 15.60 24.38
C THR C 106 5.87 14.56 25.51
N ALA C 107 6.87 13.67 25.60
CA ALA C 107 7.00 12.74 26.73
C ALA C 107 6.95 13.50 28.05
N ASN C 108 7.69 14.59 28.15
CA ASN C 108 7.74 15.35 29.39
C ASN C 108 6.43 16.04 29.71
N ALA C 109 5.73 16.51 28.66
CA ALA C 109 4.44 17.16 28.81
C ALA C 109 3.41 16.18 29.36
N LEU C 110 3.38 14.98 28.77
CA LEU C 110 2.46 13.92 29.21
C LEU C 110 2.72 13.53 30.66
N GLU C 111 4.00 13.33 31.03
CA GLU C 111 4.40 12.98 32.37
C GLU C 111 3.99 14.08 33.36
N ALA C 112 4.22 15.36 33.02
CA ALA C 112 3.79 16.48 33.84
C ALA C 112 2.27 16.47 34.03
N ALA C 113 1.50 16.15 32.96
CA ALA C 113 0.06 16.12 33.08
C ALA C 113 -0.36 14.95 33.97
N HIS C 114 0.26 13.81 33.74
CA HIS C 114 -0.06 12.61 34.52
C HIS C 114 0.20 12.85 36.01
N GLN C 115 1.38 13.43 36.33
CA GLN C 115 1.81 13.64 37.71
C GLN C 115 0.89 14.62 38.43
N ALA C 116 0.33 15.60 37.69
CA ALA C 116 -0.53 16.62 38.27
C ALA C 116 -1.79 15.97 38.87
N GLY C 117 -2.32 14.95 38.19
CA GLY C 117 -3.47 14.18 38.66
C GLY C 117 -4.81 14.88 38.49
N THR C 118 -4.80 16.16 38.07
CA THR C 118 -5.97 17.01 38.03
C THR C 118 -6.43 17.29 36.60
N VAL C 119 -5.76 16.70 35.59
CA VAL C 119 -6.02 17.07 34.20
C VAL C 119 -7.28 16.40 33.68
N GLN C 120 -8.23 17.24 33.25
CA GLN C 120 -9.50 16.81 32.69
C GLN C 120 -9.45 16.69 31.17
N ARG C 121 -8.48 17.37 30.54
CA ARG C 121 -8.31 17.27 29.10
C ARG C 121 -6.87 17.62 28.78
N PHE C 122 -6.21 16.68 28.08
CA PHE C 122 -4.85 16.86 27.58
C PHE C 122 -4.93 16.89 26.05
N LEU C 123 -4.58 18.02 25.45
CA LEU C 123 -4.64 18.17 24.01
C LEU C 123 -3.24 18.36 23.46
N GLU C 124 -2.85 17.43 22.61
CA GLU C 124 -1.54 17.46 21.99
C GLU C 124 -1.72 17.90 20.53
N PHE C 125 -0.93 18.90 20.15
CA PHE C 125 -0.82 19.33 18.76
C PHE C 125 0.12 18.39 18.00
N SER C 126 -0.42 17.66 17.05
CA SER C 126 0.40 16.93 16.12
C SER C 126 0.45 17.73 14.80
N THR C 127 0.38 17.05 13.65
CA THR C 127 0.50 17.68 12.36
C THR C 127 -0.05 16.72 11.31
N SER C 128 -0.61 17.24 10.23
CA SER C 128 -1.28 16.44 9.18
C SER C 128 -0.30 15.56 8.43
N GLU C 129 1.00 15.93 8.34
CA GLU C 129 1.97 15.24 7.50
C GLU C 129 2.35 13.84 8.00
N VAL C 130 1.94 13.53 9.22
CA VAL C 130 1.99 12.20 9.78
C VAL C 130 1.37 11.18 8.82
N PHE C 131 0.24 11.53 8.19
CA PHE C 131 -0.46 10.61 7.30
CA PHE C 131 -0.49 10.63 7.30
C PHE C 131 0.35 10.33 6.06
N GLY C 132 0.86 11.39 5.41
CA GLY C 132 1.70 11.20 4.24
C GLY C 132 2.94 10.35 4.56
N SER C 133 3.55 10.54 5.74
CA SER C 133 4.91 10.07 6.02
C SER C 133 5.04 8.55 5.91
N ARG C 134 3.92 7.81 6.01
CA ARG C 134 3.93 6.35 5.96
C ARG C 134 4.40 5.85 4.59
N ALA C 135 4.25 6.69 3.57
CA ALA C 135 4.73 6.39 2.23
C ALA C 135 6.25 6.14 2.21
N TYR C 136 7.00 6.73 3.16
CA TYR C 136 8.45 6.74 3.09
C TYR C 136 9.06 5.82 4.14
N ARG C 137 10.36 5.53 3.95
CA ARG C 137 11.12 4.58 4.74
C ARG C 137 12.43 5.24 5.19
N VAL C 138 12.72 5.22 6.51
CA VAL C 138 13.92 5.86 7.06
C VAL C 138 15.17 5.38 6.31
N ASP C 139 15.26 4.06 6.02
CA ASP C 139 16.44 3.46 5.41
C ASP C 139 16.44 3.64 3.89
N GLU C 140 15.43 4.33 3.34
CA GLU C 140 15.30 4.59 1.90
C GLU C 140 15.67 6.04 1.55
N LEU C 141 15.45 6.99 2.48
CA LEU C 141 15.65 8.42 2.21
C LEU C 141 16.99 8.66 1.50
N ASN C 142 16.96 9.53 0.47
CA ASN C 142 18.16 9.88 -0.29
C ASN C 142 18.27 11.40 -0.34
N THR C 146 14.05 12.52 -1.94
CA THR C 146 13.49 13.40 -0.88
C THR C 146 14.04 14.83 -1.03
N GLY C 147 15.33 14.96 -1.38
CA GLY C 147 16.03 16.22 -1.19
C GLY C 147 16.13 16.60 0.29
N ALA C 148 16.86 17.68 0.59
CA ALA C 148 17.02 18.25 1.94
C ALA C 148 15.66 18.61 2.54
N VAL C 149 14.83 19.30 1.75
CA VAL C 149 13.54 19.77 2.25
C VAL C 149 12.66 18.57 2.60
N GLY C 150 12.60 17.60 1.70
CA GLY C 150 11.79 16.41 1.93
C GLY C 150 12.24 15.60 3.13
N GLU C 151 13.56 15.46 3.34
CA GLU C 151 14.05 14.71 4.48
C GLU C 151 13.76 15.47 5.80
N ALA C 152 13.85 16.78 5.77
CA ALA C 152 13.48 17.63 6.88
C ALA C 152 11.97 17.51 7.19
N ARG C 153 11.12 17.47 6.15
CA ARG C 153 9.68 17.43 6.40
C ARG C 153 9.32 16.07 6.98
N TRP C 154 9.92 15.02 6.43
CA TRP C 154 9.77 13.67 6.95
C TRP C 154 10.18 13.59 8.43
N THR C 155 11.34 14.19 8.76
CA THR C 155 11.87 14.22 10.12
C THR C 155 10.88 14.86 11.06
N TYR C 156 10.36 16.01 10.65
CA TYR C 156 9.30 16.70 11.39
C TYR C 156 8.07 15.79 11.55
N ALA C 157 7.61 15.21 10.46
CA ALA C 157 6.43 14.35 10.53
C ALA C 157 6.61 13.19 11.52
N VAL C 158 7.74 12.49 11.45
CA VAL C 158 7.88 11.32 12.29
C VAL C 158 8.07 11.69 13.76
N SER C 159 8.65 12.85 14.01
CA SER C 159 8.78 13.35 15.38
C SER C 159 7.40 13.56 16.01
N LYS C 160 6.44 14.05 15.21
CA LYS C 160 5.09 14.27 15.65
C LYS C 160 4.38 12.95 15.87
N LEU C 161 4.59 11.99 14.96
CA LEU C 161 3.95 10.69 15.04
C LEU C 161 4.42 9.95 16.29
N ALA C 162 5.70 10.09 16.68
CA ALA C 162 6.19 9.49 17.92
C ALA C 162 5.47 10.08 19.13
N GLY C 163 5.26 11.39 19.08
CA GLY C 163 4.45 12.12 20.06
C GLY C 163 3.04 11.54 20.21
N GLU C 164 2.40 11.24 19.08
CA GLU C 164 1.06 10.67 19.11
C GLU C 164 1.10 9.30 19.78
N HIS C 165 2.16 8.55 19.50
CA HIS C 165 2.32 7.21 20.03
C HIS C 165 2.42 7.27 21.55
N LEU C 166 3.27 8.16 22.06
CA LEU C 166 3.40 8.39 23.49
C LEU C 166 2.04 8.76 24.09
N THR C 167 1.32 9.66 23.43
CA THR C 167 0.06 10.18 23.91
C THR C 167 -0.95 9.03 24.09
N HIS C 168 -1.03 8.17 23.06
CA HIS C 168 -1.82 6.95 23.07
C HIS C 168 -1.49 6.08 24.29
N ALA C 169 -0.20 5.84 24.54
CA ALA C 169 0.21 5.01 25.66
C ALA C 169 -0.30 5.55 26.99
N TYR C 170 -0.14 6.86 27.22
CA TYR C 170 -0.59 7.48 28.46
C TYR C 170 -2.10 7.36 28.62
N ASN C 171 -2.85 7.54 27.52
CA ASN C 171 -4.29 7.42 27.55
C ASN C 171 -4.67 6.00 27.97
N ARG C 172 -4.03 5.01 27.35
CA ARG C 172 -4.41 3.63 27.52
C ARG C 172 -3.98 3.14 28.89
N GLU C 173 -2.76 3.50 29.31
CA GLU C 173 -2.21 3.00 30.55
C GLU C 173 -2.74 3.76 31.77
N HIS C 174 -2.79 5.09 31.69
CA HIS C 174 -3.07 5.87 32.88
C HIS C 174 -4.44 6.57 32.81
N GLY C 175 -5.23 6.31 31.76
CA GLY C 175 -6.49 7.01 31.53
C GLY C 175 -6.37 8.53 31.35
N LEU C 176 -5.16 9.04 31.02
CA LEU C 176 -5.03 10.47 30.77
C LEU C 176 -6.01 10.83 29.65
N PRO C 177 -6.88 11.84 29.88
CA PRO C 177 -7.95 12.15 28.94
C PRO C 177 -7.41 12.97 27.76
N THR C 178 -6.84 12.24 26.78
CA THR C 178 -6.08 12.85 25.73
C THR C 178 -6.95 13.13 24.50
N VAL C 179 -6.51 14.14 23.73
CA VAL C 179 -7.00 14.45 22.40
C VAL C 179 -5.81 14.84 21.52
N THR C 180 -5.66 14.11 20.40
CA THR C 180 -4.67 14.47 19.39
C THR C 180 -5.35 15.33 18.32
N PHE C 181 -4.70 16.44 18.01
CA PHE C 181 -5.27 17.50 17.21
C PHE C 181 -4.25 17.84 16.14
N ARG C 182 -4.61 17.53 14.87
CA ARG C 182 -3.73 17.78 13.75
C ARG C 182 -4.28 18.92 12.88
N PRO C 183 -3.86 20.17 13.08
CA PRO C 183 -4.37 21.28 12.29
C PRO C 183 -3.78 21.17 10.88
N PHE C 184 -4.61 21.37 9.86
CA PHE C 184 -4.10 21.76 8.54
C PHE C 184 -3.45 23.12 8.70
N ASN C 185 -2.58 23.55 7.77
CA ASN C 185 -1.89 24.82 7.93
C ASN C 185 -2.88 25.97 8.13
N VAL C 186 -2.64 26.75 9.19
CA VAL C 186 -3.58 27.74 9.64
C VAL C 186 -3.23 29.07 9.00
N TYR C 187 -4.25 29.75 8.47
CA TYR C 187 -4.01 31.07 7.93
C TYR C 187 -5.10 32.01 8.43
N GLY C 188 -4.78 33.30 8.34
CA GLY C 188 -5.81 34.31 8.55
C GLY C 188 -5.31 35.53 9.28
N PRO C 189 -6.22 36.43 9.70
CA PRO C 189 -5.87 37.58 10.54
C PRO C 189 -5.04 37.15 11.75
N GLY C 190 -3.91 37.83 11.99
CA GLY C 190 -3.10 37.59 13.19
C GLY C 190 -1.80 36.84 12.88
N GLN C 191 -1.85 35.84 12.02
CA GLN C 191 -0.61 35.42 11.37
C GLN C 191 -0.28 36.49 10.32
N ILE C 192 0.79 37.27 10.57
CA ILE C 192 1.45 37.97 9.47
C ILE C 192 2.01 36.89 8.57
N GLY C 193 2.78 35.96 9.16
CA GLY C 193 3.08 34.66 8.57
C GLY C 193 4.37 34.65 7.75
N GLU C 194 4.67 33.49 7.14
CA GLU C 194 5.83 33.35 6.27
C GLU C 194 5.64 32.24 5.23
N GLY C 195 4.53 31.51 5.34
CA GLY C 195 4.17 30.46 4.39
C GLY C 195 3.45 31.03 3.17
N ALA C 196 2.99 30.13 2.29
CA ALA C 196 2.60 30.50 0.94
C ALA C 196 1.49 31.55 0.97
N ILE C 197 0.46 31.35 1.80
CA ILE C 197 -0.69 32.24 1.70
C ILE C 197 -0.29 33.66 2.05
N SER C 198 0.41 33.78 3.18
CA SER C 198 0.85 35.09 3.63
C SER C 198 1.73 35.74 2.56
N ILE C 199 2.70 34.99 2.03
CA ILE C 199 3.64 35.55 1.05
C ILE C 199 2.87 35.93 -0.21
N MET C 200 2.00 35.03 -0.68
CA MET C 200 1.31 35.21 -1.94
C MET C 200 0.28 36.34 -1.86
N ILE C 201 -0.44 36.47 -0.73
CA ILE C 201 -1.34 37.60 -0.58
C ILE C 201 -0.56 38.91 -0.64
N ARG C 202 0.57 38.98 0.06
CA ARG C 202 1.32 40.22 0.11
C ARG C 202 1.85 40.60 -1.27
N LYS C 203 2.36 39.62 -2.01
CA LYS C 203 2.73 39.84 -3.39
C LYS C 203 1.54 40.31 -4.23
N ALA C 204 0.43 39.58 -4.16
CA ALA C 204 -0.72 39.87 -4.99
C ALA C 204 -1.25 41.29 -4.77
N LEU C 205 -1.27 41.74 -3.52
CA LEU C 205 -1.79 43.05 -3.18
C LEU C 205 -0.95 44.18 -3.78
N ASN C 206 0.33 43.93 -4.02
CA ASN C 206 1.20 44.92 -4.64
C ASN C 206 1.59 44.54 -6.07
N ASN C 207 0.82 43.64 -6.69
CA ASN C 207 0.97 43.23 -8.08
C ASN C 207 2.40 42.78 -8.39
N GLU C 208 3.07 42.18 -7.41
CA GLU C 208 4.40 41.61 -7.56
C GLU C 208 4.28 40.22 -8.20
N ASP C 209 5.37 39.80 -8.83
CA ASP C 209 5.47 38.46 -9.39
C ASP C 209 5.37 37.41 -8.28
N ILE C 210 4.58 36.37 -8.54
CA ILE C 210 4.53 35.17 -7.70
C ILE C 210 5.26 34.07 -8.44
N TYR C 211 6.43 33.66 -7.92
CA TYR C 211 7.20 32.57 -8.51
C TYR C 211 6.73 31.24 -7.97
N ILE C 212 6.60 30.27 -8.86
CA ILE C 212 6.22 28.92 -8.50
C ILE C 212 7.48 28.06 -8.67
N PHE C 213 7.92 27.45 -7.58
CA PHE C 213 9.18 26.71 -7.55
C PHE C 213 8.90 25.23 -7.82
N GLY C 214 9.44 24.72 -8.93
CA GLY C 214 9.12 23.39 -9.41
C GLY C 214 7.88 23.42 -10.30
N ASP C 215 7.12 22.33 -10.26
CA ASP C 215 6.06 22.17 -11.24
C ASP C 215 4.72 22.69 -10.72
N GLY C 216 4.67 23.14 -9.46
CA GLY C 216 3.48 23.78 -8.91
C GLY C 216 2.38 22.78 -8.50
N SER C 217 2.62 21.49 -8.66
CA SER C 217 1.60 20.47 -8.44
C SER C 217 1.58 19.96 -7.00
N GLN C 218 2.49 20.43 -6.14
CA GLN C 218 2.55 20.04 -4.73
C GLN C 218 1.27 20.55 -4.03
N ILE C 219 0.66 19.64 -3.23
CA ILE C 219 -0.59 19.89 -2.53
C ILE C 219 -0.32 20.48 -1.15
N ARG C 220 -1.14 21.45 -0.75
CA ARG C 220 -1.14 22.00 0.61
C ARG C 220 -2.59 22.16 1.07
N ALA C 221 -2.85 21.73 2.31
CA ALA C 221 -4.17 21.87 2.90
C ALA C 221 -4.16 23.01 3.92
N TRP C 222 -5.26 23.77 3.97
CA TRP C 222 -5.32 24.96 4.79
C TRP C 222 -6.58 24.97 5.64
N CYS C 223 -6.51 25.80 6.69
CA CYS C 223 -7.60 26.01 7.60
C CYS C 223 -7.59 27.46 8.07
N TYR C 224 -8.76 28.12 8.00
CA TYR C 224 -8.89 29.50 8.43
C TYR C 224 -8.86 29.53 9.96
N VAL C 225 -8.20 30.54 10.53
CA VAL C 225 -7.93 30.60 11.97
C VAL C 225 -9.19 30.39 12.81
N ASP C 226 -10.31 31.06 12.49
CA ASP C 226 -11.51 30.99 13.34
C ASP C 226 -12.10 29.58 13.33
N ASP C 227 -11.99 28.87 12.20
CA ASP C 227 -12.39 27.47 12.15
C ASP C 227 -11.52 26.63 13.07
N MET C 228 -10.18 26.82 13.00
CA MET C 228 -9.32 26.01 13.85
C MET C 228 -9.64 26.28 15.32
N ILE C 229 -9.78 27.55 15.73
CA ILE C 229 -10.11 27.89 17.11
C ILE C 229 -11.44 27.23 17.52
N ASP C 230 -12.46 27.29 16.66
CA ASP C 230 -13.74 26.67 16.97
C ASP C 230 -13.56 25.18 17.26
N ALA C 231 -12.77 24.49 16.41
CA ALA C 231 -12.55 23.07 16.57
C ALA C 231 -11.84 22.80 17.88
N LEU C 232 -10.88 23.66 18.22
CA LEU C 232 -10.09 23.50 19.43
C LEU C 232 -11.01 23.62 20.67
N MET C 233 -11.97 24.56 20.63
CA MET C 233 -12.93 24.74 21.72
C MET C 233 -13.77 23.47 21.89
N LYS C 234 -14.20 22.88 20.78
CA LYS C 234 -14.93 21.62 20.81
C LYS C 234 -14.06 20.52 21.39
N ALA C 235 -12.82 20.41 20.92
CA ALA C 235 -11.93 19.35 21.38
C ALA C 235 -11.62 19.46 22.86
N LEU C 236 -11.54 20.68 23.37
CA LEU C 236 -11.21 20.91 24.76
C LEU C 236 -12.42 20.59 25.64
N SER C 237 -13.63 20.51 25.08
CA SER C 237 -14.81 20.52 25.93
C SER C 237 -15.60 19.21 25.87
N VAL C 238 -15.80 18.72 24.65
CA VAL C 238 -16.83 17.73 24.36
C VAL C 238 -16.34 16.34 24.76
N PRO C 239 -17.12 15.50 25.48
CA PRO C 239 -16.62 14.22 26.00
C PRO C 239 -16.18 13.20 24.96
N GLN C 240 -16.79 13.26 23.77
CA GLN C 240 -16.51 12.38 22.65
C GLN C 240 -15.08 12.58 22.12
N ALA C 241 -14.46 13.73 22.42
CA ALA C 241 -13.08 13.95 21.95
C ALA C 241 -12.09 13.01 22.65
N ILE C 242 -12.41 12.56 23.88
CA ILE C 242 -11.42 11.92 24.75
C ILE C 242 -10.99 10.60 24.11
N GLY C 243 -9.66 10.41 24.01
CA GLY C 243 -9.10 9.20 23.42
C GLY C 243 -9.11 9.16 21.89
N GLU C 244 -9.44 10.27 21.22
CA GLU C 244 -9.54 10.27 19.76
C GLU C 244 -8.46 11.16 19.15
N SER C 245 -8.28 11.04 17.82
CA SER C 245 -7.41 11.89 17.03
C SER C 245 -8.22 12.56 15.93
N PHE C 246 -7.95 13.82 15.67
CA PHE C 246 -8.72 14.63 14.73
C PHE C 246 -7.80 15.34 13.76
N ASN C 247 -8.20 15.31 12.48
CA ASN C 247 -7.68 16.15 11.41
C ASN C 247 -8.57 17.38 11.29
N ILE C 248 -7.96 18.55 11.52
CA ILE C 248 -8.71 19.78 11.66
C ILE C 248 -8.43 20.67 10.46
N GLY C 249 -9.46 20.85 9.63
CA GLY C 249 -9.29 21.72 8.49
C GLY C 249 -10.53 21.77 7.59
N ASN C 250 -10.31 22.33 6.40
CA ASN C 250 -11.37 22.55 5.42
C ASN C 250 -11.12 21.73 4.16
N ALA C 251 -12.03 20.80 3.91
CA ALA C 251 -11.88 19.95 2.73
C ALA C 251 -11.99 20.72 1.41
N ARG C 252 -12.51 21.97 1.41
CA ARG C 252 -12.54 22.79 0.21
C ARG C 252 -11.30 23.68 0.05
N ALA C 253 -10.37 23.61 1.00
CA ALA C 253 -9.17 24.45 1.03
C ALA C 253 -7.91 23.59 0.93
N ILE C 254 -8.00 22.55 0.09
CA ILE C 254 -6.89 21.71 -0.33
C ILE C 254 -6.60 22.04 -1.77
N THR C 255 -5.40 22.51 -2.08
CA THR C 255 -5.16 22.93 -3.44
C THR C 255 -3.69 22.71 -3.79
N THR C 256 -3.35 22.83 -5.07
CA THR C 256 -1.94 22.83 -5.44
C THR C 256 -1.37 24.22 -5.20
N ILE C 257 -0.05 24.34 -5.19
CA ILE C 257 0.52 25.65 -5.04
C ILE C 257 0.17 26.56 -6.22
N TYR C 258 0.24 26.05 -7.44
CA TYR C 258 -0.13 26.81 -8.62
C TYR C 258 -1.60 27.22 -8.52
N GLY C 259 -2.45 26.29 -8.13
CA GLY C 259 -3.87 26.55 -7.94
C GLY C 259 -4.12 27.65 -6.90
N LEU C 260 -3.34 27.62 -5.81
CA LEU C 260 -3.46 28.60 -4.73
C LEU C 260 -3.14 30.00 -5.25
N ALA C 261 -2.05 30.08 -6.01
CA ALA C 261 -1.63 31.37 -6.54
C ALA C 261 -2.72 31.91 -7.47
N GLN C 262 -3.29 31.08 -8.34
CA GLN C 262 -4.38 31.52 -9.22
C GLN C 262 -5.58 32.02 -8.40
N THR C 263 -5.90 31.30 -7.33
CA THR C 263 -7.04 31.57 -6.50
C THR C 263 -6.85 32.92 -5.80
N ILE C 264 -5.68 33.14 -5.23
CA ILE C 264 -5.34 34.39 -4.53
C ILE C 264 -5.39 35.58 -5.51
N CYS C 265 -4.77 35.42 -6.67
CA CYS C 265 -4.77 36.52 -7.65
C CYS C 265 -6.18 36.83 -8.17
N ARG C 266 -7.07 35.85 -8.38
CA ARG C 266 -8.42 36.11 -8.88
CA ARG C 266 -8.41 36.13 -8.89
C ARG C 266 -9.24 36.80 -7.79
N VAL C 267 -9.24 36.20 -6.62
CA VAL C 267 -10.08 36.63 -5.52
C VAL C 267 -9.76 38.06 -5.06
N LEU C 268 -8.49 38.44 -5.16
CA LEU C 268 -8.05 39.77 -4.75
C LEU C 268 -8.01 40.75 -5.94
N ASN C 269 -8.33 40.32 -7.17
CA ASN C 269 -8.37 41.16 -8.36
CA ASN C 269 -8.36 41.15 -8.36
C ASN C 269 -6.97 41.73 -8.62
N SER C 270 -5.96 40.88 -8.42
CA SER C 270 -4.58 41.28 -8.58
C SER C 270 -4.17 41.27 -10.03
N LYS C 271 -3.15 42.08 -10.34
CA LYS C 271 -2.58 42.11 -11.66
C LYS C 271 -1.25 41.33 -11.67
N SER C 272 -0.92 40.61 -10.58
CA SER C 272 0.33 39.85 -10.47
C SER C 272 0.44 38.84 -11.61
N GLU C 273 1.67 38.68 -12.10
CA GLU C 273 2.03 37.54 -12.91
C GLU C 273 2.43 36.34 -12.03
N ILE C 274 2.13 35.14 -12.52
CA ILE C 274 2.51 33.92 -11.85
C ILE C 274 3.47 33.21 -12.78
N ILE C 275 4.68 32.92 -12.30
CA ILE C 275 5.79 32.56 -13.15
C ILE C 275 6.52 31.35 -12.59
N PHE C 276 6.74 30.34 -13.44
CA PHE C 276 7.43 29.13 -13.03
C PHE C 276 8.94 29.35 -12.94
N ARG C 277 9.53 28.77 -11.90
CA ARG C 277 10.97 28.79 -11.67
C ARG C 277 11.42 27.38 -11.25
N GLU C 278 12.74 27.13 -11.23
CA GLU C 278 13.25 25.84 -10.80
C GLU C 278 13.00 25.62 -9.32
N ALA C 279 12.75 24.36 -8.93
CA ALA C 279 12.71 24.02 -7.50
C ALA C 279 14.11 24.12 -6.91
N LEU C 280 14.20 24.54 -5.64
CA LEU C 280 15.45 24.68 -4.91
C LEU C 280 15.88 23.33 -4.30
N SER C 281 14.89 22.47 -4.00
CA SER C 281 15.12 21.20 -3.32
C SER C 281 13.90 20.33 -3.58
N ALA C 282 14.12 19.04 -3.75
CA ALA C 282 12.98 18.14 -3.87
C ALA C 282 12.24 18.06 -2.51
N ASP C 283 10.99 17.59 -2.55
CA ASP C 283 10.17 17.58 -1.35
C ASP C 283 9.53 16.20 -1.35
N ILE C 284 8.85 15.90 -0.26
CA ILE C 284 8.14 14.66 -0.12
C ILE C 284 6.70 14.88 -0.57
N GLU C 285 6.07 13.85 -1.16
CA GLU C 285 4.67 13.92 -1.49
C GLU C 285 3.84 13.47 -0.30
N LEU C 286 2.88 14.28 0.10
CA LEU C 286 2.05 13.88 1.23
C LEU C 286 0.58 13.90 0.83
N ARG C 287 -0.11 12.82 1.18
CA ARG C 287 -1.56 12.71 1.04
C ARG C 287 -2.22 13.46 2.18
N ILE C 288 -3.33 14.16 1.87
CA ILE C 288 -4.08 14.88 2.87
C ILE C 288 -5.12 13.96 3.52
N PRO C 289 -5.25 13.90 4.86
CA PRO C 289 -6.25 13.03 5.47
C PRO C 289 -7.66 13.63 5.40
N ASN C 290 -8.59 12.75 5.77
CA ASN C 290 -10.03 12.95 5.77
C ASN C 290 -10.40 13.74 7.03
N VAL C 291 -11.41 14.62 6.96
CA VAL C 291 -11.79 15.37 8.16
C VAL C 291 -13.13 14.92 8.72
N ASP C 292 -13.61 13.72 8.36
CA ASP C 292 -15.01 13.35 8.62
C ASP C 292 -15.27 13.11 10.11
N LYS C 293 -14.31 12.49 10.81
CA LYS C 293 -14.49 12.14 12.21
C LYS C 293 -14.71 13.42 13.03
N SER C 294 -14.02 14.50 12.65
CA SER C 294 -14.16 15.76 13.32
C SER C 294 -15.58 16.27 13.23
N GLU C 295 -16.24 16.05 12.08
CA GLU C 295 -17.63 16.43 11.97
C GLU C 295 -18.49 15.51 12.87
N GLU C 296 -18.26 14.20 12.77
CA GLU C 296 -19.09 13.21 13.45
C GLU C 296 -19.01 13.40 14.97
N LEU C 297 -17.79 13.60 15.51
CA LEU C 297 -17.61 13.54 16.95
C LEU C 297 -17.55 14.92 17.60
N LEU C 298 -16.92 15.93 16.97
CA LEU C 298 -16.81 17.26 17.55
C LEU C 298 -17.96 18.15 17.08
N GLY C 299 -18.75 17.72 16.09
CA GLY C 299 -19.73 18.60 15.48
C GLY C 299 -19.06 19.75 14.71
N PHE C 300 -17.78 19.57 14.35
CA PHE C 300 -17.01 20.62 13.69
C PHE C 300 -17.03 20.44 12.19
N LYS C 301 -17.41 21.50 11.47
CA LYS C 301 -17.21 21.58 10.03
C LYS C 301 -16.78 23.00 9.69
N ALA C 302 -15.67 23.14 8.96
CA ALA C 302 -15.09 24.46 8.73
C ALA C 302 -16.06 25.29 7.91
N GLN C 303 -16.32 26.53 8.31
CA GLN C 303 -17.30 27.37 7.61
C GLN C 303 -16.65 28.42 6.71
N VAL C 304 -15.35 28.65 6.84
CA VAL C 304 -14.75 29.71 6.05
C VAL C 304 -13.92 29.12 4.92
N ASP C 305 -14.37 29.28 3.68
CA ASP C 305 -13.69 28.73 2.51
C ASP C 305 -12.65 29.75 2.05
N LEU C 306 -11.86 29.41 1.04
CA LEU C 306 -10.71 30.23 0.67
C LEU C 306 -11.11 31.63 0.17
N GLU C 307 -12.19 31.74 -0.63
CA GLU C 307 -12.55 33.05 -1.15
C GLU C 307 -12.78 34.02 0.00
N GLU C 308 -13.66 33.65 0.92
CA GLU C 308 -13.89 34.50 2.08
C GLU C 308 -12.63 34.65 2.93
N GLY C 309 -11.91 33.55 3.17
CA GLY C 309 -10.82 33.63 4.14
C GLY C 309 -9.63 34.40 3.58
N LEU C 310 -9.35 34.28 2.28
CA LEU C 310 -8.29 35.07 1.65
C LEU C 310 -8.59 36.57 1.68
N ILE C 311 -9.84 36.95 1.48
CA ILE C 311 -10.22 38.36 1.50
C ILE C 311 -10.08 38.92 2.92
N ARG C 312 -10.54 38.18 3.93
CA ARG C 312 -10.45 38.60 5.33
C ARG C 312 -8.99 38.79 5.73
N THR C 313 -8.16 37.87 5.25
CA THR C 313 -6.73 37.91 5.54
C THR C 313 -6.08 39.10 4.84
N ALA C 314 -6.42 39.30 3.55
CA ALA C 314 -5.88 40.47 2.83
C ALA C 314 -6.33 41.79 3.47
N ASP C 315 -7.60 41.94 3.86
CA ASP C 315 -8.06 43.16 4.52
C ASP C 315 -7.15 43.48 5.72
N TRP C 316 -6.85 42.46 6.52
CA TRP C 316 -6.06 42.62 7.73
C TRP C 316 -4.63 43.00 7.36
N LEU C 317 -4.11 42.37 6.31
CA LEU C 317 -2.73 42.61 5.95
C LEU C 317 -2.60 44.05 5.43
N SER C 318 -3.60 44.55 4.69
CA SER C 318 -3.56 45.89 4.14
C SER C 318 -3.63 46.94 5.25
N ALA C 319 -4.60 46.75 6.15
CA ALA C 319 -4.85 47.66 7.26
C ALA C 319 -3.60 47.80 8.15
N ASN C 320 -2.78 46.74 8.22
CA ASN C 320 -1.59 46.74 9.03
C ASN C 320 -0.39 47.11 8.14
N MET D 3 15.15 4.98 -36.18
CA MET D 3 14.62 3.66 -36.61
C MET D 3 13.54 3.89 -37.67
N ILE D 4 12.32 4.28 -37.24
CA ILE D 4 11.19 4.37 -38.17
C ILE D 4 11.04 5.82 -38.63
N GLU D 5 11.00 6.03 -39.95
CA GLU D 5 10.72 7.33 -40.52
C GLU D 5 9.27 7.37 -40.98
N LEU D 6 8.51 8.38 -40.52
CA LEU D 6 7.06 8.36 -40.67
C LEU D 6 6.66 8.91 -42.03
N THR D 7 7.24 8.32 -43.09
CA THR D 7 6.91 8.63 -44.47
C THR D 7 6.88 7.32 -45.26
N GLY D 8 5.97 7.25 -46.22
CA GLY D 8 5.93 6.11 -47.13
C GLY D 8 5.49 4.81 -46.44
N LYS D 9 4.72 4.93 -45.36
CA LYS D 9 4.39 3.78 -44.53
C LYS D 9 2.92 3.45 -44.73
N LYS D 10 2.60 2.16 -44.61
CA LYS D 10 1.21 1.72 -44.61
C LYS D 10 0.69 1.72 -43.17
N ILE D 11 -0.19 2.67 -42.84
CA ILE D 11 -0.62 2.87 -41.46
C ILE D 11 -2.08 2.44 -41.32
N PHE D 12 -2.35 1.66 -40.27
CA PHE D 12 -3.68 1.15 -39.95
C PHE D 12 -4.03 1.59 -38.53
N ILE D 13 -5.15 2.32 -38.37
CA ILE D 13 -5.53 2.97 -37.12
C ILE D 13 -6.98 2.58 -36.83
N THR D 14 -7.15 1.77 -35.78
CA THR D 14 -8.48 1.51 -35.27
C THR D 14 -8.90 2.76 -34.51
N GLY D 15 -10.16 3.12 -34.58
CA GLY D 15 -10.63 4.32 -33.89
C GLY D 15 -10.08 5.60 -34.53
N GLY D 16 -9.62 5.49 -35.79
CA GLY D 16 -9.00 6.60 -36.50
C GLY D 16 -9.98 7.73 -36.80
N ALA D 17 -11.28 7.45 -36.72
CA ALA D 17 -12.21 8.52 -36.94
C ALA D 17 -12.35 9.44 -35.72
N GLY D 18 -11.80 9.05 -34.55
CA GLY D 18 -11.99 9.81 -33.33
C GLY D 18 -11.06 11.02 -33.21
N PHE D 19 -10.99 11.58 -32.01
CA PHE D 19 -10.37 12.87 -31.81
C PHE D 19 -8.85 12.75 -32.01
N ILE D 20 -8.21 11.84 -31.28
CA ILE D 20 -6.74 11.76 -31.37
C ILE D 20 -6.30 11.17 -32.72
N GLY D 21 -7.05 10.17 -33.19
CA GLY D 21 -6.83 9.53 -34.48
C GLY D 21 -6.90 10.53 -35.65
N SER D 22 -7.98 11.31 -35.69
CA SER D 22 -8.22 12.37 -36.65
C SER D 22 -7.02 13.31 -36.66
N THR D 23 -6.66 13.79 -35.47
CA THR D 23 -5.60 14.77 -35.31
C THR D 23 -4.29 14.20 -35.87
N LEU D 24 -3.99 12.95 -35.53
CA LEU D 24 -2.76 12.32 -36.00
C LEU D 24 -2.80 12.14 -37.52
N ILE D 25 -3.97 11.85 -38.09
CA ILE D 25 -4.11 11.69 -39.53
C ILE D 25 -3.71 13.00 -40.25
N GLY D 26 -4.08 14.16 -39.70
CA GLY D 26 -3.69 15.43 -40.29
C GLY D 26 -2.19 15.55 -40.48
N ARG D 27 -1.41 14.90 -39.60
CA ARG D 27 0.03 15.09 -39.57
C ARG D 27 0.74 14.09 -40.46
N LEU D 28 0.05 13.04 -40.90
CA LEU D 28 0.75 11.94 -41.56
C LEU D 28 0.17 11.68 -42.93
N ILE D 29 -1.04 12.18 -43.21
CA ILE D 29 -1.77 11.70 -44.38
C ILE D 29 -1.07 12.17 -45.66
N GLU D 30 -0.34 13.29 -45.62
CA GLU D 30 0.32 13.77 -46.83
C GLU D 30 1.38 12.77 -47.31
N ASN D 31 2.01 12.04 -46.39
CA ASN D 31 3.19 11.23 -46.70
C ASN D 31 2.99 9.74 -46.45
N ASN D 32 1.76 9.30 -46.20
CA ASN D 32 1.54 7.91 -45.80
C ASN D 32 0.17 7.45 -46.24
N GLU D 33 0.09 6.17 -46.59
CA GLU D 33 -1.14 5.50 -46.92
C GLU D 33 -1.80 5.14 -45.59
N MET D 34 -3.04 5.57 -45.40
CA MET D 34 -3.64 5.39 -44.09
C MET D 34 -5.02 4.75 -44.24
N ILE D 35 -5.25 3.70 -43.45
CA ILE D 35 -6.54 3.03 -43.33
C ILE D 35 -7.09 3.24 -41.92
N VAL D 36 -8.32 3.75 -41.88
CA VAL D 36 -9.07 3.96 -40.66
C VAL D 36 -10.06 2.81 -40.53
N TYR D 37 -10.03 2.14 -39.37
CA TYR D 37 -10.95 1.05 -39.04
C TYR D 37 -11.78 1.50 -37.84
N ASP D 38 -13.06 1.83 -38.06
CA ASP D 38 -13.82 2.52 -37.02
C ASP D 38 -15.31 2.23 -37.21
N ASN D 39 -16.08 2.13 -36.11
CA ASN D 39 -17.51 1.87 -36.21
C ASN D 39 -18.30 3.16 -36.26
N LEU D 40 -17.61 4.31 -36.19
CA LEU D 40 -18.23 5.61 -36.34
C LEU D 40 -19.21 5.90 -35.20
N GLU D 41 -18.95 5.32 -34.03
CA GLU D 41 -19.68 5.71 -32.82
C GLU D 41 -19.39 7.19 -32.54
N ARG D 42 -18.14 7.60 -32.78
CA ARG D 42 -17.79 9.01 -32.89
C ARG D 42 -17.23 9.26 -34.29
N ASN D 43 -17.23 10.52 -34.76
CA ASN D 43 -16.61 10.81 -36.04
C ASN D 43 -16.15 12.26 -36.11
N THR D 44 -14.96 12.51 -35.57
CA THR D 44 -14.27 13.78 -35.72
C THR D 44 -13.73 13.95 -37.15
N LEU D 45 -13.20 12.84 -37.68
CA LEU D 45 -12.55 12.78 -38.99
C LEU D 45 -13.40 13.45 -40.09
N LYS D 46 -14.70 13.16 -40.19
CA LYS D 46 -15.52 13.65 -41.28
C LYS D 46 -15.55 15.19 -41.39
N SER D 47 -15.20 15.92 -40.31
CA SER D 47 -15.26 17.36 -40.26
CA SER D 47 -15.28 17.37 -40.33
C SER D 47 -13.91 17.99 -40.64
N GLN D 48 -12.89 17.17 -40.90
CA GLN D 48 -11.54 17.71 -41.05
CA GLN D 48 -11.53 17.66 -41.08
C GLN D 48 -11.31 17.97 -42.54
N PRO D 49 -10.40 18.92 -42.91
CA PRO D 49 -10.18 19.24 -44.33
C PRO D 49 -9.70 18.06 -45.17
N PHE D 50 -9.03 17.11 -44.50
CA PHE D 50 -8.38 15.97 -45.15
C PHE D 50 -9.28 14.73 -45.14
N ALA D 51 -10.56 14.89 -44.79
CA ALA D 51 -11.46 13.75 -44.63
C ALA D 51 -11.55 12.91 -45.90
N ASN D 52 -11.39 13.53 -47.08
CA ASN D 52 -11.58 12.81 -48.33
C ASN D 52 -10.27 12.72 -49.12
N HIS D 53 -9.14 12.74 -48.41
CA HIS D 53 -7.82 12.74 -49.02
C HIS D 53 -7.55 11.45 -49.79
N LYS D 54 -6.75 11.60 -50.87
CA LYS D 54 -6.42 10.49 -51.74
C LYS D 54 -5.67 9.40 -50.96
N ASN D 55 -4.97 9.74 -49.88
CA ASN D 55 -4.18 8.74 -49.19
C ASN D 55 -5.00 8.01 -48.13
N LEU D 56 -6.27 8.35 -47.96
CA LEU D 56 -7.04 7.84 -46.84
C LEU D 56 -8.10 6.89 -47.33
N THR D 57 -8.20 5.75 -46.63
CA THR D 57 -9.27 4.78 -46.82
C THR D 57 -9.97 4.54 -45.48
N LEU D 58 -11.30 4.60 -45.50
CA LEU D 58 -12.10 4.30 -44.33
C LEU D 58 -12.71 2.93 -44.50
N ILE D 59 -12.61 2.11 -43.44
CA ILE D 59 -13.38 0.89 -43.33
C ILE D 59 -14.29 1.01 -42.12
N GLN D 60 -15.61 0.96 -42.33
CA GLN D 60 -16.57 0.98 -41.23
C GLN D 60 -16.62 -0.45 -40.71
N GLY D 61 -16.06 -0.65 -39.52
CA GLY D 61 -15.95 -1.97 -38.94
C GLY D 61 -15.83 -1.89 -37.42
N ASN D 62 -16.13 -3.01 -36.77
CA ASN D 62 -16.08 -3.10 -35.33
C ASN D 62 -14.83 -3.88 -34.93
N VAL D 63 -14.13 -3.42 -33.88
CA VAL D 63 -12.97 -4.15 -33.39
C VAL D 63 -13.39 -5.46 -32.72
N LEU D 64 -14.70 -5.66 -32.51
CA LEU D 64 -15.14 -6.93 -31.94
C LEU D 64 -15.43 -7.95 -33.04
N ASP D 65 -15.33 -7.55 -34.32
CA ASP D 65 -15.49 -8.44 -35.46
C ASP D 65 -14.11 -8.95 -35.87
N GLN D 66 -13.71 -10.05 -35.22
CA GLN D 66 -12.36 -10.57 -35.28
C GLN D 66 -11.92 -10.89 -36.71
N GLU D 67 -12.82 -11.42 -37.53
CA GLU D 67 -12.45 -11.81 -38.88
C GLU D 67 -12.16 -10.57 -39.73
N LYS D 68 -12.97 -9.52 -39.57
CA LYS D 68 -12.89 -8.35 -40.42
C LYS D 68 -11.60 -7.57 -40.16
N ILE D 69 -11.22 -7.47 -38.89
CA ILE D 69 -10.09 -6.63 -38.53
C ILE D 69 -8.79 -7.33 -38.97
N ILE D 70 -8.74 -8.66 -38.85
CA ILE D 70 -7.59 -9.43 -39.33
C ILE D 70 -7.44 -9.16 -40.84
N GLU D 71 -8.50 -9.34 -41.60
CA GLU D 71 -8.54 -9.07 -43.03
C GLU D 71 -8.13 -7.62 -43.34
N ALA D 72 -8.77 -6.65 -42.67
CA ALA D 72 -8.54 -5.25 -42.96
C ALA D 72 -7.09 -4.86 -42.70
N ALA D 73 -6.46 -5.53 -41.72
CA ALA D 73 -5.14 -5.10 -41.28
C ALA D 73 -4.00 -5.67 -42.13
N LYS D 74 -4.32 -6.40 -43.18
CA LYS D 74 -3.27 -7.09 -43.92
C LYS D 74 -2.30 -6.06 -44.53
N GLY D 75 -1.01 -6.29 -44.28
CA GLY D 75 0.07 -5.53 -44.91
C GLY D 75 0.49 -4.30 -44.12
N SER D 76 -0.08 -4.11 -42.93
CA SER D 76 0.14 -2.87 -42.21
C SER D 76 1.53 -2.86 -41.61
N GLU D 77 2.20 -1.73 -41.70
CA GLU D 77 3.53 -1.60 -41.14
C GLU D 77 3.49 -0.86 -39.79
N ILE D 78 2.52 0.04 -39.65
CA ILE D 78 2.29 0.75 -38.41
C ILE D 78 0.82 0.61 -38.06
N PHE D 79 0.60 -0.05 -36.91
CA PHE D 79 -0.73 -0.42 -36.45
C PHE D 79 -0.99 0.39 -35.19
N ILE D 80 -2.05 1.17 -35.21
CA ILE D 80 -2.32 2.05 -34.08
C ILE D 80 -3.72 1.69 -33.56
N HIS D 81 -3.77 1.23 -32.31
CA HIS D 81 -5.01 0.77 -31.71
C HIS D 81 -5.58 1.87 -30.81
N ALA D 82 -6.54 2.64 -31.35
CA ALA D 82 -7.08 3.76 -30.60
C ALA D 82 -8.57 3.57 -30.31
N ALA D 83 -9.20 2.55 -30.89
CA ALA D 83 -10.63 2.31 -30.65
C ALA D 83 -10.83 1.85 -29.21
N ALA D 84 -11.75 2.55 -28.54
CA ALA D 84 -12.04 2.39 -27.13
C ALA D 84 -13.31 3.17 -26.83
N ILE D 85 -13.99 2.77 -25.76
CA ILE D 85 -14.96 3.64 -25.13
C ILE D 85 -14.67 3.77 -23.64
N ALA D 86 -15.31 4.77 -23.01
CA ALA D 86 -15.13 5.03 -21.59
C ALA D 86 -16.48 5.07 -20.87
N GLY D 87 -17.27 6.09 -21.13
CA GLY D 87 -18.63 6.17 -20.61
C GLY D 87 -18.70 6.44 -19.10
N ILE D 88 -17.67 7.10 -18.57
CA ILE D 88 -17.54 7.29 -17.13
C ILE D 88 -18.67 8.17 -16.61
N ASP D 89 -19.00 9.22 -17.36
CA ASP D 89 -19.93 10.25 -16.92
C ASP D 89 -21.27 10.09 -17.63
N ASN D 90 -21.45 8.98 -18.36
CA ASN D 90 -22.63 8.82 -19.19
C ASN D 90 -23.83 8.52 -18.31
N THR D 91 -24.99 8.92 -18.84
CA THR D 91 -26.26 8.77 -18.17
C THR D 91 -26.60 7.29 -18.04
N VAL D 92 -26.46 6.56 -19.14
CA VAL D 92 -26.70 5.13 -19.15
C VAL D 92 -25.35 4.42 -19.04
N LYS D 93 -25.08 3.80 -17.88
CA LYS D 93 -23.83 3.10 -17.61
C LYS D 93 -23.85 1.74 -18.29
N SER D 94 -22.79 1.39 -19.02
CA SER D 94 -22.73 0.08 -19.63
C SER D 94 -21.34 -0.51 -19.40
N PRO D 95 -21.04 -1.04 -18.19
CA PRO D 95 -19.73 -1.63 -17.91
C PRO D 95 -19.42 -2.81 -18.84
N VAL D 96 -20.45 -3.54 -19.26
CA VAL D 96 -20.19 -4.63 -20.18
C VAL D 96 -19.65 -4.10 -21.50
N ARG D 97 -20.23 -3.01 -22.00
CA ARG D 97 -19.81 -2.47 -23.29
C ARG D 97 -18.37 -2.04 -23.18
N THR D 98 -18.05 -1.30 -22.10
CA THR D 98 -16.72 -0.79 -21.89
C THR D 98 -15.72 -1.92 -21.79
N MET D 99 -16.04 -2.96 -21.00
CA MET D 99 -15.05 -4.01 -20.80
C MET D 99 -14.88 -4.83 -22.09
N THR D 100 -15.95 -5.11 -22.79
CA THR D 100 -15.85 -5.97 -23.97
C THR D 100 -15.16 -5.23 -25.11
N VAL D 101 -15.53 -3.95 -25.32
CA VAL D 101 -14.93 -3.20 -26.42
C VAL D 101 -13.45 -3.05 -26.18
N ASN D 102 -13.08 -2.66 -24.95
CA ASN D 102 -11.71 -2.33 -24.65
C ASN D 102 -10.84 -3.58 -24.49
N MET D 103 -11.32 -4.60 -23.75
CA MET D 103 -10.51 -5.77 -23.47
C MET D 103 -10.42 -6.65 -24.73
N ILE D 104 -11.57 -7.01 -25.29
CA ILE D 104 -11.61 -7.91 -26.43
C ILE D 104 -11.18 -7.20 -27.72
N GLY D 105 -11.50 -5.90 -27.82
CA GLY D 105 -11.13 -5.12 -28.99
C GLY D 105 -9.62 -5.07 -29.12
N THR D 106 -8.95 -4.97 -27.99
CA THR D 106 -7.50 -4.93 -27.89
C THR D 106 -6.92 -6.29 -28.27
N ALA D 107 -7.55 -7.37 -27.80
CA ALA D 107 -7.11 -8.72 -28.15
C ALA D 107 -7.19 -8.92 -29.66
N ASN D 108 -8.31 -8.47 -30.26
CA ASN D 108 -8.56 -8.69 -31.68
C ASN D 108 -7.62 -7.85 -32.54
N ALA D 109 -7.30 -6.64 -32.05
CA ALA D 109 -6.36 -5.76 -32.72
C ALA D 109 -4.95 -6.36 -32.69
N LEU D 110 -4.52 -6.82 -31.51
CA LEU D 110 -3.19 -7.39 -31.32
C LEU D 110 -2.99 -8.61 -32.25
N GLU D 111 -4.05 -9.39 -32.39
CA GLU D 111 -4.03 -10.64 -33.12
C GLU D 111 -4.02 -10.32 -34.62
N ALA D 112 -4.73 -9.26 -35.00
CA ALA D 112 -4.74 -8.78 -36.38
C ALA D 112 -3.33 -8.32 -36.76
N ALA D 113 -2.67 -7.62 -35.84
CA ALA D 113 -1.31 -7.15 -36.06
C ALA D 113 -0.36 -8.34 -36.20
N HIS D 114 -0.56 -9.36 -35.35
CA HIS D 114 0.32 -10.49 -35.27
C HIS D 114 0.23 -11.34 -36.54
N GLN D 115 -0.98 -11.54 -37.07
CA GLN D 115 -1.20 -12.41 -38.22
C GLN D 115 -0.75 -11.73 -39.51
N ALA D 116 -0.73 -10.39 -39.56
CA ALA D 116 -0.31 -9.72 -40.78
C ALA D 116 1.19 -9.92 -41.02
N GLY D 117 1.95 -10.10 -39.94
CA GLY D 117 3.38 -10.37 -40.01
C GLY D 117 4.22 -9.16 -40.38
N THR D 118 3.58 -8.11 -40.89
CA THR D 118 4.26 -6.97 -41.50
C THR D 118 4.44 -5.79 -40.55
N VAL D 119 3.98 -5.90 -39.28
CA VAL D 119 3.92 -4.76 -38.39
C VAL D 119 5.26 -4.46 -37.75
N GLN D 120 5.73 -3.21 -37.91
CA GLN D 120 6.99 -2.74 -37.38
C GLN D 120 6.78 -2.00 -36.06
N ARG D 121 5.56 -1.48 -35.86
CA ARG D 121 5.21 -0.78 -34.63
C ARG D 121 3.71 -0.93 -34.40
N PHE D 122 3.39 -1.38 -33.18
CA PHE D 122 2.02 -1.52 -32.71
C PHE D 122 1.89 -0.56 -31.53
N LEU D 123 1.06 0.47 -31.67
CA LEU D 123 0.90 1.40 -30.57
C LEU D 123 -0.51 1.24 -30.01
N GLU D 124 -0.57 0.90 -28.73
CA GLU D 124 -1.82 0.71 -28.01
CA GLU D 124 -1.89 0.79 -28.11
C GLU D 124 -2.06 1.90 -27.08
N PHE D 125 -3.24 2.51 -27.14
CA PHE D 125 -3.61 3.51 -26.15
C PHE D 125 -4.19 2.86 -24.90
N SER D 126 -3.59 3.20 -23.77
CA SER D 126 -4.11 2.84 -22.47
C SER D 126 -4.52 4.13 -21.78
N THR D 127 -4.38 4.19 -20.47
CA THR D 127 -4.85 5.34 -19.74
C THR D 127 -4.07 5.45 -18.45
N SER D 128 -3.90 6.67 -17.93
CA SER D 128 -3.11 6.88 -16.73
C SER D 128 -3.74 6.21 -15.51
N GLU D 129 -5.06 5.97 -15.52
CA GLU D 129 -5.77 5.46 -14.36
C GLU D 129 -5.44 3.99 -14.00
N VAL D 130 -4.70 3.28 -14.84
CA VAL D 130 -4.45 1.87 -14.59
C VAL D 130 -3.68 1.68 -13.28
N PHE D 131 -2.84 2.64 -12.88
CA PHE D 131 -1.99 2.50 -11.70
C PHE D 131 -2.79 2.60 -10.41
N GLY D 132 -3.57 3.68 -10.28
CA GLY D 132 -4.41 3.84 -9.09
C GLY D 132 -5.39 2.68 -8.89
N SER D 133 -5.80 2.04 -9.99
CA SER D 133 -6.91 1.10 -9.97
C SER D 133 -6.62 -0.07 -9.02
N ARG D 134 -5.32 -0.35 -8.84
CA ARG D 134 -4.83 -1.48 -8.05
C ARG D 134 -5.14 -1.28 -6.56
N ALA D 135 -5.47 -0.06 -6.13
CA ALA D 135 -5.78 0.16 -4.72
C ALA D 135 -7.22 -0.21 -4.38
N TYR D 136 -8.06 -0.53 -5.40
CA TYR D 136 -9.45 -0.93 -5.18
C TYR D 136 -9.61 -2.39 -5.55
N ARG D 137 -10.66 -3.04 -5.01
CA ARG D 137 -10.90 -4.46 -5.25
C ARG D 137 -12.32 -4.68 -5.73
N VAL D 138 -12.43 -5.48 -6.80
CA VAL D 138 -13.67 -5.70 -7.51
C VAL D 138 -14.78 -6.12 -6.54
N ASP D 139 -14.41 -6.89 -5.50
CA ASP D 139 -15.39 -7.46 -4.57
C ASP D 139 -15.72 -6.47 -3.45
N GLU D 140 -15.12 -5.26 -3.45
CA GLU D 140 -15.30 -4.26 -2.40
C GLU D 140 -15.74 -2.91 -2.97
N LEU D 141 -16.57 -2.92 -4.01
CA LEU D 141 -17.03 -1.69 -4.64
C LEU D 141 -18.37 -1.27 -4.02
N SER D 143 -21.05 -0.48 -2.42
CA SER D 143 -20.84 0.67 -1.51
C SER D 143 -21.40 1.94 -2.15
N THR D 144 -21.89 2.85 -1.30
CA THR D 144 -22.00 4.25 -1.66
C THR D 144 -20.64 4.95 -1.48
N THR D 145 -19.63 4.20 -1.01
CA THR D 145 -18.24 4.60 -1.05
C THR D 145 -17.81 4.97 -2.45
N THR D 146 -18.14 4.08 -3.41
CA THR D 146 -17.62 4.20 -4.77
C THR D 146 -18.51 5.14 -5.59
N GLY D 147 -19.83 4.95 -5.51
CA GLY D 147 -20.75 5.72 -6.32
C GLY D 147 -20.75 5.25 -7.77
N ALA D 148 -21.76 5.66 -8.54
CA ALA D 148 -21.87 5.30 -9.95
C ALA D 148 -20.65 5.76 -10.75
N VAL D 149 -20.19 6.99 -10.54
CA VAL D 149 -19.09 7.51 -11.34
C VAL D 149 -17.79 6.81 -10.97
N GLY D 150 -17.54 6.63 -9.66
CA GLY D 150 -16.44 5.82 -9.17
C GLY D 150 -16.34 4.44 -9.81
N GLU D 151 -17.46 3.70 -9.81
CA GLU D 151 -17.48 2.34 -10.36
C GLU D 151 -17.25 2.36 -11.87
N ALA D 152 -17.76 3.38 -12.57
CA ALA D 152 -17.56 3.46 -14.02
C ALA D 152 -16.11 3.84 -14.32
N ARG D 153 -15.50 4.68 -13.47
CA ARG D 153 -14.09 5.03 -13.68
C ARG D 153 -13.20 3.80 -13.46
N TRP D 154 -13.55 2.97 -12.45
CA TRP D 154 -12.82 1.76 -12.15
C TRP D 154 -12.94 0.77 -13.32
N THR D 155 -14.16 0.63 -13.85
CA THR D 155 -14.44 -0.23 -14.99
C THR D 155 -13.53 0.11 -16.16
N TYR D 156 -13.44 1.42 -16.44
CA TYR D 156 -12.65 1.91 -17.54
C TYR D 156 -11.18 1.55 -17.32
N ALA D 157 -10.66 1.89 -16.15
CA ALA D 157 -9.27 1.66 -15.78
C ALA D 157 -8.90 0.17 -15.89
N VAL D 158 -9.73 -0.73 -15.36
CA VAL D 158 -9.34 -2.14 -15.36
C VAL D 158 -9.50 -2.69 -16.77
N SER D 159 -10.36 -2.09 -17.61
CA SER D 159 -10.49 -2.58 -18.96
C SER D 159 -9.22 -2.25 -19.76
N LYS D 160 -8.62 -1.10 -19.45
CA LYS D 160 -7.37 -0.69 -20.09
C LYS D 160 -6.20 -1.50 -19.52
N LEU D 161 -6.20 -1.78 -18.22
CA LEU D 161 -5.12 -2.56 -17.65
C LEU D 161 -5.05 -3.96 -18.28
N ALA D 162 -6.21 -4.58 -18.49
CA ALA D 162 -6.28 -5.86 -19.21
C ALA D 162 -5.69 -5.77 -20.60
N GLY D 163 -6.01 -4.70 -21.35
CA GLY D 163 -5.42 -4.43 -22.64
C GLY D 163 -3.90 -4.37 -22.57
N GLU D 164 -3.35 -3.74 -21.53
CA GLU D 164 -1.91 -3.67 -21.33
C GLU D 164 -1.30 -5.05 -21.13
N HIS D 165 -1.99 -5.90 -20.35
CA HIS D 165 -1.51 -7.25 -20.07
C HIS D 165 -1.47 -8.06 -21.37
N LEU D 166 -2.52 -7.94 -22.19
CA LEU D 166 -2.62 -8.54 -23.49
C LEU D 166 -1.47 -8.09 -24.38
N THR D 167 -1.18 -6.78 -24.35
CA THR D 167 -0.18 -6.18 -25.22
C THR D 167 1.19 -6.75 -24.85
N HIS D 168 1.48 -6.80 -23.54
CA HIS D 168 2.68 -7.41 -22.99
C HIS D 168 2.83 -8.87 -23.44
N ALA D 169 1.74 -9.65 -23.37
CA ALA D 169 1.80 -11.05 -23.73
C ALA D 169 2.20 -11.22 -25.20
N TYR D 170 1.67 -10.36 -26.07
CA TYR D 170 1.98 -10.44 -27.49
C TYR D 170 3.42 -10.03 -27.74
N ASN D 171 3.91 -9.04 -26.98
CA ASN D 171 5.28 -8.55 -27.08
C ASN D 171 6.26 -9.66 -26.67
N ARG D 172 5.94 -10.33 -25.57
CA ARG D 172 6.88 -11.25 -24.95
C ARG D 172 6.85 -12.55 -25.75
N GLU D 173 5.66 -13.06 -26.03
CA GLU D 173 5.55 -14.34 -26.71
C GLU D 173 6.01 -14.24 -28.16
N HIS D 174 5.44 -13.28 -28.91
CA HIS D 174 5.56 -13.27 -30.36
C HIS D 174 6.55 -12.20 -30.84
N GLY D 175 7.20 -11.48 -29.93
CA GLY D 175 8.00 -10.31 -30.31
C GLY D 175 7.24 -9.25 -31.11
N LEU D 176 5.92 -9.06 -30.89
CA LEU D 176 5.21 -7.95 -31.52
C LEU D 176 5.84 -6.67 -31.00
N PRO D 177 6.27 -5.71 -31.86
CA PRO D 177 6.95 -4.49 -31.39
C PRO D 177 5.99 -3.43 -30.84
N THR D 178 5.67 -3.58 -29.56
CA THR D 178 4.56 -2.83 -29.00
C THR D 178 5.04 -1.59 -28.27
N VAL D 179 4.15 -0.58 -28.23
CA VAL D 179 4.33 0.59 -27.38
C VAL D 179 3.00 0.84 -26.69
N THR D 180 3.06 1.09 -25.40
CA THR D 180 1.89 1.40 -24.62
C THR D 180 1.95 2.89 -24.31
N PHE D 181 0.88 3.59 -24.67
CA PHE D 181 0.82 5.04 -24.60
C PHE D 181 -0.35 5.44 -23.70
N ARG D 182 -0.06 6.10 -22.58
CA ARG D 182 -1.07 6.49 -21.62
C ARG D 182 -1.20 8.01 -21.60
N PRO D 183 -2.13 8.60 -22.39
CA PRO D 183 -2.29 10.05 -22.39
C PRO D 183 -2.96 10.43 -21.10
N PHE D 184 -2.47 11.48 -20.45
CA PHE D 184 -3.31 12.20 -19.49
C PHE D 184 -4.47 12.83 -20.26
N ASN D 185 -5.53 13.23 -19.56
CA ASN D 185 -6.71 13.80 -20.22
C ASN D 185 -6.31 14.90 -21.21
N VAL D 186 -6.75 14.74 -22.46
CA VAL D 186 -6.33 15.64 -23.52
C VAL D 186 -7.40 16.71 -23.69
N TYR D 187 -6.94 17.94 -23.82
CA TYR D 187 -7.79 19.07 -24.14
C TYR D 187 -7.16 19.90 -25.24
N GLY D 188 -8.00 20.69 -25.89
CA GLY D 188 -7.50 21.61 -26.87
C GLY D 188 -8.46 21.79 -28.02
N PRO D 189 -8.04 22.59 -29.01
CA PRO D 189 -8.80 22.80 -30.23
C PRO D 189 -9.11 21.50 -30.95
N GLY D 190 -10.24 21.47 -31.65
CA GLY D 190 -10.51 20.39 -32.59
C GLY D 190 -11.82 19.68 -32.27
N GLN D 191 -12.27 19.76 -31.02
CA GLN D 191 -13.53 19.16 -30.60
C GLN D 191 -14.17 20.09 -29.59
N ILE D 192 -15.49 20.06 -29.44
CA ILE D 192 -16.10 20.79 -28.35
C ILE D 192 -15.70 20.15 -27.02
N GLY D 193 -15.94 18.85 -26.87
CA GLY D 193 -15.59 18.12 -25.66
C GLY D 193 -16.66 18.26 -24.57
N GLU D 194 -16.70 17.29 -23.66
CA GLU D 194 -17.60 17.33 -22.53
C GLU D 194 -16.84 17.34 -21.19
N GLY D 195 -15.51 17.42 -21.21
CA GLY D 195 -14.76 17.42 -19.96
C GLY D 195 -14.82 18.76 -19.22
N ALA D 196 -14.15 18.81 -18.08
CA ALA D 196 -14.28 19.95 -17.18
C ALA D 196 -13.69 21.22 -17.80
N ILE D 197 -12.61 21.10 -18.57
CA ILE D 197 -12.01 22.28 -19.19
C ILE D 197 -13.01 22.89 -20.18
N SER D 198 -13.54 22.09 -21.11
CA SER D 198 -14.46 22.59 -22.09
C SER D 198 -15.67 23.24 -21.41
N ILE D 199 -16.28 22.53 -20.45
CA ILE D 199 -17.50 22.98 -19.83
C ILE D 199 -17.21 24.28 -19.07
N MET D 200 -16.06 24.36 -18.40
CA MET D 200 -15.81 25.54 -17.58
C MET D 200 -15.43 26.73 -18.47
N ILE D 201 -14.69 26.49 -19.54
CA ILE D 201 -14.37 27.55 -20.48
C ILE D 201 -15.64 28.16 -21.08
N ARG D 202 -16.58 27.32 -21.53
CA ARG D 202 -17.82 27.82 -22.11
C ARG D 202 -18.63 28.63 -21.08
N LYS D 203 -18.70 28.18 -19.84
CA LYS D 203 -19.36 28.96 -18.79
C LYS D 203 -18.66 30.29 -18.60
N ALA D 204 -17.33 30.24 -18.43
CA ALA D 204 -16.52 31.41 -18.12
C ALA D 204 -16.63 32.48 -19.22
N LEU D 205 -16.59 32.06 -20.48
CA LEU D 205 -16.73 32.98 -21.59
C LEU D 205 -18.05 33.75 -21.58
N ASN D 206 -19.09 33.18 -20.98
CA ASN D 206 -20.40 33.82 -20.92
C ASN D 206 -20.69 34.34 -19.53
N ASN D 207 -19.68 34.38 -18.62
CA ASN D 207 -19.86 34.81 -17.23
C ASN D 207 -20.92 33.99 -16.50
N GLU D 208 -21.13 32.74 -16.89
CA GLU D 208 -22.09 31.90 -16.21
C GLU D 208 -21.45 31.30 -14.95
N ASP D 209 -22.27 31.04 -13.93
CA ASP D 209 -21.82 30.44 -12.68
C ASP D 209 -21.11 29.11 -13.00
N ILE D 210 -19.97 28.86 -12.33
CA ILE D 210 -19.31 27.56 -12.42
C ILE D 210 -19.51 26.83 -11.11
N TYR D 211 -20.02 25.60 -11.19
CA TYR D 211 -20.28 24.82 -10.01
C TYR D 211 -19.16 23.79 -9.82
N ILE D 212 -18.73 23.67 -8.56
CA ILE D 212 -17.70 22.72 -8.14
C ILE D 212 -18.34 21.58 -7.34
N PHE D 213 -18.31 20.36 -7.90
CA PHE D 213 -19.00 19.22 -7.32
C PHE D 213 -18.11 18.57 -6.27
N GLY D 214 -18.70 18.36 -5.09
CA GLY D 214 -17.98 17.96 -3.90
C GLY D 214 -17.10 19.10 -3.38
N ASP D 215 -15.90 18.75 -2.92
CA ASP D 215 -15.13 19.71 -2.16
C ASP D 215 -14.07 20.34 -3.08
N GLY D 216 -14.03 19.89 -4.33
CA GLY D 216 -13.26 20.57 -5.33
C GLY D 216 -11.77 20.25 -5.27
N SER D 217 -11.40 19.34 -4.36
CA SER D 217 -10.00 19.00 -4.16
C SER D 217 -9.57 17.81 -5.03
N GLN D 218 -10.52 17.22 -5.75
CA GLN D 218 -10.20 16.18 -6.73
C GLN D 218 -9.10 16.69 -7.68
N ILE D 219 -8.12 15.83 -7.93
CA ILE D 219 -7.01 16.18 -8.80
C ILE D 219 -7.28 15.61 -10.19
N ARG D 220 -6.97 16.40 -11.23
CA ARG D 220 -6.98 15.92 -12.61
C ARG D 220 -5.72 16.48 -13.27
N ALA D 221 -5.15 15.66 -14.15
CA ALA D 221 -3.97 16.04 -14.91
C ALA D 221 -4.39 16.20 -16.35
N TRP D 222 -3.84 17.22 -17.02
CA TRP D 222 -4.29 17.59 -18.34
C TRP D 222 -3.06 17.63 -19.27
N CYS D 223 -3.28 17.25 -20.54
CA CYS D 223 -2.26 17.34 -21.59
C CYS D 223 -2.87 18.08 -22.78
N TYR D 224 -2.20 19.16 -23.22
CA TYR D 224 -2.64 19.88 -24.39
C TYR D 224 -2.40 18.98 -25.61
N VAL D 225 -3.36 19.02 -26.54
CA VAL D 225 -3.43 18.15 -27.71
C VAL D 225 -2.11 18.18 -28.51
N ASP D 226 -1.54 19.37 -28.78
CA ASP D 226 -0.33 19.39 -29.59
C ASP D 226 0.80 18.64 -28.91
N ASP D 227 0.86 18.69 -27.57
CA ASP D 227 1.90 18.00 -26.82
C ASP D 227 1.71 16.50 -26.94
N MET D 228 0.47 16.04 -26.80
CA MET D 228 0.17 14.64 -26.92
C MET D 228 0.56 14.12 -28.32
N ILE D 229 0.24 14.88 -29.39
CA ILE D 229 0.58 14.46 -30.73
C ILE D 229 2.09 14.41 -30.89
N ASP D 230 2.83 15.33 -30.26
CA ASP D 230 4.28 15.34 -30.41
CA ASP D 230 4.29 15.34 -30.39
C ASP D 230 4.85 14.04 -29.81
N ALA D 231 4.34 13.68 -28.63
CA ALA D 231 4.74 12.46 -27.92
C ALA D 231 4.42 11.23 -28.78
N LEU D 232 3.22 11.23 -29.39
CA LEU D 232 2.77 10.16 -30.25
C LEU D 232 3.73 9.97 -31.43
N MET D 233 4.09 11.07 -32.12
CA MET D 233 5.00 11.03 -33.26
C MET D 233 6.35 10.42 -32.83
N LYS D 234 6.87 10.83 -31.68
CA LYS D 234 8.11 10.27 -31.14
C LYS D 234 7.95 8.78 -30.76
N ALA D 235 6.81 8.38 -30.16
CA ALA D 235 6.60 7.01 -29.73
C ALA D 235 6.52 6.09 -30.95
N LEU D 236 5.95 6.61 -32.04
CA LEU D 236 5.76 5.85 -33.27
C LEU D 236 7.08 5.66 -34.03
N SER D 237 8.12 6.43 -33.70
CA SER D 237 9.30 6.47 -34.55
C SER D 237 10.54 5.91 -33.84
N VAL D 238 10.76 6.34 -32.62
CA VAL D 238 12.06 6.20 -31.98
C VAL D 238 12.25 4.77 -31.52
N PRO D 239 13.43 4.16 -31.75
CA PRO D 239 13.66 2.74 -31.47
C PRO D 239 13.44 2.31 -30.03
N GLN D 240 13.79 3.18 -29.05
CA GLN D 240 13.78 2.79 -27.66
C GLN D 240 12.36 2.76 -27.08
N ALA D 241 11.37 3.20 -27.86
CA ALA D 241 9.96 3.13 -27.46
C ALA D 241 9.47 1.68 -27.43
N ILE D 242 10.09 0.77 -28.20
CA ILE D 242 9.55 -0.55 -28.38
C ILE D 242 9.69 -1.34 -27.08
N GLY D 243 8.60 -2.01 -26.69
CA GLY D 243 8.56 -2.80 -25.48
C GLY D 243 8.44 -1.93 -24.23
N GLU D 244 8.02 -0.69 -24.40
CA GLU D 244 7.98 0.25 -23.29
C GLU D 244 6.54 0.81 -23.15
N SER D 245 6.27 1.39 -21.98
CA SER D 245 5.05 2.11 -21.68
C SER D 245 5.38 3.51 -21.18
N PHE D 246 4.53 4.48 -21.57
CA PHE D 246 4.76 5.90 -21.40
C PHE D 246 3.52 6.60 -20.87
N ASN D 247 3.78 7.41 -19.83
CA ASN D 247 2.82 8.35 -19.28
C ASN D 247 3.04 9.74 -19.87
N ILE D 248 2.04 10.20 -20.63
CA ILE D 248 2.16 11.34 -21.51
C ILE D 248 1.35 12.50 -20.95
N GLY D 249 2.04 13.45 -20.34
CA GLY D 249 1.36 14.56 -19.70
C GLY D 249 2.25 15.76 -19.50
N ASN D 250 1.72 16.71 -18.75
CA ASN D 250 2.43 17.92 -18.36
C ASN D 250 2.38 18.03 -16.85
N ALA D 251 3.57 17.99 -16.22
CA ALA D 251 3.69 18.01 -14.77
C ALA D 251 3.16 19.31 -14.18
N ARG D 252 3.13 20.38 -14.99
CA ARG D 252 2.66 21.70 -14.56
C ARG D 252 1.15 21.85 -14.70
N ALA D 253 0.48 20.89 -15.35
CA ALA D 253 -0.97 20.95 -15.57
C ALA D 253 -1.69 19.84 -14.81
N ILE D 254 -1.24 19.62 -13.57
CA ILE D 254 -1.89 18.76 -12.62
C ILE D 254 -2.46 19.67 -11.51
N THR D 255 -3.79 19.77 -11.37
CA THR D 255 -4.33 20.72 -10.40
C THR D 255 -5.65 20.18 -9.83
N THR D 256 -6.20 20.85 -8.83
CA THR D 256 -7.53 20.48 -8.35
C THR D 256 -8.58 21.12 -9.25
N ILE D 257 -9.80 20.60 -9.19
CA ILE D 257 -10.86 21.14 -10.01
C ILE D 257 -11.19 22.58 -9.62
N TYR D 258 -11.16 22.91 -8.33
CA TYR D 258 -11.36 24.29 -7.93
C TYR D 258 -10.23 25.17 -8.48
N GLY D 259 -8.98 24.73 -8.32
CA GLY D 259 -7.87 25.50 -8.84
C GLY D 259 -7.93 25.71 -10.36
N LEU D 260 -8.35 24.65 -11.08
CA LEU D 260 -8.62 24.78 -12.51
C LEU D 260 -9.68 25.85 -12.81
N ALA D 261 -10.83 25.82 -12.15
CA ALA D 261 -11.85 26.87 -12.31
C ALA D 261 -11.27 28.29 -12.17
N GLN D 262 -10.49 28.49 -11.10
CA GLN D 262 -9.92 29.77 -10.74
C GLN D 262 -8.96 30.20 -11.85
N THR D 263 -8.21 29.23 -12.38
CA THR D 263 -7.24 29.48 -13.43
C THR D 263 -7.98 29.94 -14.71
N ILE D 264 -9.02 29.18 -15.07
CA ILE D 264 -9.81 29.47 -16.25
C ILE D 264 -10.40 30.87 -16.16
N CYS D 265 -10.98 31.22 -14.99
CA CYS D 265 -11.65 32.50 -14.90
C CYS D 265 -10.64 33.65 -14.95
N ARG D 266 -9.50 33.46 -14.28
CA ARG D 266 -8.46 34.48 -14.27
C ARG D 266 -7.88 34.63 -15.69
N VAL D 267 -7.60 33.54 -16.38
CA VAL D 267 -6.93 33.60 -17.67
C VAL D 267 -7.82 34.25 -18.71
N LEU D 268 -9.13 33.96 -18.62
CA LEU D 268 -10.11 34.39 -19.61
C LEU D 268 -10.79 35.70 -19.20
N ASN D 269 -10.38 36.30 -18.07
CA ASN D 269 -10.90 37.56 -17.59
C ASN D 269 -12.42 37.48 -17.45
N SER D 270 -12.91 36.39 -16.85
CA SER D 270 -14.33 36.16 -16.64
C SER D 270 -14.77 36.75 -15.31
N LYS D 271 -16.08 37.02 -15.19
CA LYS D 271 -16.72 37.43 -13.96
C LYS D 271 -17.57 36.29 -13.36
N SER D 272 -17.50 35.10 -13.95
CA SER D 272 -18.16 33.93 -13.39
C SER D 272 -17.90 33.76 -11.88
N GLU D 273 -18.97 33.46 -11.14
CA GLU D 273 -18.89 33.03 -9.77
C GLU D 273 -18.51 31.55 -9.79
N ILE D 274 -17.79 31.12 -8.74
CA ILE D 274 -17.43 29.72 -8.55
C ILE D 274 -18.03 29.25 -7.24
N ILE D 275 -18.94 28.28 -7.31
CA ILE D 275 -19.83 27.94 -6.21
C ILE D 275 -19.74 26.43 -6.00
N PHE D 276 -19.63 26.03 -4.72
CA PHE D 276 -19.59 24.64 -4.32
C PHE D 276 -21.00 24.08 -4.29
N ARG D 277 -21.13 22.85 -4.78
CA ARG D 277 -22.35 22.06 -4.66
C ARG D 277 -21.98 20.60 -4.34
N GLU D 278 -22.92 19.90 -3.71
CA GLU D 278 -22.74 18.49 -3.39
C GLU D 278 -22.54 17.73 -4.68
N ALA D 279 -21.68 16.70 -4.61
CA ALA D 279 -21.37 15.91 -5.79
C ALA D 279 -22.60 15.09 -6.14
N LEU D 280 -22.74 14.79 -7.42
CA LEU D 280 -23.86 14.02 -7.94
C LEU D 280 -23.65 12.56 -7.57
N SER D 281 -22.38 12.17 -7.44
CA SER D 281 -22.02 10.79 -7.24
C SER D 281 -20.65 10.69 -6.57
N ALA D 282 -20.43 9.67 -5.71
CA ALA D 282 -19.11 9.45 -5.13
C ALA D 282 -18.13 8.97 -6.19
N ASP D 283 -16.89 9.44 -6.10
CA ASP D 283 -15.87 9.07 -7.07
C ASP D 283 -14.73 8.32 -6.37
N ILE D 284 -13.78 7.76 -7.14
CA ILE D 284 -12.60 7.14 -6.54
C ILE D 284 -11.39 8.02 -6.81
N GLU D 285 -10.32 7.76 -6.07
CA GLU D 285 -9.12 8.57 -6.16
C GLU D 285 -8.02 7.71 -6.78
N LEU D 286 -7.45 8.22 -7.87
CA LEU D 286 -6.47 7.48 -8.64
C LEU D 286 -5.22 8.33 -8.80
N ARG D 287 -4.06 7.77 -8.44
CA ARG D 287 -2.79 8.49 -8.44
C ARG D 287 -2.38 8.86 -9.88
N ILE D 288 -1.72 10.01 -10.02
CA ILE D 288 -1.17 10.39 -11.31
C ILE D 288 0.26 9.91 -11.35
N PRO D 289 0.62 9.07 -12.35
CA PRO D 289 1.95 8.49 -12.39
C PRO D 289 2.96 9.55 -12.82
N ASN D 290 4.23 9.18 -12.65
CA ASN D 290 5.35 10.03 -12.97
C ASN D 290 5.58 10.01 -14.48
N VAL D 291 6.07 11.11 -15.06
CA VAL D 291 6.26 11.19 -16.51
C VAL D 291 7.76 11.24 -16.91
N ASP D 292 8.69 10.97 -15.99
CA ASP D 292 10.11 11.20 -16.25
C ASP D 292 10.68 10.30 -17.34
N LYS D 293 10.24 9.04 -17.40
CA LYS D 293 10.71 8.07 -18.38
C LYS D 293 10.39 8.51 -19.81
N SER D 294 9.19 9.05 -20.02
CA SER D 294 8.82 9.61 -21.30
C SER D 294 9.81 10.65 -21.76
N GLU D 295 10.24 11.53 -20.87
CA GLU D 295 11.23 12.50 -21.26
C GLU D 295 12.52 11.78 -21.58
N GLU D 296 12.96 10.92 -20.66
CA GLU D 296 14.30 10.38 -20.79
C GLU D 296 14.39 9.55 -22.08
N LEU D 297 13.41 8.66 -22.31
CA LEU D 297 13.49 7.74 -23.42
C LEU D 297 12.98 8.31 -24.74
N LEU D 298 11.84 9.03 -24.75
CA LEU D 298 11.30 9.57 -26.02
C LEU D 298 11.93 10.91 -26.38
N GLY D 299 12.53 11.60 -25.41
CA GLY D 299 12.90 12.99 -25.54
C GLY D 299 11.69 13.91 -25.62
N PHE D 300 10.61 13.55 -24.92
CA PHE D 300 9.40 14.35 -24.88
C PHE D 300 9.31 15.14 -23.58
N LYS D 301 8.98 16.42 -23.69
CA LYS D 301 8.53 17.20 -22.54
C LYS D 301 7.48 18.20 -23.03
N ALA D 302 6.29 18.15 -22.41
CA ALA D 302 5.17 18.99 -22.79
C ALA D 302 5.56 20.45 -22.67
N GLN D 303 5.18 21.25 -23.68
CA GLN D 303 5.61 22.65 -23.74
C GLN D 303 4.43 23.61 -23.59
N VAL D 304 3.19 23.14 -23.70
CA VAL D 304 2.07 24.03 -23.52
C VAL D 304 1.48 23.89 -22.10
N ASP D 305 1.70 24.93 -21.29
CA ASP D 305 1.18 25.00 -19.93
C ASP D 305 -0.28 25.43 -19.92
N LEU D 306 -0.94 25.38 -18.77
CA LEU D 306 -2.39 25.62 -18.75
C LEU D 306 -2.80 27.01 -19.26
N GLU D 307 -2.11 28.09 -18.89
CA GLU D 307 -2.58 29.42 -19.26
C GLU D 307 -2.69 29.54 -20.78
N GLU D 308 -1.59 29.19 -21.45
CA GLU D 308 -1.53 29.20 -22.90
C GLU D 308 -2.54 28.22 -23.49
N GLY D 309 -2.67 27.02 -22.92
CA GLY D 309 -3.53 26.01 -23.48
C GLY D 309 -5.00 26.42 -23.40
N LEU D 310 -5.36 27.06 -22.28
CA LEU D 310 -6.72 27.43 -22.04
C LEU D 310 -7.09 28.55 -23.03
N ILE D 311 -6.14 29.44 -23.35
CA ILE D 311 -6.42 30.52 -24.28
C ILE D 311 -6.64 29.95 -25.68
N ARG D 312 -5.75 29.05 -26.12
CA ARG D 312 -5.89 28.41 -27.41
C ARG D 312 -7.22 27.66 -27.52
N THR D 313 -7.60 26.99 -26.44
CA THR D 313 -8.84 26.23 -26.45
C THR D 313 -10.03 27.19 -26.55
N ALA D 314 -10.06 28.22 -25.69
CA ALA D 314 -11.15 29.16 -25.66
C ALA D 314 -11.30 29.85 -27.02
N ASP D 315 -10.19 30.19 -27.68
CA ASP D 315 -10.28 30.83 -28.98
C ASP D 315 -10.94 29.89 -29.99
N TRP D 316 -10.58 28.59 -29.95
CA TRP D 316 -11.15 27.64 -30.89
C TRP D 316 -12.64 27.49 -30.62
N LEU D 317 -13.00 27.42 -29.34
CA LEU D 317 -14.39 27.27 -28.99
C LEU D 317 -15.21 28.49 -29.41
N SER D 318 -14.65 29.72 -29.28
CA SER D 318 -15.38 30.92 -29.62
CA SER D 318 -15.36 30.93 -29.62
C SER D 318 -15.57 31.02 -31.13
N ALA D 319 -14.54 30.66 -31.90
CA ALA D 319 -14.58 30.68 -33.36
C ALA D 319 -15.50 29.59 -33.93
N ASN D 320 -15.74 28.52 -33.17
CA ASN D 320 -16.55 27.41 -33.63
C ASN D 320 -17.91 27.41 -32.93
N MET D 321 -18.33 28.56 -32.37
CA MET D 321 -19.64 28.69 -31.77
C MET D 321 -19.89 30.14 -31.33
PA NAD E . -8.67 -28.29 -15.59
O1A NAD E . -7.53 -27.77 -16.41
O2A NAD E . -8.63 -29.69 -15.04
O5B NAD E . -10.04 -28.00 -16.35
C5B NAD E . -10.09 -26.98 -17.38
C4B NAD E . -10.89 -27.58 -18.50
O4B NAD E . -11.15 -26.58 -19.52
C3B NAD E . -10.22 -28.78 -19.21
O3B NAD E . -11.10 -29.90 -19.21
C2B NAD E . -9.91 -28.24 -20.62
O2B NAD E . -10.06 -29.18 -21.68
C1B NAD E . -10.98 -27.17 -20.79
N9A NAD E . -10.61 -26.10 -21.71
C8A NAD E . -9.38 -25.49 -21.79
N7A NAD E . -9.33 -24.56 -22.71
C5A NAD E . -10.60 -24.56 -23.27
C6A NAD E . -11.21 -23.77 -24.27
N6A NAD E . -10.59 -22.82 -24.96
N1A NAD E . -12.51 -24.00 -24.54
C2A NAD E . -13.15 -24.96 -23.85
N3A NAD E . -12.68 -25.75 -22.88
C4A NAD E . -11.39 -25.50 -22.65
O3 NAD E . -8.84 -27.40 -14.28
PN NAD E . -9.50 -27.67 -12.86
O1N NAD E . -8.45 -28.03 -11.91
O2N NAD E . -10.70 -28.54 -13.03
O5D NAD E . -10.03 -26.18 -12.48
C5D NAD E . -11.36 -25.79 -12.88
C4D NAD E . -11.50 -24.29 -12.74
O4D NAD E . -11.09 -23.89 -11.42
C3D NAD E . -10.63 -23.49 -13.72
O3D NAD E . -11.31 -22.33 -14.16
C2D NAD E . -9.36 -23.20 -12.90
O2D NAD E . -8.73 -22.02 -13.37
C1D NAD E . -9.97 -23.01 -11.51
N1N NAD E . -9.06 -23.28 -10.39
C2N NAD E . -8.67 -24.57 -10.09
C3N NAD E . -7.83 -24.80 -9.01
C7N NAD E . -7.37 -26.18 -8.59
O7N NAD E . -6.72 -26.28 -7.55
N7N NAD E . -7.68 -27.20 -9.37
C4N NAD E . -7.37 -23.74 -8.23
C5N NAD E . -7.76 -22.45 -8.58
C6N NAD E . -8.58 -22.23 -9.65
N1 UDP F . 8.39 -27.03 -4.91
C2 UDP F . 9.56 -27.43 -4.26
N3 UDP F . 9.61 -28.77 -3.97
C4 UDP F . 8.65 -29.74 -4.23
C5 UDP F . 7.48 -29.24 -4.91
C6 UDP F . 7.40 -27.94 -5.24
O2 UDP F . 10.44 -26.63 -3.96
O4 UDP F . 8.86 -30.90 -3.89
C1' UDP F . 8.36 -25.57 -5.24
C2' UDP F . 9.17 -25.25 -6.49
O2' UDP F . 9.77 -23.98 -6.32
C3' UDP F . 8.10 -25.24 -7.57
C4' UDP F . 6.94 -24.58 -6.82
O4' UDP F . 7.05 -25.11 -5.47
O3' UDP F . 8.51 -24.51 -8.72
C5' UDP F . 5.58 -24.90 -7.35
O5' UDP F . 5.34 -26.31 -7.07
PA UDP F . 3.96 -27.06 -7.40
O1A UDP F . 4.29 -28.47 -7.79
O2A UDP F . 2.98 -26.82 -6.30
O3A UDP F . 3.50 -26.26 -8.72
PB UDP F . 2.08 -25.78 -9.35
O1B UDP F . 1.03 -26.72 -8.78
O2B UDP F . 1.92 -24.35 -8.86
O3B UDP F . 2.21 -25.85 -10.85
PA NAD G . 17.26 -8.92 26.97
O1A NAD G . 16.00 -8.53 27.65
O2A NAD G . 17.93 -10.22 27.27
O5B NAD G . 18.35 -7.78 27.14
C5B NAD G . 17.99 -6.38 27.34
C4B NAD G . 18.68 -5.86 28.57
O4B NAD G . 18.30 -4.47 28.79
C3B NAD G . 18.41 -6.60 29.89
O3B NAD G . 19.65 -7.11 30.38
C2B NAD G . 17.78 -5.52 30.81
O2B NAD G . 18.18 -5.61 32.16
C1B NAD G . 18.30 -4.22 30.16
N9A NAD G . 17.47 -3.05 30.40
C8A NAD G . 16.10 -2.96 30.33
N7A NAD G . 15.64 -1.77 30.60
C5A NAD G . 16.78 -1.00 30.82
C6A NAD G . 16.96 0.36 31.16
N6A NAD G . 15.95 1.23 31.29
N1A NAD G . 18.23 0.79 31.34
C2A NAD G . 19.24 -0.07 31.19
N3A NAD G . 19.19 -1.38 30.88
C4A NAD G . 17.92 -1.78 30.72
O3 NAD G . 17.03 -8.87 25.40
PN NAD G . 17.93 -9.44 24.21
O1N NAD G . 17.13 -10.58 23.70
O2N NAD G . 19.35 -9.53 24.68
O5D NAD G . 17.84 -8.26 23.16
C5D NAD G . 18.84 -7.25 23.02
C4D NAD G . 18.33 -6.20 22.05
O4D NAD G . 17.97 -6.82 20.79
C3D NAD G . 17.06 -5.46 22.49
O3D NAD G . 17.05 -4.12 22.02
C2D NAD G . 15.94 -6.27 21.84
O2D NAD G . 14.74 -5.53 21.66
C1D NAD G . 16.60 -6.58 20.50
N1N NAD G . 15.98 -7.73 19.82
C2N NAD G . 16.14 -9.02 20.30
C3N NAD G . 15.50 -10.08 19.68
C7N NAD G . 15.67 -11.49 20.17
O7N NAD G . 15.05 -12.41 19.59
N7N NAD G . 16.44 -11.73 21.22
C4N NAD G . 14.64 -9.85 18.60
C5N NAD G . 14.46 -8.56 18.15
C6N NAD G . 15.11 -7.50 18.77
N1 UDP H . 2.17 -20.48 19.98
C2 UDP H . 1.36 -21.60 19.89
N3 UDP H . 1.73 -22.65 20.71
C4 UDP H . 2.76 -22.65 21.63
C5 UDP H . 3.54 -21.44 21.68
C6 UDP H . 3.23 -20.43 20.86
O2 UDP H . 0.43 -21.70 19.11
O4 UDP H . 2.96 -23.65 22.32
C1' UDP H . 1.85 -19.33 19.09
C2' UDP H . 1.61 -18.03 19.86
O2' UDP H . 0.26 -17.98 20.26
C3' UDP H . 1.96 -17.00 18.78
C4' UDP H . 3.16 -17.66 18.08
O4' UDP H . 2.98 -19.09 18.27
O3' UDP H . 0.87 -16.85 17.89
C5' UDP H . 4.52 -17.23 18.57
O5' UDP H . 4.50 -17.23 20.01
PA UDP H . 5.80 -16.86 20.87
O1A UDP H . 5.60 -17.31 22.28
O2A UDP H . 7.04 -17.25 20.14
O3A UDP H . 5.74 -15.25 20.98
PB UDP H . 5.35 -14.03 20.00
O1B UDP H . 5.72 -12.80 20.82
O2B UDP H . 6.14 -14.20 18.73
O3B UDP H . 3.90 -14.08 19.72
PA NAD I . 4.53 28.44 17.00
O1A NAD I . 5.89 28.20 16.49
O2A NAD I . 3.89 29.76 16.81
O5B NAD I . 4.45 28.16 18.58
C5B NAD I . 5.24 27.14 19.21
C4B NAD I . 5.87 27.74 20.43
O4B NAD I . 6.69 26.74 21.08
C3B NAD I . 6.77 28.96 20.21
O3B NAD I . 6.19 30.01 20.96
C2B NAD I . 8.15 28.52 20.74
O2B NAD I . 8.74 29.56 21.46
C1B NAD I . 7.77 27.39 21.67
N9A NAD I . 8.82 26.40 21.87
C8A NAD I . 9.62 25.85 20.90
N7A NAD I . 10.46 24.97 21.37
C5A NAD I . 10.19 24.93 22.73
C6A NAD I . 10.82 24.27 23.80
N6A NAD I . 11.81 23.41 23.64
N1A NAD I . 10.40 24.54 25.06
C2A NAD I . 9.38 25.39 25.21
N3A NAD I . 8.76 26.14 24.28
C4A NAD I . 9.21 25.84 23.05
O3 NAD I . 3.62 27.25 16.44
PN NAD I . 2.02 27.30 16.27
O1N NAD I . 1.37 28.14 17.29
O2N NAD I . 1.82 27.69 14.85
O5D NAD I . 1.63 25.77 16.41
C5D NAD I . 1.25 25.21 17.69
C4D NAD I . 1.39 23.73 17.57
O4D NAD I . 0.60 23.25 16.46
C3D NAD I . 2.81 23.17 17.35
O3D NAD I . 2.88 21.90 17.99
C2D NAD I . 2.84 23.01 15.83
O2D NAD I . 3.73 22.02 15.36
C1D NAD I . 1.40 22.52 15.59
N1N NAD I . 0.94 22.80 14.23
C2N NAD I . 0.64 24.08 13.84
C3N NAD I . 0.23 24.32 12.52
C7N NAD I . -0.11 25.68 11.99
O7N NAD I . -0.56 25.77 10.85
N7N NAD I . 0.16 26.77 12.71
C4N NAD I . 0.18 23.27 11.63
C5N NAD I . 0.50 22.00 12.03
C6N NAD I . 0.90 21.77 13.32
N1 UDP J . 5.94 28.23 -2.84
C2 UDP J . 6.07 28.71 -4.12
N3 UDP J . 5.97 30.06 -4.23
C4 UDP J . 5.81 30.98 -3.19
C5 UDP J . 5.74 30.40 -1.89
C6 UDP J . 5.78 29.07 -1.76
O2 UDP J . 6.23 27.99 -5.11
O4 UDP J . 5.77 32.17 -3.46
C1' UDP J . 5.96 26.77 -2.66
C2' UDP J . 7.10 26.26 -1.77
O2' UDP J . 8.27 26.03 -2.52
C3' UDP J . 6.52 24.94 -1.29
C4' UDP J . 5.03 25.29 -1.09
O4' UDP J . 4.77 26.40 -2.00
O3' UDP J . 6.69 23.92 -2.29
C5' UDP J . 4.61 25.68 0.31
O5' UDP J . 5.60 26.58 0.84
PA UDP J . 5.41 27.25 2.28
O1A UDP J . 6.34 28.41 2.35
O2A UDP J . 3.96 27.40 2.59
O3A UDP J . 6.04 26.11 3.24
PB UDP J . 6.08 24.51 3.30
O1B UDP J . 6.81 24.28 4.60
O2B UDP J . 4.58 24.07 3.38
O3B UDP J . 6.75 23.97 2.05
PA NAD K . -12.44 8.94 -29.36
O1A NAD K . -13.66 8.35 -28.69
O2A NAD K . -12.60 10.30 -29.98
O5B NAD K . -11.99 7.92 -30.52
C5B NAD K . -12.08 6.48 -30.40
C4B NAD K . -12.72 5.96 -31.68
O4B NAD K . -13.00 4.55 -31.50
C3B NAD K . -14.03 6.65 -32.09
O3B NAD K . -13.93 7.30 -33.34
C2B NAD K . -15.05 5.50 -32.08
O2B NAD K . -16.03 5.56 -33.11
C1B NAD K . -14.16 4.28 -32.25
N9A NAD K . -14.68 3.05 -31.69
C8A NAD K . -15.28 2.87 -30.46
N7A NAD K . -15.69 1.63 -30.25
C5A NAD K . -15.36 0.97 -31.42
C6A NAD K . -15.47 -0.38 -31.80
N6A NAD K . -16.06 -1.30 -31.04
N1A NAD K . -15.04 -0.71 -33.05
C2A NAD K . -14.43 0.23 -33.79
N3A NAD K . -14.25 1.52 -33.53
C4A NAD K . -14.74 1.82 -32.31
O3 NAD K . -11.29 8.95 -28.29
PN NAD K . -9.85 9.64 -28.31
O1N NAD K . -9.45 9.81 -29.73
O2N NAD K . -9.93 10.79 -27.38
O5D NAD K . -8.92 8.56 -27.61
C5D NAD K . -8.21 7.56 -28.40
C4D NAD K . -7.60 6.55 -27.48
O4D NAD K . -6.87 7.19 -26.39
C3D NAD K . -8.63 5.63 -26.78
O3D NAD K . -8.10 4.33 -26.51
C2D NAD K . -8.86 6.34 -25.45
O2D NAD K . -9.24 5.42 -24.43
C1D NAD K . -7.43 6.80 -25.15
N1N NAD K . -7.37 7.91 -24.18
C2N NAD K . -7.84 9.16 -24.53
C3N NAD K . -7.82 10.18 -23.59
C7N NAD K . -8.29 11.56 -23.96
O7N NAD K . -8.21 12.44 -23.08
N7N NAD K . -8.71 11.82 -25.18
C4N NAD K . -7.33 9.93 -22.32
C5N NAD K . -6.87 8.68 -21.97
C6N NAD K . -6.87 7.67 -22.92
N1 UDP L . -16.61 19.07 -12.37
C2 UDP L . -17.01 20.14 -11.57
N3 UDP L . -17.70 21.14 -12.24
C4 UDP L . -17.96 21.19 -13.60
C5 UDP L . -17.46 20.08 -14.36
C6 UDP L . -16.83 19.07 -13.73
O2 UDP L . -16.83 20.18 -10.36
O4 UDP L . -18.59 22.15 -14.07
C1' UDP L . -15.83 17.99 -11.72
C2' UDP L . -16.43 16.60 -11.97
O2' UDP L . -17.47 16.35 -11.04
C3' UDP L . -15.17 15.74 -11.74
C4' UDP L . -14.05 16.60 -12.35
O4' UDP L . -14.54 17.99 -12.31
O3' UDP L . -14.99 15.51 -10.35
C5' UDP L . -13.64 16.27 -13.77
O5' UDP L . -14.83 16.24 -14.61
PA UDP L . -14.81 15.74 -16.14
O1A UDP L . -13.57 16.24 -16.85
O2A UDP L . -16.14 16.13 -16.68
O3A UDP L . -14.68 14.15 -16.12
PB UDP L . -14.02 12.96 -15.25
O1B UDP L . -14.67 13.06 -13.90
O2B UDP L . -14.39 11.72 -15.98
O3B UDP L . -12.52 13.21 -15.26
NA NA M . -21.79 -1.00 -31.31
O1 MES N . -25.60 4.58 -38.38
C2 MES N . -24.41 3.94 -38.86
C3 MES N . -23.19 4.75 -38.49
N4 MES N . -23.29 6.15 -38.99
C5 MES N . -24.60 6.77 -38.57
C6 MES N . -25.74 5.86 -38.96
C7 MES N . -22.08 6.95 -38.60
C8 MES N . -22.28 8.41 -38.22
S MES N . -21.25 9.53 -39.15
O1S MES N . -19.99 9.63 -38.46
O2S MES N . -21.12 8.97 -40.47
O3S MES N . -21.97 10.78 -39.16
#